data_2ODF
#
_entry.id   2ODF
#
_cell.length_a   110.523
_cell.length_b   89.765
_cell.length_c   120.365
_cell.angle_alpha   90.00
_cell.angle_beta   91.35
_cell.angle_gamma   90.00
#
_symmetry.space_group_name_H-M   'P 1 21 1'
#
loop_
_entity.id
_entity.type
_entity.pdbx_description
1 polymer 'Hypothetical protein Atu2144'
2 non-polymer 'SULFATE ION'
3 water water
#
_entity_poly.entity_id   1
_entity_poly.type   'polypeptide(L)'
_entity_poly.pdbx_seq_one_letter_code
;MTVRSRFFTEAEGKAVGVENAAAKGDVLLVCEHASATIPQKYGTLGLSADVLSSHAAWDPGALAVARLLSEKFHATLVYQ
RFSRLVYDCNRPPESPSAMPVKSEIYDIPGNFDLDEAERFARTSALYVPFHDRVSEIIAERQAAGRKVVVVTIHSFTPVY
HGRFREVEIGILHDNDSRLADAMLAGAEGASLTVRRNDPYGPEDGVTHTLRLHALPDGLLNVMIEIRNDLIANEGEQAAI
AGFLHELMGKALSSIEE
;
_entity_poly.pdbx_strand_id   A,B,C,D,E,F,G,H
#
# COMPACT_ATOMS: atom_id res chain seq x y z
N ARG A 6 -47.64 2.55 3.73
CA ARG A 6 -47.56 3.41 2.51
C ARG A 6 -48.48 4.63 2.65
N PHE A 7 -48.93 5.15 1.51
CA PHE A 7 -49.67 6.39 1.49
C PHE A 7 -51.12 6.18 1.94
N PHE A 8 -51.75 5.14 1.41
CA PHE A 8 -53.16 4.83 1.68
C PHE A 8 -53.32 3.52 2.44
N THR A 9 -54.30 3.47 3.32
CA THR A 9 -54.74 2.19 3.88
C THR A 9 -55.49 1.43 2.77
N GLU A 10 -55.62 0.11 2.94
CA GLU A 10 -56.48 -0.69 2.05
C GLU A 10 -57.89 -0.13 1.97
N ALA A 11 -58.53 0.10 3.12
CA ALA A 11 -59.92 0.56 3.16
C ALA A 11 -60.13 1.93 2.49
N GLU A 12 -59.09 2.76 2.46
CA GLU A 12 -59.19 4.10 1.88
C GLU A 12 -59.35 4.11 0.39
N GLY A 13 -58.92 3.03 -0.24
CA GLY A 13 -59.01 2.89 -1.69
C GLY A 13 -57.99 3.71 -2.43
N LYS A 14 -58.40 4.18 -3.61
CA LYS A 14 -57.52 4.78 -4.57
C LYS A 14 -57.71 6.31 -4.69
N ALA A 15 -56.65 7.02 -5.09
CA ALA A 15 -56.69 8.47 -5.25
C ALA A 15 -57.81 8.96 -6.18
N VAL A 16 -58.02 8.24 -7.27
CA VAL A 16 -58.85 8.74 -8.39
C VAL A 16 -60.12 7.91 -8.49
N GLY A 17 -61.27 8.61 -8.54
CA GLY A 17 -62.56 7.99 -8.83
C GLY A 17 -62.98 8.26 -10.25
N VAL A 18 -63.60 7.28 -10.89
CA VAL A 18 -64.15 7.50 -12.23
C VAL A 18 -65.53 6.89 -12.23
N GLU A 19 -66.51 7.66 -12.67
CA GLU A 19 -67.86 7.23 -12.79
C GLU A 19 -68.36 7.40 -14.21
N ASN A 20 -69.19 6.48 -14.65
CA ASN A 20 -69.68 6.51 -16.01
C ASN A 20 -68.51 6.44 -17.00
N ALA A 21 -67.53 5.59 -16.71
CA ALA A 21 -66.33 5.43 -17.54
C ALA A 21 -66.68 5.17 -19.01
N ALA A 22 -67.70 4.35 -19.23
CA ALA A 22 -68.12 4.03 -20.58
C ALA A 22 -69.28 4.91 -21.08
N ALA A 23 -69.41 6.14 -20.62
CA ALA A 23 -70.45 7.04 -21.14
C ALA A 23 -70.25 7.36 -22.64
N LYS A 24 -71.35 7.58 -23.32
CA LYS A 24 -71.36 7.94 -24.74
C LYS A 24 -71.23 9.44 -24.96
N GLY A 25 -71.40 10.23 -23.91
CA GLY A 25 -71.43 11.69 -24.02
C GLY A 25 -70.10 12.34 -24.37
N ASP A 26 -70.15 13.46 -25.09
CA ASP A 26 -68.96 14.22 -25.47
C ASP A 26 -68.31 14.95 -24.26
N VAL A 27 -69.10 15.29 -23.25
CA VAL A 27 -68.57 16.02 -22.10
C VAL A 27 -67.77 15.10 -21.14
N LEU A 28 -66.58 15.56 -20.73
CA LEU A 28 -65.76 14.89 -19.72
C LEU A 28 -65.71 15.79 -18.51
N LEU A 29 -66.38 15.35 -17.45
CA LEU A 29 -66.49 16.11 -16.23
C LEU A 29 -65.31 15.78 -15.32
N VAL A 30 -64.75 16.84 -14.72
CA VAL A 30 -63.57 16.75 -13.83
C VAL A 30 -63.84 17.55 -12.54
N CYS A 31 -63.59 16.92 -11.40
CA CYS A 31 -63.84 17.54 -10.11
C CYS A 31 -62.65 17.31 -9.17
N GLU A 32 -61.71 18.25 -9.19
CA GLU A 32 -60.49 18.17 -8.40
C GLU A 32 -60.74 18.32 -6.87
N HIS A 33 -61.77 19.09 -6.51
CA HIS A 33 -62.05 19.38 -5.09
C HIS A 33 -63.26 18.65 -4.57
N ALA A 34 -63.44 17.43 -5.06
CA ALA A 34 -64.63 16.61 -4.86
C ALA A 34 -64.78 16.13 -3.42
N SER A 35 -63.66 15.89 -2.75
CA SER A 35 -63.67 15.14 -1.48
C SER A 35 -62.83 15.75 -0.39
N ALA A 36 -63.38 15.74 0.82
CA ALA A 36 -62.75 16.32 2.00
C ALA A 36 -61.92 15.29 2.78
N THR A 37 -61.88 14.05 2.30
CA THR A 37 -61.20 12.96 2.99
C THR A 37 -59.68 13.22 3.16
N ILE A 38 -59.21 13.06 4.38
CA ILE A 38 -57.78 13.15 4.71
C ILE A 38 -57.31 11.71 4.87
N PRO A 39 -56.26 11.31 4.13
CA PRO A 39 -55.71 9.98 4.34
C PRO A 39 -55.32 9.78 5.80
N GLN A 40 -55.54 8.57 6.30
CA GLN A 40 -55.34 8.22 7.70
C GLN A 40 -53.97 8.67 8.17
N LYS A 41 -52.94 8.49 7.34
CA LYS A 41 -51.58 8.81 7.76
C LYS A 41 -51.42 10.26 8.25
N TYR A 42 -52.28 11.17 7.78
CA TYR A 42 -52.15 12.59 8.11
C TYR A 42 -52.90 13.02 9.35
N GLY A 43 -53.75 12.15 9.89
CA GLY A 43 -54.58 12.53 11.01
C GLY A 43 -55.43 13.74 10.70
N THR A 44 -55.38 14.75 11.55
CA THR A 44 -56.13 16.00 11.39
C THR A 44 -55.39 17.10 10.59
N LEU A 45 -54.16 16.82 10.15
CA LEU A 45 -53.24 17.87 9.67
C LEU A 45 -53.03 19.02 10.66
N GLY A 46 -53.34 18.75 11.94
CA GLY A 46 -53.27 19.77 12.97
C GLY A 46 -54.42 20.76 12.96
N LEU A 47 -55.52 20.41 12.29
CA LEU A 47 -56.70 21.29 12.15
C LEU A 47 -57.86 20.86 13.04
N SER A 48 -58.72 21.83 13.34
CA SER A 48 -59.91 21.60 14.13
C SER A 48 -60.97 20.85 13.33
N ALA A 49 -61.86 20.14 14.04
CA ALA A 49 -62.97 19.44 13.41
C ALA A 49 -63.81 20.37 12.51
N ASP A 50 -64.06 21.60 12.97
CA ASP A 50 -64.76 22.61 12.16
C ASP A 50 -64.06 22.96 10.85
N VAL A 51 -62.75 23.16 10.88
CA VAL A 51 -62.03 23.52 9.66
C VAL A 51 -62.04 22.31 8.73
N LEU A 52 -61.94 21.11 9.30
CA LEU A 52 -61.88 19.89 8.50
C LEU A 52 -63.20 19.58 7.79
N SER A 53 -64.29 20.09 8.35
CA SER A 53 -65.64 19.90 7.78
C SER A 53 -66.06 21.12 6.96
N SER A 54 -65.13 22.04 6.76
CA SER A 54 -65.44 23.29 6.07
C SER A 54 -64.98 23.22 4.63
N HIS A 55 -65.21 24.33 3.91
CA HIS A 55 -64.72 24.52 2.56
C HIS A 55 -63.20 24.57 2.40
N ALA A 56 -62.42 24.63 3.52
CA ALA A 56 -60.95 24.48 3.43
C ALA A 56 -60.56 23.13 2.81
N ALA A 57 -61.34 22.10 3.14
CA ALA A 57 -61.03 20.71 2.79
C ALA A 57 -61.59 20.24 1.46
N TRP A 58 -62.58 20.92 0.91
CA TRP A 58 -63.25 20.50 -0.31
C TRP A 58 -64.13 21.62 -0.87
N ASP A 59 -64.69 21.40 -2.05
CA ASP A 59 -65.73 22.26 -2.63
C ASP A 59 -67.06 21.60 -2.30
N PRO A 60 -67.73 22.06 -1.24
CA PRO A 60 -69.03 21.46 -0.91
C PRO A 60 -70.03 21.61 -2.04
N GLY A 61 -70.72 20.53 -2.35
CA GLY A 61 -71.74 20.53 -3.39
C GLY A 61 -71.21 20.14 -4.76
N ALA A 62 -69.90 20.32 -5.00
CA ALA A 62 -69.35 20.23 -6.36
C ALA A 62 -69.43 18.81 -6.95
N LEU A 63 -69.02 17.80 -6.19
CA LEU A 63 -69.11 16.41 -6.65
C LEU A 63 -70.59 16.01 -6.85
N ALA A 64 -71.46 16.54 -5.99
CA ALA A 64 -72.87 16.17 -6.01
C ALA A 64 -73.48 16.68 -7.30
N VAL A 65 -73.18 17.95 -7.62
CA VAL A 65 -73.59 18.57 -8.87
C VAL A 65 -72.96 17.85 -10.06
N ALA A 66 -71.67 17.55 -9.98
CA ALA A 66 -70.97 16.80 -11.04
C ALA A 66 -71.60 15.43 -11.34
N ARG A 67 -71.98 14.72 -10.31
CA ARG A 67 -72.69 13.47 -10.48
C ARG A 67 -74.01 13.63 -11.24
N LEU A 68 -74.74 14.66 -10.86
CA LEU A 68 -76.03 14.92 -11.51
C LEU A 68 -75.82 15.28 -12.96
N LEU A 69 -74.83 16.11 -13.24
CA LEU A 69 -74.43 16.39 -14.63
C LEU A 69 -73.92 15.18 -15.42
N SER A 70 -73.29 14.23 -14.75
CA SER A 70 -72.84 12.98 -15.37
C SER A 70 -74.05 12.18 -15.93
N GLU A 71 -75.13 12.15 -15.17
CA GLU A 71 -76.42 11.54 -15.56
C GLU A 71 -77.04 12.34 -16.71
N LYS A 72 -77.18 13.66 -16.54
CA LYS A 72 -77.84 14.48 -17.55
C LYS A 72 -77.10 14.54 -18.89
N PHE A 73 -75.76 14.62 -18.86
CA PHE A 73 -74.97 14.67 -20.08
C PHE A 73 -74.48 13.32 -20.59
N HIS A 74 -74.82 12.24 -19.87
CA HIS A 74 -74.28 10.89 -20.15
C HIS A 74 -72.77 11.02 -20.30
N ALA A 75 -72.16 11.55 -19.25
CA ALA A 75 -70.77 11.99 -19.31
C ALA A 75 -69.93 11.35 -18.20
N THR A 76 -68.79 10.81 -18.60
CA THR A 76 -67.77 10.36 -17.67
C THR A 76 -67.37 11.48 -16.69
N LEU A 77 -67.14 11.06 -15.45
CA LEU A 77 -66.73 11.95 -14.37
C LEU A 77 -65.49 11.38 -13.73
N VAL A 78 -64.43 12.18 -13.72
CA VAL A 78 -63.18 11.86 -13.03
C VAL A 78 -63.04 12.80 -11.86
N TYR A 79 -62.82 12.22 -10.67
CA TYR A 79 -62.77 13.02 -9.48
C TYR A 79 -61.67 12.51 -8.53
N GLN A 80 -61.19 13.44 -7.71
CA GLN A 80 -60.16 13.17 -6.71
C GLN A 80 -60.85 12.76 -5.42
N ARG A 81 -60.42 11.65 -4.84
CA ARG A 81 -61.05 11.11 -3.63
C ARG A 81 -60.49 11.63 -2.29
N PHE A 82 -59.45 12.46 -2.33
CA PHE A 82 -58.85 13.04 -1.14
C PHE A 82 -58.69 14.54 -1.23
N SER A 83 -58.57 15.17 -0.06
CA SER A 83 -58.67 16.60 0.11
C SER A 83 -57.58 17.38 -0.58
N ARG A 84 -58.02 18.53 -1.11
CA ARG A 84 -57.13 19.55 -1.67
C ARG A 84 -56.14 20.10 -0.62
N LEU A 85 -56.43 19.86 0.66
CA LEU A 85 -55.47 20.25 1.72
C LEU A 85 -54.18 19.45 1.67
N VAL A 86 -54.26 18.19 1.22
CA VAL A 86 -53.09 17.36 1.07
C VAL A 86 -52.36 17.69 -0.24
N TYR A 87 -53.12 17.74 -1.33
CA TYR A 87 -52.57 18.19 -2.61
C TYR A 87 -53.72 18.78 -3.42
N ASP A 88 -53.60 20.05 -3.81
CA ASP A 88 -54.59 20.71 -4.65
C ASP A 88 -54.30 20.33 -6.09
N CYS A 89 -55.06 19.39 -6.62
CA CYS A 89 -54.80 18.86 -7.95
C CYS A 89 -55.02 19.88 -9.07
N ASN A 90 -55.60 21.02 -8.75
CA ASN A 90 -55.70 22.12 -9.71
C ASN A 90 -54.51 23.07 -9.59
N ARG A 91 -53.37 22.59 -9.06
CA ARG A 91 -52.13 23.37 -8.94
C ARG A 91 -50.92 22.50 -9.28
N PRO A 92 -49.93 23.06 -10.00
CA PRO A 92 -48.70 22.31 -10.23
C PRO A 92 -47.84 22.28 -8.95
N PRO A 93 -46.94 21.29 -8.83
CA PRO A 93 -46.19 21.15 -7.61
C PRO A 93 -45.24 22.30 -7.29
N GLU A 94 -44.91 23.13 -8.29
CA GLU A 94 -44.12 24.36 -8.13
C GLU A 94 -44.91 25.46 -7.42
N SER A 95 -46.25 25.42 -7.47
CA SER A 95 -47.06 26.47 -6.84
C SER A 95 -47.12 26.33 -5.32
N PRO A 96 -47.04 27.45 -4.58
CA PRO A 96 -47.25 27.38 -3.13
C PRO A 96 -48.63 26.91 -2.72
N SER A 97 -49.61 27.04 -3.62
CA SER A 97 -50.97 26.62 -3.30
C SER A 97 -51.15 25.11 -3.48
N ALA A 98 -50.18 24.39 -4.05
CA ALA A 98 -50.36 22.95 -4.25
C ALA A 98 -50.51 22.19 -2.92
N MET A 99 -49.72 22.63 -1.96
CA MET A 99 -49.68 22.07 -0.66
C MET A 99 -49.69 23.24 0.29
N PRO A 100 -50.87 23.78 0.53
CA PRO A 100 -50.90 25.12 1.10
C PRO A 100 -50.59 25.19 2.59
N VAL A 101 -49.77 26.17 2.97
CA VAL A 101 -49.41 26.35 4.38
C VAL A 101 -50.55 26.99 5.22
N LYS A 102 -51.49 27.65 4.55
CA LYS A 102 -52.63 28.30 5.20
C LYS A 102 -53.90 28.09 4.35
N SER A 103 -55.05 27.97 5.00
CA SER A 103 -56.37 28.16 4.37
C SER A 103 -57.03 29.36 5.01
N GLU A 104 -57.00 30.49 4.31
CA GLU A 104 -57.58 31.75 4.77
C GLU A 104 -56.88 32.18 6.07
N ILE A 105 -57.60 32.25 7.17
CA ILE A 105 -56.97 32.62 8.45
C ILE A 105 -56.38 31.42 9.20
N TYR A 106 -56.51 30.22 8.65
CA TYR A 106 -56.12 28.99 9.35
C TYR A 106 -54.78 28.44 8.89
N ASP A 107 -53.81 28.44 9.80
CA ASP A 107 -52.56 27.75 9.63
C ASP A 107 -52.76 26.22 9.58
N ILE A 108 -52.00 25.54 8.73
CA ILE A 108 -52.10 24.09 8.56
C ILE A 108 -50.80 23.42 8.99
N PRO A 109 -50.68 23.06 10.28
CA PRO A 109 -49.41 22.44 10.72
C PRO A 109 -48.97 21.25 9.91
N GLY A 110 -49.93 20.46 9.41
CA GLY A 110 -49.61 19.33 8.56
C GLY A 110 -48.94 19.69 7.27
N ASN A 111 -49.01 20.96 6.87
CA ASN A 111 -48.35 21.44 5.66
C ASN A 111 -47.16 22.36 5.89
N PHE A 112 -46.69 22.38 7.12
CA PHE A 112 -45.55 23.20 7.47
C PHE A 112 -44.30 22.79 6.74
N ASP A 113 -43.70 23.72 6.03
CA ASP A 113 -42.39 23.56 5.43
C ASP A 113 -42.07 22.11 5.04
N LEU A 114 -42.77 21.60 4.05
CA LEU A 114 -42.73 20.20 3.74
C LEU A 114 -41.37 19.77 3.17
N ASP A 115 -40.87 18.66 3.65
CA ASP A 115 -39.57 18.19 3.17
C ASP A 115 -39.70 17.49 1.82
N GLU A 116 -38.56 17.21 1.22
CA GLU A 116 -38.54 16.71 -0.12
C GLU A 116 -39.23 15.36 -0.26
N ALA A 117 -39.06 14.46 0.71
CA ALA A 117 -39.73 13.17 0.60
C ALA A 117 -41.25 13.34 0.63
N GLU A 118 -41.73 14.30 1.43
CA GLU A 118 -43.18 14.47 1.63
C GLU A 118 -43.86 15.13 0.40
N ARG A 119 -43.22 16.14 -0.18
CA ARG A 119 -43.67 16.73 -1.43
C ARG A 119 -43.70 15.69 -2.55
N PHE A 120 -42.68 14.85 -2.62
CA PHE A 120 -42.67 13.82 -3.64
C PHE A 120 -43.82 12.84 -3.38
N ALA A 121 -43.98 12.41 -2.13
CA ALA A 121 -45.01 11.44 -1.75
C ALA A 121 -46.39 11.89 -2.22
N ARG A 122 -46.74 13.15 -1.92
CA ARG A 122 -48.06 13.68 -2.29
C ARG A 122 -48.19 13.85 -3.78
N THR A 123 -47.15 14.36 -4.42
CA THR A 123 -47.16 14.55 -5.86
C THR A 123 -47.37 13.23 -6.61
N SER A 124 -46.71 12.18 -6.13
CA SER A 124 -46.75 10.87 -6.77
C SER A 124 -48.05 10.13 -6.58
N ALA A 125 -48.66 10.30 -5.42
CA ALA A 125 -49.82 9.51 -4.97
C ALA A 125 -51.14 10.15 -5.36
N LEU A 126 -51.19 11.49 -5.35
CA LEU A 126 -52.41 12.23 -5.60
C LEU A 126 -52.44 12.96 -6.92
N TYR A 127 -51.40 13.73 -7.25
CA TYR A 127 -51.45 14.65 -8.37
C TYR A 127 -51.22 13.96 -9.70
N VAL A 128 -50.16 13.16 -9.78
CA VAL A 128 -49.81 12.52 -11.04
C VAL A 128 -50.87 11.47 -11.43
N PRO A 129 -51.32 10.59 -10.52
CA PRO A 129 -52.37 9.64 -10.88
C PRO A 129 -53.64 10.30 -11.40
N PHE A 130 -54.06 11.40 -10.77
CA PHE A 130 -55.25 12.11 -11.16
C PHE A 130 -55.14 12.62 -12.61
N HIS A 131 -54.11 13.38 -12.90
CA HIS A 131 -53.92 13.92 -14.19
C HIS A 131 -53.62 12.88 -15.25
N ASP A 132 -52.92 11.83 -14.87
CA ASP A 132 -52.61 10.77 -15.79
C ASP A 132 -53.91 10.08 -16.26
N ARG A 133 -54.85 9.92 -15.37
CA ARG A 133 -56.07 9.24 -15.70
C ARG A 133 -56.90 10.10 -16.63
N VAL A 134 -56.97 11.38 -16.35
CA VAL A 134 -57.67 12.31 -17.20
C VAL A 134 -57.06 12.26 -18.59
N SER A 135 -55.75 12.35 -18.65
CA SER A 135 -55.05 12.26 -19.90
C SER A 135 -55.28 10.93 -20.66
N GLU A 136 -55.32 9.85 -19.94
CA GLU A 136 -55.51 8.53 -20.55
C GLU A 136 -56.90 8.42 -21.22
N ILE A 137 -57.91 8.93 -20.53
CA ILE A 137 -59.27 8.96 -21.01
C ILE A 137 -59.38 9.84 -22.26
N ILE A 138 -58.83 11.04 -22.19
CA ILE A 138 -58.82 11.93 -23.36
C ILE A 138 -58.12 11.30 -24.57
N ALA A 139 -56.93 10.69 -24.36
CA ALA A 139 -56.22 10.03 -25.45
C ALA A 139 -57.09 8.93 -26.07
N GLU A 140 -57.75 8.16 -25.23
CA GLU A 140 -58.57 7.07 -25.69
C GLU A 140 -59.75 7.61 -26.53
N ARG A 141 -60.45 8.62 -26.01
CA ARG A 141 -61.53 9.27 -26.78
C ARG A 141 -61.03 9.75 -28.16
N GLN A 142 -59.86 10.37 -28.18
CA GLN A 142 -59.35 10.92 -29.42
C GLN A 142 -59.03 9.83 -30.42
N ALA A 143 -58.57 8.69 -29.90
CA ALA A 143 -58.27 7.51 -30.73
C ALA A 143 -59.53 6.91 -31.38
N ALA A 144 -60.70 7.09 -30.76
CA ALA A 144 -61.96 6.64 -31.29
C ALA A 144 -62.64 7.72 -32.13
N GLY A 145 -61.92 8.82 -32.35
CA GLY A 145 -62.42 9.96 -33.11
C GLY A 145 -63.50 10.78 -32.45
N ARG A 146 -63.64 10.69 -31.15
CA ARG A 146 -64.76 11.29 -30.45
C ARG A 146 -64.47 12.71 -30.04
N LYS A 147 -65.47 13.53 -30.04
CA LYS A 147 -65.40 14.86 -29.48
C LYS A 147 -65.18 14.77 -27.95
N VAL A 148 -64.30 15.61 -27.42
CA VAL A 148 -64.10 15.75 -25.97
C VAL A 148 -64.28 17.21 -25.58
N VAL A 149 -65.13 17.45 -24.59
CA VAL A 149 -65.40 18.79 -24.08
C VAL A 149 -65.05 18.70 -22.58
N VAL A 150 -64.01 19.44 -22.19
CA VAL A 150 -63.47 19.31 -20.83
C VAL A 150 -64.19 20.29 -19.94
N VAL A 151 -64.87 19.78 -18.93
CA VAL A 151 -65.69 20.64 -18.08
C VAL A 151 -65.30 20.34 -16.65
N THR A 152 -64.73 21.33 -15.96
CA THR A 152 -64.44 21.17 -14.53
C THR A 152 -65.50 21.85 -13.65
N ILE A 153 -65.76 21.23 -12.50
CA ILE A 153 -66.84 21.67 -11.60
C ILE A 153 -66.29 22.02 -10.24
N HIS A 154 -66.55 23.25 -9.82
CA HIS A 154 -66.03 23.81 -8.58
C HIS A 154 -67.16 24.53 -7.83
N SER A 155 -66.98 24.70 -6.52
CA SER A 155 -67.80 25.63 -5.75
C SER A 155 -66.93 26.57 -4.97
N PHE A 156 -67.52 27.71 -4.61
CA PHE A 156 -66.83 28.75 -3.92
C PHE A 156 -67.66 29.30 -2.78
N THR A 157 -66.95 29.79 -1.79
CA THR A 157 -67.54 30.27 -0.56
C THR A 157 -68.20 31.66 -0.78
N PRO A 158 -69.39 31.88 -0.19
CA PRO A 158 -70.06 33.18 -0.40
C PRO A 158 -69.35 34.40 0.19
N VAL A 159 -68.64 34.25 1.31
CA VAL A 159 -67.87 35.36 1.89
C VAL A 159 -66.37 35.11 1.73
N TYR A 160 -65.68 36.05 1.13
CA TYR A 160 -64.23 35.98 0.92
C TYR A 160 -63.59 37.32 1.30
N HIS A 161 -62.69 37.28 2.28
CA HIS A 161 -61.96 38.47 2.74
C HIS A 161 -62.87 39.67 2.99
N GLY A 162 -63.93 39.45 3.77
CA GLY A 162 -64.81 40.54 4.23
C GLY A 162 -65.77 41.09 3.20
N ARG A 163 -65.79 40.43 2.04
CA ARG A 163 -66.63 40.81 0.94
C ARG A 163 -67.59 39.64 0.72
N PHE A 164 -68.87 39.97 0.54
CA PHE A 164 -69.87 39.03 0.11
C PHE A 164 -69.87 39.01 -1.44
N ARG A 165 -69.84 37.81 -2.01
CA ARG A 165 -69.77 37.65 -3.45
C ARG A 165 -71.16 37.51 -4.05
N GLU A 166 -71.56 38.51 -4.82
CA GLU A 166 -72.88 38.48 -5.44
C GLU A 166 -72.89 37.57 -6.68
N VAL A 167 -71.71 37.24 -7.22
CA VAL A 167 -71.63 36.28 -8.35
C VAL A 167 -72.11 34.92 -7.89
N GLU A 168 -72.93 34.29 -8.74
CA GLU A 168 -73.58 33.03 -8.38
C GLU A 168 -72.97 31.87 -9.17
N ILE A 169 -72.78 32.09 -10.46
CA ILE A 169 -72.13 31.17 -11.35
C ILE A 169 -71.00 31.93 -12.03
N GLY A 170 -69.77 31.44 -11.89
CA GLY A 170 -68.65 31.87 -12.71
C GLY A 170 -68.38 30.94 -13.87
N ILE A 171 -68.16 31.53 -15.04
CA ILE A 171 -67.82 30.83 -16.27
C ILE A 171 -66.33 31.16 -16.50
N LEU A 172 -65.47 30.19 -16.19
CA LEU A 172 -64.03 30.43 -16.21
C LEU A 172 -63.37 29.80 -17.43
N HIS A 173 -62.34 30.47 -17.94
CA HIS A 173 -61.66 29.98 -19.12
C HIS A 173 -60.26 30.57 -19.16
N ASP A 174 -59.41 29.91 -19.93
CA ASP A 174 -58.05 30.38 -20.19
C ASP A 174 -58.01 30.96 -21.62
N ASN A 175 -56.96 30.66 -22.39
CA ASN A 175 -56.77 31.29 -23.71
C ASN A 175 -57.73 30.82 -24.80
N ASP A 176 -58.59 29.84 -24.47
CA ASP A 176 -59.65 29.42 -25.32
C ASP A 176 -60.99 29.78 -24.70
N SER A 177 -61.64 30.78 -25.28
CA SER A 177 -62.92 31.28 -24.73
C SER A 177 -64.19 30.76 -25.41
N ARG A 178 -64.06 29.80 -26.31
CA ARG A 178 -65.16 29.47 -27.23
C ARG A 178 -66.40 29.00 -26.46
N LEU A 179 -66.26 27.96 -25.66
CA LEU A 179 -67.40 27.47 -24.86
C LEU A 179 -67.88 28.51 -23.87
N ALA A 180 -66.95 29.18 -23.20
CA ALA A 180 -67.29 30.19 -22.21
C ALA A 180 -68.14 31.28 -22.84
N ASP A 181 -67.68 31.80 -23.99
CA ASP A 181 -68.39 32.85 -24.72
C ASP A 181 -69.81 32.42 -25.03
N ALA A 182 -69.97 31.20 -25.54
CA ALA A 182 -71.26 30.65 -25.88
C ALA A 182 -72.17 30.58 -24.63
N MET A 183 -71.62 30.12 -23.50
CA MET A 183 -72.38 30.02 -22.26
C MET A 183 -72.72 31.38 -21.66
N LEU A 184 -71.79 32.33 -21.73
CA LEU A 184 -72.07 33.63 -21.19
C LEU A 184 -73.15 34.34 -22.03
N ALA A 185 -73.13 34.14 -23.34
CA ALA A 185 -74.15 34.75 -24.23
C ALA A 185 -75.50 34.10 -23.96
N GLY A 186 -75.47 32.80 -23.75
CA GLY A 186 -76.66 32.05 -23.44
C GLY A 186 -77.24 32.36 -22.08
N ALA A 187 -76.43 32.92 -21.20
CA ALA A 187 -76.87 33.21 -19.85
C ALA A 187 -77.41 34.63 -19.74
N GLU A 188 -77.38 35.41 -20.82
CA GLU A 188 -78.03 36.73 -20.79
C GLU A 188 -79.51 36.51 -20.49
N GLY A 189 -80.00 37.18 -19.45
CA GLY A 189 -81.40 37.13 -19.05
C GLY A 189 -81.68 36.06 -18.02
N ALA A 190 -80.68 35.29 -17.62
CA ALA A 190 -80.90 34.21 -16.65
C ALA A 190 -81.17 34.87 -15.29
N SER A 191 -81.89 34.17 -14.42
CA SER A 191 -82.16 34.65 -13.06
C SER A 191 -80.91 34.66 -12.16
N LEU A 192 -79.93 33.82 -12.48
CA LEU A 192 -78.67 33.78 -11.74
C LEU A 192 -77.75 34.87 -12.22
N THR A 193 -76.91 35.39 -11.32
CA THR A 193 -75.81 36.28 -11.65
C THR A 193 -74.64 35.42 -12.13
N VAL A 194 -74.37 35.55 -13.42
CA VAL A 194 -73.43 34.72 -14.16
C VAL A 194 -72.36 35.63 -14.73
N ARG A 195 -71.10 35.34 -14.43
CA ARG A 195 -70.02 36.25 -14.81
C ARG A 195 -68.79 35.50 -15.29
N ARG A 196 -68.04 36.14 -16.18
CA ARG A 196 -66.85 35.60 -16.79
C ARG A 196 -65.69 35.76 -15.81
N ASN A 197 -64.95 34.67 -15.61
CA ASN A 197 -63.76 34.66 -14.78
C ASN A 197 -63.95 35.45 -13.49
N ASP A 198 -64.97 35.04 -12.74
CA ASP A 198 -65.36 35.67 -11.50
C ASP A 198 -66.04 34.55 -10.74
N PRO A 199 -65.59 34.24 -9.50
CA PRO A 199 -64.69 34.99 -8.61
C PRO A 199 -63.20 34.82 -8.84
N TYR A 200 -62.83 33.91 -9.74
CA TYR A 200 -61.44 33.70 -10.06
C TYR A 200 -61.31 33.55 -11.56
N GLY A 201 -60.11 33.79 -12.06
CA GLY A 201 -59.77 33.59 -13.46
C GLY A 201 -58.34 33.06 -13.59
N PRO A 202 -57.88 32.91 -14.85
CA PRO A 202 -56.52 32.37 -15.08
C PRO A 202 -55.43 33.20 -14.38
N GLU A 203 -55.74 34.46 -14.11
CA GLU A 203 -54.84 35.32 -13.36
C GLU A 203 -54.54 34.81 -11.96
N ASP A 204 -55.48 34.04 -11.38
CA ASP A 204 -55.37 33.50 -10.02
C ASP A 204 -54.75 32.10 -9.93
N GLY A 205 -54.33 31.55 -11.06
CA GLY A 205 -53.76 30.20 -11.09
C GLY A 205 -54.82 29.11 -10.97
N VAL A 206 -56.07 29.40 -11.29
CA VAL A 206 -57.10 28.38 -11.13
C VAL A 206 -57.45 27.63 -12.42
N THR A 207 -56.76 27.89 -13.53
CA THR A 207 -57.03 27.17 -14.79
C THR A 207 -55.98 26.10 -15.12
N HIS A 208 -55.26 25.59 -14.10
CA HIS A 208 -54.23 24.57 -14.32
C HIS A 208 -54.73 23.36 -15.08
N THR A 209 -55.79 22.74 -14.59
CA THR A 209 -56.37 21.56 -15.24
C THR A 209 -56.73 21.79 -16.72
N LEU A 210 -57.29 22.95 -17.03
CA LEU A 210 -57.57 23.33 -18.42
C LEU A 210 -56.25 23.43 -19.23
N ARG A 211 -55.24 24.06 -18.63
CA ARG A 211 -53.91 24.17 -19.25
C ARG A 211 -53.27 22.80 -19.52
N LEU A 212 -53.48 21.82 -18.63
CA LEU A 212 -52.92 20.47 -18.82
C LEU A 212 -53.63 19.65 -19.88
N HIS A 213 -54.95 19.75 -19.96
CA HIS A 213 -55.75 18.77 -20.69
C HIS A 213 -56.55 19.29 -21.88
N ALA A 214 -57.05 20.52 -21.82
CA ALA A 214 -57.89 21.08 -22.88
C ALA A 214 -57.06 21.83 -23.92
N LEU A 215 -56.26 22.77 -23.47
CA LEU A 215 -55.57 23.68 -24.40
C LEU A 215 -54.58 22.96 -25.34
N PRO A 216 -53.79 22.00 -24.80
CA PRO A 216 -52.79 21.38 -25.68
C PRO A 216 -53.38 20.57 -26.82
N ASP A 217 -54.66 20.19 -26.72
CA ASP A 217 -55.31 19.43 -27.76
C ASP A 217 -56.44 20.21 -28.46
N GLY A 218 -56.59 21.50 -28.18
CA GLY A 218 -57.58 22.34 -28.86
C GLY A 218 -59.03 22.04 -28.53
N LEU A 219 -59.24 21.44 -27.36
CA LEU A 219 -60.54 20.95 -26.96
C LEU A 219 -61.39 22.07 -26.36
N LEU A 220 -62.68 22.05 -26.67
CA LEU A 220 -63.60 22.95 -26.03
C LEU A 220 -63.52 22.68 -24.53
N ASN A 221 -63.67 23.72 -23.74
CA ASN A 221 -63.50 23.58 -22.32
C ASN A 221 -64.06 24.73 -21.54
N VAL A 222 -64.39 24.46 -20.29
CA VAL A 222 -64.80 25.51 -19.40
C VAL A 222 -64.64 25.03 -17.96
N MET A 223 -64.48 25.98 -17.07
CA MET A 223 -64.47 25.70 -15.65
C MET A 223 -65.66 26.43 -15.07
N ILE A 224 -66.48 25.69 -14.33
CA ILE A 224 -67.71 26.22 -13.78
C ILE A 224 -67.55 26.35 -12.25
N GLU A 225 -67.78 27.56 -11.77
CA GLU A 225 -67.79 27.89 -10.36
C GLU A 225 -69.24 28.15 -9.91
N ILE A 226 -69.66 27.51 -8.82
CA ILE A 226 -70.99 27.67 -8.26
C ILE A 226 -70.86 28.13 -6.82
N ARG A 227 -71.52 29.22 -6.44
CA ARG A 227 -71.45 29.67 -5.05
C ARG A 227 -72.08 28.60 -4.15
N ASN A 228 -71.39 28.21 -3.07
CA ASN A 228 -71.72 26.90 -2.48
C ASN A 228 -73.07 26.85 -1.75
N ASP A 229 -73.57 28.01 -1.32
CA ASP A 229 -74.91 28.10 -0.72
C ASP A 229 -76.05 27.69 -1.66
N LEU A 230 -75.80 27.74 -2.96
CA LEU A 230 -76.79 27.40 -3.96
C LEU A 230 -76.88 25.89 -4.16
N ILE A 231 -75.94 25.15 -3.61
CA ILE A 231 -75.93 23.70 -3.82
C ILE A 231 -75.75 22.95 -2.52
N ALA A 232 -76.47 23.38 -1.50
CA ALA A 232 -76.24 22.88 -0.15
C ALA A 232 -77.05 21.62 0.20
N ASN A 233 -78.09 21.31 -0.56
CA ASN A 233 -78.84 20.06 -0.36
C ASN A 233 -79.19 19.43 -1.70
N GLU A 234 -79.82 18.26 -1.67
CA GLU A 234 -80.12 17.53 -2.89
C GLU A 234 -81.03 18.26 -3.87
N GLY A 235 -82.05 18.95 -3.38
CA GLY A 235 -82.96 19.69 -4.27
C GLY A 235 -82.29 20.83 -5.00
N GLU A 236 -81.48 21.60 -4.26
CA GLU A 236 -80.71 22.72 -4.81
C GLU A 236 -79.70 22.22 -5.81
N GLN A 237 -79.06 21.10 -5.49
CA GLN A 237 -78.11 20.46 -6.42
C GLN A 237 -78.77 20.07 -7.73
N ALA A 238 -79.91 19.42 -7.63
CA ALA A 238 -80.70 19.01 -8.81
C ALA A 238 -81.10 20.23 -9.65
N ALA A 239 -81.54 21.28 -8.97
CA ALA A 239 -81.95 22.51 -9.62
C ALA A 239 -80.79 23.12 -10.42
N ILE A 240 -79.69 23.38 -9.75
CA ILE A 240 -78.53 23.99 -10.38
C ILE A 240 -77.97 23.10 -11.50
N ALA A 241 -77.98 21.78 -11.29
CA ALA A 241 -77.55 20.84 -12.34
C ALA A 241 -78.43 20.94 -13.60
N GLY A 242 -79.73 21.12 -13.42
CA GLY A 242 -80.63 21.33 -14.55
C GLY A 242 -80.38 22.65 -15.25
N PHE A 243 -80.19 23.72 -14.49
CA PHE A 243 -79.86 25.02 -15.07
C PHE A 243 -78.64 24.92 -15.99
N LEU A 244 -77.60 24.26 -15.49
CA LEU A 244 -76.33 24.18 -16.20
C LEU A 244 -76.41 23.23 -17.39
N HIS A 245 -77.21 22.16 -17.27
CA HIS A 245 -77.45 21.26 -18.38
C HIS A 245 -78.14 22.02 -19.53
N GLU A 246 -79.12 22.84 -19.20
CA GLU A 246 -79.81 23.68 -20.20
C GLU A 246 -78.85 24.64 -20.88
N LEU A 247 -78.12 25.42 -20.07
CA LEU A 247 -77.15 26.43 -20.54
C LEU A 247 -76.01 25.86 -21.40
N MET A 248 -75.33 24.84 -20.88
CA MET A 248 -74.20 24.29 -21.60
C MET A 248 -74.65 23.45 -22.80
N GLY A 249 -75.75 22.71 -22.69
CA GLY A 249 -76.28 21.99 -23.86
C GLY A 249 -76.62 22.91 -25.02
N LYS A 250 -77.33 24.00 -24.75
CA LYS A 250 -77.65 24.98 -25.77
C LYS A 250 -76.40 25.61 -26.33
N ALA A 251 -75.43 25.90 -25.45
CA ALA A 251 -74.18 26.52 -25.84
C ALA A 251 -73.45 25.64 -26.84
N LEU A 252 -73.37 24.35 -26.55
CA LEU A 252 -72.65 23.42 -27.39
C LEU A 252 -73.33 23.29 -28.75
N SER A 253 -74.66 23.32 -28.73
CA SER A 253 -75.42 23.30 -29.99
C SER A 253 -75.19 24.53 -30.84
N SER A 254 -75.11 25.70 -30.23
CA SER A 254 -74.81 26.91 -30.99
C SER A 254 -73.45 26.84 -31.65
N ILE A 255 -72.46 26.26 -30.96
CA ILE A 255 -71.08 26.25 -31.45
C ILE A 255 -70.93 25.32 -32.63
N GLU A 256 -71.69 24.24 -32.66
CA GLU A 256 -71.56 23.29 -33.75
C GLU A 256 -72.23 23.79 -35.03
N GLU A 257 -73.08 24.82 -34.92
CA GLU A 257 -73.64 25.50 -36.09
C GLU A 257 -72.50 26.09 -36.92
N THR B 2 0.79 0.48 -39.98
CA THR B 2 -0.66 0.12 -40.04
C THR B 2 -1.09 -0.56 -38.72
N VAL B 3 -0.33 -1.56 -38.26
CA VAL B 3 -0.58 -2.14 -36.94
C VAL B 3 -0.39 -1.05 -35.87
N ARG B 4 0.76 -0.38 -35.90
CA ARG B 4 1.05 0.69 -34.94
C ARG B 4 -0.01 1.80 -34.97
N SER B 5 -0.43 2.18 -36.18
CA SER B 5 -1.48 3.19 -36.39
C SER B 5 -2.77 2.86 -35.65
N ARG B 6 -3.14 1.59 -35.64
CA ARG B 6 -4.37 1.15 -34.96
C ARG B 6 -4.20 1.24 -33.42
N PHE B 7 -3.02 0.88 -32.93
CA PHE B 7 -2.78 0.67 -31.49
C PHE B 7 -2.21 1.89 -30.73
N PHE B 8 -1.36 2.67 -31.41
CA PHE B 8 -0.69 3.82 -30.80
C PHE B 8 -1.18 5.12 -31.39
N THR B 9 -1.02 6.20 -30.63
CA THR B 9 -1.13 7.59 -31.15
C THR B 9 0.18 7.95 -31.85
N GLU B 10 0.15 8.96 -32.69
CA GLU B 10 1.35 9.45 -33.35
C GLU B 10 2.44 9.88 -32.35
N ALA B 11 2.03 10.71 -31.40
CA ALA B 11 2.96 11.26 -30.41
C ALA B 11 3.76 10.18 -29.69
N GLU B 12 3.10 9.11 -29.28
CA GLU B 12 3.79 8.12 -28.44
C GLU B 12 4.73 7.20 -29.22
N GLY B 13 4.68 7.23 -30.56
CA GLY B 13 5.71 6.61 -31.39
C GLY B 13 5.55 5.12 -31.63
N LYS B 14 6.68 4.42 -31.77
CA LYS B 14 6.73 2.99 -32.12
C LYS B 14 7.00 2.10 -30.90
N ALA B 15 6.60 0.84 -30.98
CA ALA B 15 6.86 -0.10 -29.87
C ALA B 15 8.36 -0.31 -29.61
N VAL B 16 9.16 -0.29 -30.67
CA VAL B 16 10.55 -0.70 -30.59
C VAL B 16 11.46 0.48 -30.81
N GLY B 17 12.38 0.69 -29.89
CA GLY B 17 13.51 1.60 -30.08
C GLY B 17 14.76 0.85 -30.45
N VAL B 18 15.53 1.42 -31.38
CA VAL B 18 16.84 0.91 -31.69
C VAL B 18 17.81 2.08 -31.70
N GLU B 19 18.90 1.91 -30.98
CA GLU B 19 19.91 2.93 -30.99
C GLU B 19 21.16 2.31 -31.54
N ASN B 20 21.86 3.06 -32.36
CA ASN B 20 23.11 2.63 -32.89
C ASN B 20 22.88 1.41 -33.77
N ALA B 21 21.90 1.48 -34.65
CA ALA B 21 21.48 0.34 -35.49
C ALA B 21 22.59 -0.22 -36.37
N ALA B 22 23.35 0.65 -37.01
CA ALA B 22 24.40 0.19 -37.91
C ALA B 22 25.75 0.08 -37.19
N ALA B 23 25.78 -0.35 -35.94
CA ALA B 23 27.05 -0.44 -35.19
C ALA B 23 27.95 -1.59 -35.64
N LYS B 24 29.26 -1.41 -35.50
CA LYS B 24 30.23 -2.46 -35.82
C LYS B 24 30.38 -3.51 -34.72
N GLY B 25 29.94 -3.19 -33.51
CA GLY B 25 30.24 -4.03 -32.33
C GLY B 25 29.57 -5.38 -32.42
N ASP B 26 30.24 -6.40 -31.90
CA ASP B 26 29.76 -7.77 -31.89
C ASP B 26 28.61 -7.96 -30.88
N VAL B 27 28.64 -7.19 -29.81
CA VAL B 27 27.63 -7.29 -28.76
C VAL B 27 26.31 -6.67 -29.27
N LEU B 28 25.20 -7.40 -29.09
CA LEU B 28 23.86 -6.86 -29.34
C LEU B 28 23.13 -6.76 -28.02
N LEU B 29 22.85 -5.52 -27.62
CA LEU B 29 22.19 -5.25 -26.37
C LEU B 29 20.68 -5.18 -26.52
N VAL B 30 20.00 -5.83 -25.59
CA VAL B 30 18.54 -5.94 -25.63
C VAL B 30 18.01 -5.57 -24.26
N CYS B 31 17.02 -4.69 -24.23
CA CYS B 31 16.43 -4.26 -22.96
C CYS B 31 14.90 -4.28 -23.01
N GLU B 32 14.31 -5.39 -22.56
CA GLU B 32 12.87 -5.63 -22.62
C GLU B 32 12.07 -4.75 -21.67
N HIS B 33 12.65 -4.46 -20.52
CA HIS B 33 11.95 -3.72 -19.47
C HIS B 33 12.47 -2.30 -19.39
N ALA B 34 12.79 -1.73 -20.54
CA ALA B 34 13.44 -0.42 -20.63
C ALA B 34 12.53 0.74 -20.19
N SER B 35 11.24 0.65 -20.45
CA SER B 35 10.36 1.80 -20.39
C SER B 35 9.09 1.56 -19.57
N ALA B 36 8.68 2.59 -18.84
CA ALA B 36 7.47 2.55 -18.01
C ALA B 36 6.21 3.06 -18.73
N THR B 37 6.35 3.57 -19.93
CA THR B 37 5.26 4.19 -20.63
C THR B 37 4.07 3.25 -20.89
N ILE B 38 2.89 3.73 -20.52
CA ILE B 38 1.65 3.07 -20.84
C ILE B 38 1.07 3.73 -22.07
N PRO B 39 0.72 2.94 -23.10
CA PRO B 39 0.09 3.53 -24.28
C PRO B 39 -1.20 4.24 -23.88
N GLN B 40 -1.53 5.33 -24.58
CA GLN B 40 -2.66 6.21 -24.22
C GLN B 40 -3.98 5.47 -24.08
N LYS B 41 -4.18 4.50 -24.96
CA LYS B 41 -5.34 3.60 -24.97
C LYS B 41 -5.69 2.99 -23.61
N TYR B 42 -4.69 2.73 -22.75
CA TYR B 42 -4.94 2.09 -21.46
C TYR B 42 -4.91 3.07 -20.29
N GLY B 43 -4.58 4.33 -20.56
CA GLY B 43 -4.49 5.32 -19.51
C GLY B 43 -3.55 4.87 -18.41
N THR B 44 -4.11 4.67 -17.22
CA THR B 44 -3.37 4.26 -16.07
C THR B 44 -3.33 2.76 -15.91
N LEU B 45 -4.06 2.01 -16.75
CA LEU B 45 -4.23 0.56 -16.57
C LEU B 45 -4.92 0.24 -15.22
N GLY B 46 -5.60 1.25 -14.66
CA GLY B 46 -6.25 1.14 -13.36
C GLY B 46 -5.30 1.12 -12.18
N LEU B 47 -4.06 1.57 -12.39
CA LEU B 47 -3.05 1.53 -11.34
C LEU B 47 -2.82 2.92 -10.77
N SER B 48 -2.33 2.95 -9.53
CA SER B 48 -1.97 4.20 -8.87
C SER B 48 -0.71 4.78 -9.50
N ALA B 49 -0.60 6.11 -9.49
CA ALA B 49 0.58 6.80 -10.05
C ALA B 49 1.86 6.31 -9.40
N ASP B 50 1.79 5.96 -8.12
CA ASP B 50 2.92 5.41 -7.41
C ASP B 50 3.34 4.07 -8.02
N VAL B 51 2.38 3.19 -8.28
CA VAL B 51 2.71 1.89 -8.83
C VAL B 51 3.30 2.08 -10.22
N LEU B 52 2.71 2.97 -11.00
CA LEU B 52 3.16 3.25 -12.37
C LEU B 52 4.56 3.83 -12.48
N SER B 53 5.11 4.35 -11.38
CA SER B 53 6.48 4.87 -11.36
C SER B 53 7.43 3.92 -10.61
N SER B 54 6.98 2.72 -10.28
CA SER B 54 7.79 1.76 -9.51
C SER B 54 8.35 0.67 -10.42
N HIS B 55 9.13 -0.24 -9.83
CA HIS B 55 9.70 -1.34 -10.56
C HIS B 55 8.66 -2.31 -11.12
N ALA B 56 7.40 -2.14 -10.75
CA ALA B 56 6.31 -2.89 -11.39
C ALA B 56 6.23 -2.56 -12.87
N ALA B 57 6.54 -1.31 -13.23
CA ALA B 57 6.30 -0.77 -14.56
C ALA B 57 7.48 -0.91 -15.51
N TRP B 58 8.67 -1.08 -14.94
CA TRP B 58 9.89 -1.05 -15.70
C TRP B 58 11.04 -1.49 -14.80
N ASP B 59 12.21 -1.68 -15.41
CA ASP B 59 13.44 -1.96 -14.68
C ASP B 59 14.18 -0.63 -14.55
N PRO B 60 14.02 0.07 -13.41
CA PRO B 60 14.74 1.36 -13.29
C PRO B 60 16.26 1.22 -13.39
N GLY B 61 16.84 2.12 -14.17
CA GLY B 61 18.28 2.15 -14.42
C GLY B 61 18.79 1.21 -15.50
N ALA B 62 17.96 0.23 -15.89
CA ALA B 62 18.37 -0.77 -16.91
C ALA B 62 18.73 -0.15 -18.26
N LEU B 63 17.85 0.68 -18.78
CA LEU B 63 18.06 1.34 -20.05
C LEU B 63 19.24 2.29 -20.03
N ALA B 64 19.34 3.07 -18.95
CA ALA B 64 20.49 3.96 -18.71
C ALA B 64 21.81 3.21 -18.81
N VAL B 65 21.95 2.13 -18.06
CA VAL B 65 23.17 1.30 -18.15
C VAL B 65 23.34 0.71 -19.55
N ALA B 66 22.26 0.23 -20.16
CA ALA B 66 22.36 -0.35 -21.49
C ALA B 66 22.92 0.66 -22.48
N ARG B 67 22.48 1.89 -22.33
CA ARG B 67 22.91 2.97 -23.21
C ARG B 67 24.39 3.31 -23.06
N LEU B 68 24.87 3.28 -21.83
CA LEU B 68 26.28 3.41 -21.59
C LEU B 68 27.09 2.25 -22.13
N LEU B 69 26.60 1.05 -21.94
CA LEU B 69 27.19 -0.12 -22.58
C LEU B 69 27.16 -0.03 -24.10
N SER B 70 26.10 0.53 -24.68
CA SER B 70 26.00 0.70 -26.15
C SER B 70 27.19 1.55 -26.66
N GLU B 71 27.52 2.60 -25.91
CA GLU B 71 28.67 3.44 -26.28
C GLU B 71 30.00 2.76 -26.04
N LYS B 72 30.16 2.09 -24.90
CA LYS B 72 31.42 1.41 -24.55
C LYS B 72 31.76 0.25 -25.49
N PHE B 73 30.75 -0.49 -25.93
CA PHE B 73 30.93 -1.63 -26.82
C PHE B 73 30.77 -1.34 -28.30
N HIS B 74 30.42 -0.10 -28.64
CA HIS B 74 30.03 0.26 -30.00
C HIS B 74 28.93 -0.67 -30.52
N ALA B 75 27.87 -0.79 -29.72
CA ALA B 75 26.91 -1.88 -29.86
C ALA B 75 25.54 -1.30 -30.12
N THR B 76 24.82 -2.01 -30.98
CA THR B 76 23.40 -1.75 -31.20
C THR B 76 22.63 -2.11 -29.93
N LEU B 77 21.64 -1.28 -29.64
CA LEU B 77 20.73 -1.50 -28.50
C LEU B 77 19.29 -1.46 -28.98
N VAL B 78 18.57 -2.56 -28.74
CA VAL B 78 17.15 -2.68 -29.00
C VAL B 78 16.41 -2.68 -27.68
N TYR B 79 15.41 -1.80 -27.56
CA TYR B 79 14.63 -1.68 -26.32
C TYR B 79 13.15 -1.51 -26.56
N GLN B 80 12.37 -1.95 -25.58
CA GLN B 80 10.92 -1.84 -25.64
C GLN B 80 10.51 -0.49 -25.06
N ARG B 81 9.66 0.24 -25.77
CA ARG B 81 9.30 1.60 -25.38
C ARG B 81 8.05 1.72 -24.50
N PHE B 82 7.42 0.58 -24.19
CA PHE B 82 6.20 0.55 -23.40
C PHE B 82 6.35 -0.47 -22.31
N SER B 83 5.55 -0.29 -21.26
CA SER B 83 5.69 -1.05 -20.05
C SER B 83 5.41 -2.55 -20.18
N ARG B 84 6.17 -3.33 -19.42
CA ARG B 84 5.98 -4.75 -19.25
C ARG B 84 4.62 -5.12 -18.62
N LEU B 85 3.94 -4.11 -18.05
CA LEU B 85 2.59 -4.31 -17.51
C LEU B 85 1.56 -4.54 -18.61
N VAL B 86 1.76 -3.91 -19.75
CA VAL B 86 0.83 -4.02 -20.86
C VAL B 86 1.13 -5.34 -21.59
N TYR B 87 2.40 -5.59 -21.87
CA TYR B 87 2.89 -6.90 -22.34
C TYR B 87 4.35 -7.04 -21.92
N ASP B 88 4.65 -8.06 -21.12
CA ASP B 88 6.02 -8.34 -20.74
C ASP B 88 6.72 -9.11 -21.86
N CYS B 89 7.55 -8.39 -22.64
CA CYS B 89 8.23 -8.95 -23.82
C CYS B 89 9.24 -10.07 -23.55
N ASN B 90 9.59 -10.26 -22.28
CA ASN B 90 10.36 -11.42 -21.87
C ASN B 90 9.49 -12.61 -21.42
N ARG B 91 8.25 -12.67 -21.92
CA ARG B 91 7.34 -13.77 -21.67
C ARG B 91 6.59 -14.12 -22.95
N PRO B 92 6.38 -15.41 -23.21
CA PRO B 92 5.49 -15.81 -24.32
C PRO B 92 4.03 -15.66 -23.94
N PRO B 93 3.14 -15.49 -24.94
CA PRO B 93 1.73 -15.21 -24.65
C PRO B 93 1.02 -16.28 -23.82
N GLU B 94 1.53 -17.51 -23.84
CA GLU B 94 0.99 -18.60 -23.06
C GLU B 94 1.17 -18.33 -21.57
N SER B 95 2.21 -17.62 -21.23
CA SER B 95 2.53 -17.40 -19.82
C SER B 95 1.53 -16.48 -19.13
N PRO B 96 1.15 -16.81 -17.88
CA PRO B 96 0.30 -15.92 -17.11
C PRO B 96 0.91 -14.53 -16.86
N SER B 97 2.23 -14.43 -16.93
CA SER B 97 2.92 -13.15 -16.69
C SER B 97 3.20 -12.31 -17.97
N ALA B 98 2.76 -12.79 -19.12
CA ALA B 98 2.82 -12.00 -20.34
C ALA B 98 1.96 -10.75 -20.18
N MET B 99 0.73 -10.93 -19.75
CA MET B 99 -0.19 -9.83 -19.53
C MET B 99 -0.76 -10.01 -18.11
N PRO B 100 0.04 -9.62 -17.11
CA PRO B 100 -0.19 -10.06 -15.73
C PRO B 100 -1.38 -9.38 -15.04
N VAL B 101 -2.14 -10.18 -14.28
CA VAL B 101 -3.31 -9.67 -13.56
C VAL B 101 -2.91 -9.12 -12.19
N LYS B 102 -1.69 -9.43 -11.77
CA LYS B 102 -1.16 -8.93 -10.51
C LYS B 102 0.36 -8.73 -10.67
N SER B 103 0.90 -7.77 -9.94
CA SER B 103 2.34 -7.62 -9.79
C SER B 103 2.62 -7.49 -8.31
N GLU B 104 3.25 -8.51 -7.73
CA GLU B 104 3.45 -8.58 -6.28
C GLU B 104 2.09 -8.39 -5.58
N ILE B 105 1.96 -7.38 -4.71
CA ILE B 105 0.72 -7.22 -3.95
C ILE B 105 -0.39 -6.48 -4.70
N TYR B 106 -0.07 -5.99 -5.91
CA TYR B 106 -0.98 -5.10 -6.64
C TYR B 106 -1.75 -5.76 -7.78
N ASP B 107 -3.07 -5.65 -7.75
CA ASP B 107 -3.87 -6.10 -8.89
C ASP B 107 -3.65 -5.12 -10.06
N ILE B 108 -3.82 -5.58 -11.29
CA ILE B 108 -3.71 -4.72 -12.47
C ILE B 108 -5.07 -4.77 -13.15
N PRO B 109 -6.01 -3.87 -12.73
CA PRO B 109 -7.36 -3.97 -13.26
C PRO B 109 -7.45 -3.82 -14.77
N GLY B 110 -6.55 -3.05 -15.38
CA GLY B 110 -6.52 -2.94 -16.84
C GLY B 110 -6.18 -4.24 -17.54
N ASN B 111 -5.70 -5.23 -16.76
CA ASN B 111 -5.40 -6.55 -17.26
C ASN B 111 -6.39 -7.65 -16.84
N PHE B 112 -7.48 -7.28 -16.20
CA PHE B 112 -8.48 -8.28 -15.77
C PHE B 112 -9.19 -8.94 -16.94
N ASP B 113 -9.17 -10.26 -16.96
CA ASP B 113 -10.02 -11.05 -17.87
C ASP B 113 -10.01 -10.46 -19.29
N LEU B 114 -8.83 -10.35 -19.87
CA LEU B 114 -8.70 -9.82 -21.22
C LEU B 114 -9.33 -10.80 -22.24
N ASP B 115 -10.11 -10.26 -23.17
CA ASP B 115 -10.71 -11.07 -24.19
C ASP B 115 -9.71 -11.32 -25.31
N GLU B 116 -10.12 -12.15 -26.25
CA GLU B 116 -9.21 -12.62 -27.29
C GLU B 116 -8.73 -11.50 -28.19
N ALA B 117 -9.62 -10.55 -28.49
CA ALA B 117 -9.26 -9.43 -29.35
C ALA B 117 -8.15 -8.62 -28.72
N GLU B 118 -8.23 -8.41 -27.40
CA GLU B 118 -7.27 -7.57 -26.68
C GLU B 118 -5.92 -8.27 -26.50
N ARG B 119 -5.95 -9.56 -26.18
CA ARG B 119 -4.70 -10.32 -26.08
C ARG B 119 -3.98 -10.30 -27.43
N PHE B 120 -4.72 -10.50 -28.50
CA PHE B 120 -4.13 -10.43 -29.82
C PHE B 120 -3.54 -9.05 -30.09
N ALA B 121 -4.29 -8.02 -29.76
CA ALA B 121 -3.88 -6.63 -30.00
C ALA B 121 -2.49 -6.35 -29.41
N ARG B 122 -2.31 -6.77 -28.17
CA ARG B 122 -1.05 -6.49 -27.50
C ARG B 122 0.07 -7.39 -27.99
N THR B 123 -0.25 -8.65 -28.24
CA THR B 123 0.71 -9.58 -28.83
C THR B 123 1.21 -9.05 -30.17
N SER B 124 0.29 -8.55 -31.01
CA SER B 124 0.62 -8.04 -32.33
C SER B 124 1.37 -6.69 -32.32
N ALA B 125 1.00 -5.79 -31.42
CA ALA B 125 1.55 -4.42 -31.44
C ALA B 125 2.87 -4.29 -30.66
N LEU B 126 3.01 -5.04 -29.56
CA LEU B 126 4.19 -4.92 -28.71
C LEU B 126 5.18 -6.08 -28.82
N TYR B 127 4.70 -7.30 -28.65
CA TYR B 127 5.59 -8.45 -28.47
C TYR B 127 6.26 -8.88 -29.78
N VAL B 128 5.46 -9.12 -30.80
CA VAL B 128 5.99 -9.66 -32.06
C VAL B 128 6.94 -8.68 -32.77
N PRO B 129 6.59 -7.39 -32.85
CA PRO B 129 7.52 -6.40 -33.45
C PRO B 129 8.87 -6.28 -32.77
N PHE B 130 8.86 -6.35 -31.45
CA PHE B 130 10.07 -6.31 -30.64
C PHE B 130 10.99 -7.47 -31.01
N HIS B 131 10.50 -8.70 -30.93
CA HIS B 131 11.35 -9.84 -31.21
C HIS B 131 11.68 -10.02 -32.67
N ASP B 132 10.76 -9.66 -33.57
CA ASP B 132 11.05 -9.67 -34.99
C ASP B 132 12.22 -8.74 -35.29
N ARG B 133 12.26 -7.57 -34.67
CA ARG B 133 13.38 -6.64 -34.92
C ARG B 133 14.70 -7.25 -34.48
N VAL B 134 14.74 -7.81 -33.26
CA VAL B 134 15.96 -8.47 -32.77
C VAL B 134 16.41 -9.58 -33.71
N SER B 135 15.47 -10.44 -34.10
CA SER B 135 15.72 -11.48 -35.06
C SER B 135 16.27 -11.00 -36.40
N GLU B 136 15.67 -9.95 -36.97
CA GLU B 136 16.15 -9.35 -38.22
C GLU B 136 17.60 -8.92 -38.14
N ILE B 137 17.94 -8.24 -37.03
CA ILE B 137 19.29 -7.73 -36.83
C ILE B 137 20.25 -8.90 -36.77
N ILE B 138 19.91 -9.89 -35.95
CA ILE B 138 20.73 -11.09 -35.80
C ILE B 138 20.91 -11.83 -37.14
N ALA B 139 19.81 -12.03 -37.87
CA ALA B 139 19.87 -12.71 -39.18
C ALA B 139 20.76 -11.99 -40.17
N GLU B 140 20.64 -10.68 -40.22
CA GLU B 140 21.46 -9.85 -41.13
C GLU B 140 22.93 -10.01 -40.87
N ARG B 141 23.30 -9.93 -39.60
CA ARG B 141 24.70 -9.97 -39.21
C ARG B 141 25.29 -11.33 -39.46
N GLN B 142 24.51 -12.36 -39.19
CA GLN B 142 24.92 -13.71 -39.52
C GLN B 142 25.15 -13.88 -41.01
N ALA B 143 24.28 -13.31 -41.83
CA ALA B 143 24.47 -13.28 -43.28
C ALA B 143 25.76 -12.58 -43.75
N ALA B 144 26.18 -11.52 -43.04
CA ALA B 144 27.45 -10.81 -43.31
C ALA B 144 28.67 -11.52 -42.72
N GLY B 145 28.47 -12.67 -42.09
CA GLY B 145 29.51 -13.46 -41.46
C GLY B 145 29.99 -12.91 -40.15
N ARG B 146 29.15 -12.07 -39.51
CA ARG B 146 29.56 -11.39 -38.27
C ARG B 146 29.28 -12.19 -37.01
N LYS B 147 30.13 -11.98 -36.00
CA LYS B 147 29.92 -12.47 -34.64
C LYS B 147 28.77 -11.68 -34.02
N VAL B 148 27.87 -12.39 -33.34
CA VAL B 148 26.83 -11.74 -32.58
C VAL B 148 26.81 -12.33 -31.19
N VAL B 149 26.84 -11.46 -30.20
CA VAL B 149 26.79 -11.84 -28.80
C VAL B 149 25.53 -11.18 -28.23
N VAL B 150 24.58 -12.00 -27.79
CA VAL B 150 23.29 -11.47 -27.30
C VAL B 150 23.39 -11.18 -25.82
N VAL B 151 23.12 -9.94 -25.44
CA VAL B 151 23.24 -9.51 -24.06
C VAL B 151 22.03 -8.71 -23.60
N THR B 152 21.30 -9.25 -22.62
CA THR B 152 20.15 -8.53 -22.10
C THR B 152 20.51 -7.85 -20.76
N ILE B 153 19.88 -6.70 -20.53
CA ILE B 153 20.19 -5.89 -19.39
C ILE B 153 18.90 -5.68 -18.61
N HIS B 154 18.90 -6.18 -17.37
CA HIS B 154 17.78 -6.00 -16.43
C HIS B 154 18.23 -5.41 -15.10
N SER B 155 17.27 -4.90 -14.35
CA SER B 155 17.52 -4.60 -12.93
C SER B 155 16.44 -5.23 -12.07
N PHE B 156 16.73 -5.37 -10.78
CA PHE B 156 15.76 -5.95 -9.84
C PHE B 156 15.80 -5.29 -8.44
N THR B 157 14.67 -5.37 -7.77
CA THR B 157 14.48 -4.77 -6.46
C THR B 157 15.09 -5.75 -5.45
N PRO B 158 15.89 -5.25 -4.48
CA PRO B 158 16.46 -6.18 -3.50
C PRO B 158 15.42 -7.09 -2.84
N VAL B 159 15.78 -8.36 -2.68
CA VAL B 159 14.89 -9.35 -2.05
C VAL B 159 15.14 -9.42 -0.54
N TYR B 160 16.43 -9.39 -0.17
CA TYR B 160 17.00 -9.61 1.18
C TYR B 160 17.30 -11.08 1.49
N PHE B 164 21.61 -10.48 4.90
CA PHE B 164 22.03 -10.06 3.58
C PHE B 164 23.17 -10.95 3.02
N ARG B 165 24.21 -10.36 2.42
CA ARG B 165 25.05 -11.08 1.48
C ARG B 165 24.32 -11.30 0.14
N GLU B 166 23.24 -10.55 -0.09
CA GLU B 166 22.44 -10.71 -1.30
C GLU B 166 23.27 -10.39 -2.56
N VAL B 167 23.01 -11.14 -3.62
CA VAL B 167 23.57 -10.89 -4.96
C VAL B 167 23.44 -9.42 -5.38
N GLU B 168 24.49 -8.89 -6.00
CA GLU B 168 24.45 -7.52 -6.52
C GLU B 168 24.37 -7.53 -8.06
N ILE B 169 25.20 -8.36 -8.68
CA ILE B 169 25.15 -8.62 -10.12
C ILE B 169 24.84 -10.09 -10.36
N GLY B 170 23.67 -10.35 -10.97
CA GLY B 170 23.30 -11.69 -11.37
C GLY B 170 23.78 -11.99 -12.78
N ILE B 171 24.42 -13.13 -12.96
CA ILE B 171 24.87 -13.58 -14.27
C ILE B 171 23.94 -14.73 -14.66
N LEU B 172 22.94 -14.42 -15.48
CA LEU B 172 21.91 -15.42 -15.82
C LEU B 172 22.12 -16.00 -17.19
N HIS B 173 21.76 -17.27 -17.32
CA HIS B 173 21.94 -18.00 -18.56
C HIS B 173 21.01 -19.21 -18.61
N ASP B 174 20.87 -19.75 -19.82
CA ASP B 174 20.08 -20.94 -20.07
C ASP B 174 21.06 -22.10 -20.32
N ASN B 175 20.72 -23.04 -21.20
CA ASN B 175 21.61 -24.20 -21.40
C ASN B 175 23.04 -23.83 -21.83
N ASP B 176 23.21 -22.71 -22.51
CA ASP B 176 24.53 -22.30 -22.98
C ASP B 176 25.17 -21.38 -21.93
N SER B 177 26.07 -21.96 -21.14
CA SER B 177 26.73 -21.27 -20.04
C SER B 177 28.06 -20.61 -20.39
N ARG B 178 28.48 -20.62 -21.66
CA ARG B 178 29.85 -20.21 -22.00
C ARG B 178 30.22 -18.81 -21.55
N LEU B 179 29.51 -17.80 -22.02
CA LEU B 179 29.81 -16.42 -21.61
C LEU B 179 29.63 -16.23 -20.11
N ALA B 180 28.53 -16.78 -19.58
CA ALA B 180 28.26 -16.76 -18.14
C ALA B 180 29.44 -17.30 -17.32
N ASP B 181 29.95 -18.46 -17.73
CA ASP B 181 31.12 -19.10 -17.07
C ASP B 181 32.36 -18.19 -17.11
N ALA B 182 32.65 -17.61 -18.25
CA ALA B 182 33.81 -16.73 -18.40
C ALA B 182 33.71 -15.49 -17.49
N MET B 183 32.51 -14.90 -17.39
CA MET B 183 32.30 -13.69 -16.59
C MET B 183 32.37 -14.01 -15.11
N LEU B 184 31.84 -15.18 -14.73
CA LEU B 184 31.86 -15.61 -13.33
C LEU B 184 33.28 -15.94 -12.85
N ALA B 185 34.03 -16.64 -13.68
CA ALA B 185 35.45 -16.88 -13.41
C ALA B 185 36.19 -15.56 -13.35
N GLY B 186 35.80 -14.62 -14.20
CA GLY B 186 36.43 -13.30 -14.24
C GLY B 186 36.06 -12.39 -13.09
N ALA B 187 34.99 -12.72 -12.39
CA ALA B 187 34.54 -11.90 -11.28
C ALA B 187 35.12 -12.40 -9.96
N GLU B 188 36.00 -13.41 -10.03
CA GLU B 188 36.80 -13.85 -8.87
C GLU B 188 37.51 -12.65 -8.26
N GLY B 189 37.18 -12.35 -7.01
CA GLY B 189 37.83 -11.26 -6.29
C GLY B 189 37.31 -9.86 -6.59
N ALA B 190 36.15 -9.78 -7.25
CA ALA B 190 35.47 -8.51 -7.46
C ALA B 190 34.90 -8.00 -6.15
N SER B 191 34.76 -6.70 -6.01
CA SER B 191 34.15 -6.11 -4.82
C SER B 191 32.64 -6.37 -4.78
N LEU B 192 32.05 -6.49 -5.96
CA LEU B 192 30.61 -6.72 -6.09
C LEU B 192 30.28 -8.20 -5.88
N THR B 193 29.12 -8.46 -5.25
CA THR B 193 28.60 -9.82 -5.10
C THR B 193 27.97 -10.28 -6.43
N VAL B 194 28.72 -11.09 -7.17
CA VAL B 194 28.33 -11.56 -8.50
C VAL B 194 27.93 -13.04 -8.40
N ARG B 195 26.71 -13.36 -8.82
CA ARG B 195 26.14 -14.69 -8.62
C ARG B 195 25.51 -15.25 -9.89
N ARG B 196 25.55 -16.57 -10.00
CA ARG B 196 25.04 -17.29 -11.15
C ARG B 196 23.56 -17.56 -10.96
N ASN B 197 22.74 -17.20 -11.94
CA ASN B 197 21.30 -17.49 -11.90
C ASN B 197 20.65 -17.15 -10.54
N ASP B 198 20.88 -15.91 -10.14
CA ASP B 198 20.32 -15.35 -8.93
C ASP B 198 20.19 -13.87 -9.20
N PRO B 199 19.02 -13.28 -8.94
CA PRO B 199 17.82 -13.76 -8.25
C PRO B 199 16.89 -14.74 -9.00
N TYR B 200 17.09 -14.94 -10.31
CA TYR B 200 16.21 -15.81 -11.08
C TYR B 200 17.06 -16.67 -11.98
N GLY B 201 16.42 -17.68 -12.57
CA GLY B 201 17.06 -18.61 -13.52
C GLY B 201 16.08 -19.04 -14.61
N PRO B 202 16.53 -19.94 -15.51
CA PRO B 202 15.72 -20.35 -16.67
C PRO B 202 14.42 -21.04 -16.30
N GLU B 203 14.43 -21.72 -15.15
CA GLU B 203 13.23 -22.33 -14.58
C GLU B 203 12.12 -21.31 -14.27
N ASP B 204 12.50 -20.05 -14.05
CA ASP B 204 11.51 -18.97 -13.75
C ASP B 204 10.94 -18.19 -14.94
N GLY B 205 11.22 -18.64 -16.16
CA GLY B 205 10.73 -17.95 -17.36
C GLY B 205 11.49 -16.70 -17.74
N VAL B 206 12.61 -16.41 -17.05
CA VAL B 206 13.30 -15.15 -17.34
C VAL B 206 14.33 -15.20 -18.48
N THR B 207 14.63 -16.38 -19.05
CA THR B 207 15.55 -16.46 -20.18
C THR B 207 14.84 -16.54 -21.55
N HIS B 208 13.58 -16.15 -21.62
CA HIS B 208 12.76 -16.22 -22.86
C HIS B 208 13.47 -15.57 -24.06
N THR B 209 13.96 -14.35 -23.87
CA THR B 209 14.67 -13.63 -24.93
C THR B 209 15.92 -14.37 -25.39
N LEU B 210 16.69 -14.95 -24.46
CA LEU B 210 17.85 -15.78 -24.82
C LEU B 210 17.46 -17.04 -25.59
N ARG B 211 16.37 -17.70 -25.17
CA ARG B 211 15.84 -18.87 -25.85
C ARG B 211 15.39 -18.54 -27.27
N LEU B 212 14.76 -17.39 -27.45
CA LEU B 212 14.34 -17.00 -28.77
C LEU B 212 15.48 -16.68 -29.71
N HIS B 213 16.50 -15.97 -29.21
CA HIS B 213 17.46 -15.29 -30.08
C HIS B 213 18.89 -15.86 -30.08
N ALA B 214 19.33 -16.48 -29.00
CA ALA B 214 20.73 -16.89 -28.94
C ALA B 214 20.86 -18.40 -29.16
N LEU B 215 20.00 -19.16 -28.49
CA LEU B 215 20.13 -20.61 -28.46
C LEU B 215 19.99 -21.29 -29.81
N PRO B 216 19.02 -20.88 -30.65
CA PRO B 216 18.91 -21.51 -31.96
C PRO B 216 20.18 -21.53 -32.83
N ASP B 217 21.03 -20.50 -32.77
CA ASP B 217 22.25 -20.48 -33.60
C ASP B 217 23.49 -20.70 -32.75
N GLY B 218 23.32 -21.00 -31.47
CA GLY B 218 24.44 -21.18 -30.57
C GLY B 218 25.26 -19.93 -30.37
N LEU B 219 24.61 -18.77 -30.27
CA LEU B 219 25.34 -17.52 -30.05
C LEU B 219 25.70 -17.41 -28.59
N LEU B 220 26.91 -16.92 -28.31
CA LEU B 220 27.28 -16.51 -26.97
C LEU B 220 26.24 -15.53 -26.46
N ASN B 221 25.89 -15.64 -25.20
CA ASN B 221 24.78 -14.88 -24.68
C ASN B 221 24.80 -14.84 -23.19
N VAL B 222 24.22 -13.80 -22.65
CA VAL B 222 24.13 -13.70 -21.21
C VAL B 222 23.03 -12.73 -20.88
N MET B 223 22.40 -12.94 -19.73
CA MET B 223 21.47 -11.96 -19.16
C MET B 223 22.11 -11.38 -17.90
N ILE B 224 22.09 -10.06 -17.78
CA ILE B 224 22.69 -9.37 -16.63
C ILE B 224 21.60 -8.78 -15.78
N GLU B 225 21.57 -9.16 -14.51
CA GLU B 225 20.63 -8.61 -13.53
C GLU B 225 21.37 -7.70 -12.57
N ILE B 226 20.98 -6.42 -12.58
CA ILE B 226 21.64 -5.41 -11.75
C ILE B 226 20.69 -5.00 -10.63
N ARG B 227 21.11 -5.18 -9.37
CA ARG B 227 20.25 -4.77 -8.26
C ARG B 227 20.06 -3.27 -8.38
N ASN B 228 18.81 -2.81 -8.32
CA ASN B 228 18.49 -1.45 -8.77
C ASN B 228 18.94 -0.34 -7.82
N ASP B 229 19.31 -0.73 -6.60
CA ASP B 229 19.87 0.22 -5.62
C ASP B 229 21.31 0.59 -5.95
N LEU B 230 21.94 -0.16 -6.85
CA LEU B 230 23.31 0.12 -7.28
C LEU B 230 23.43 1.01 -8.53
N ILE B 231 22.30 1.40 -9.11
CA ILE B 231 22.28 2.19 -10.35
C ILE B 231 21.24 3.29 -10.22
N ALA B 232 21.15 3.83 -9.01
CA ALA B 232 20.17 4.87 -8.66
C ALA B 232 20.45 6.21 -9.31
N ASN B 233 21.70 6.46 -9.69
CA ASN B 233 22.09 7.73 -10.28
C ASN B 233 23.08 7.57 -11.42
N GLU B 234 23.31 8.67 -12.15
CA GLU B 234 24.18 8.64 -13.32
C GLU B 234 25.60 8.20 -13.00
N GLY B 235 26.16 8.66 -11.88
CA GLY B 235 27.49 8.27 -11.47
C GLY B 235 27.60 6.78 -11.22
N GLU B 236 26.66 6.24 -10.45
CA GLU B 236 26.58 4.80 -10.17
C GLU B 236 26.37 3.97 -11.45
N GLN B 237 25.51 4.48 -12.32
CA GLN B 237 25.26 3.88 -13.62
C GLN B 237 26.55 3.76 -14.41
N ALA B 238 27.32 4.86 -14.44
CA ALA B 238 28.61 4.86 -15.14
C ALA B 238 29.59 3.88 -14.51
N ALA B 239 29.57 3.81 -13.18
CA ALA B 239 30.49 2.92 -12.44
C ALA B 239 30.19 1.46 -12.76
N ILE B 240 28.91 1.09 -12.67
CA ILE B 240 28.46 -0.27 -12.98
C ILE B 240 28.69 -0.62 -14.45
N ALA B 241 28.40 0.32 -15.35
CA ALA B 241 28.60 0.07 -16.79
C ALA B 241 30.07 -0.19 -17.07
N GLY B 242 30.94 0.62 -16.44
CA GLY B 242 32.38 0.33 -16.42
C GLY B 242 32.74 -1.05 -15.93
N PHE B 243 32.23 -1.44 -14.76
CA PHE B 243 32.50 -2.78 -14.22
C PHE B 243 32.10 -3.88 -15.24
N LEU B 244 30.90 -3.76 -15.80
CA LEU B 244 30.38 -4.79 -16.73
C LEU B 244 31.13 -4.80 -18.06
N HIS B 245 31.53 -3.64 -18.54
CA HIS B 245 32.28 -3.56 -19.79
C HIS B 245 33.62 -4.32 -19.69
N GLU B 246 34.33 -4.07 -18.60
CA GLU B 246 35.58 -4.73 -18.32
C GLU B 246 35.39 -6.23 -18.10
N LEU B 247 34.40 -6.57 -17.26
CA LEU B 247 34.12 -7.97 -16.98
C LEU B 247 33.72 -8.75 -18.22
N MET B 248 32.74 -8.25 -18.96
CA MET B 248 32.27 -8.94 -20.16
C MET B 248 33.33 -8.88 -21.25
N GLY B 249 33.97 -7.72 -21.37
CA GLY B 249 35.00 -7.51 -22.40
C GLY B 249 36.16 -8.48 -22.26
N LYS B 250 36.67 -8.60 -21.05
CA LYS B 250 37.73 -9.58 -20.76
C LYS B 250 37.25 -11.03 -20.92
N ALA B 251 36.02 -11.32 -20.47
CA ALA B 251 35.39 -12.64 -20.65
C ALA B 251 35.41 -13.08 -22.10
N LEU B 252 34.99 -12.18 -22.99
CA LEU B 252 34.88 -12.47 -24.43
C LEU B 252 36.25 -12.73 -25.05
N SER B 253 37.21 -11.92 -24.65
CA SER B 253 38.59 -12.07 -25.12
C SER B 253 39.16 -13.42 -24.74
N SER B 254 38.93 -13.83 -23.50
CA SER B 254 39.45 -15.10 -23.01
C SER B 254 38.75 -16.32 -23.65
N ILE B 255 37.49 -16.16 -24.06
CA ILE B 255 36.78 -17.20 -24.83
C ILE B 255 37.28 -17.25 -26.28
N GLU B 256 37.86 -16.13 -26.74
CA GLU B 256 38.39 -15.93 -28.11
C GLU B 256 37.51 -14.98 -28.89
N PHE C 7 36.51 23.96 8.06
CA PHE C 7 35.12 23.59 7.60
C PHE C 7 35.14 23.16 6.14
N PHE C 8 35.71 23.99 5.27
CA PHE C 8 35.82 23.69 3.84
C PHE C 8 37.28 23.48 3.43
N THR C 9 37.49 22.61 2.45
CA THR C 9 38.74 22.59 1.70
C THR C 9 38.77 23.80 0.79
N GLU C 10 39.96 24.22 0.36
CA GLU C 10 40.09 25.32 -0.60
C GLU C 10 39.36 25.04 -1.93
N ALA C 11 39.43 23.79 -2.41
CA ALA C 11 38.76 23.39 -3.67
C ALA C 11 37.23 23.40 -3.58
N GLU C 12 36.69 23.23 -2.37
CA GLU C 12 35.25 23.22 -2.14
C GLU C 12 34.59 24.58 -2.32
N GLY C 13 35.35 25.64 -2.06
CA GLY C 13 34.86 26.99 -2.32
C GLY C 13 34.16 27.58 -1.12
N LYS C 14 33.24 28.51 -1.40
CA LYS C 14 32.46 29.23 -0.41
C LYS C 14 31.07 28.61 -0.20
N ALA C 15 30.47 28.86 0.96
CA ALA C 15 29.11 28.41 1.24
C ALA C 15 28.09 29.01 0.27
N VAL C 16 28.21 30.31 0.01
CA VAL C 16 27.21 31.06 -0.76
C VAL C 16 27.61 31.27 -2.21
N GLY C 17 26.72 30.86 -3.13
CA GLY C 17 26.89 31.18 -4.52
C GLY C 17 25.98 32.34 -4.88
N VAL C 18 26.47 33.24 -5.70
CA VAL C 18 25.63 34.33 -6.23
C VAL C 18 25.92 34.46 -7.71
N GLU C 19 24.87 34.39 -8.51
CA GLU C 19 24.99 34.63 -9.93
C GLU C 19 24.24 35.89 -10.36
N ASN C 20 24.79 36.55 -11.34
CA ASN C 20 24.17 37.74 -11.86
C ASN C 20 24.03 38.79 -10.79
N ALA C 21 25.07 38.94 -9.99
CA ALA C 21 24.99 39.79 -8.82
C ALA C 21 24.55 41.22 -9.08
N ALA C 22 25.05 41.81 -10.13
CA ALA C 22 24.75 43.19 -10.50
C ALA C 22 23.58 43.26 -11.48
N ALA C 23 22.53 42.46 -11.25
CA ALA C 23 21.40 42.40 -12.18
C ALA C 23 20.48 43.60 -12.00
N LYS C 24 19.90 44.04 -13.11
CA LYS C 24 18.88 45.10 -13.09
C LYS C 24 17.47 44.66 -12.61
N GLY C 25 17.19 43.36 -12.64
CA GLY C 25 15.83 42.84 -12.31
C GLY C 25 15.36 43.13 -10.90
N ASP C 26 14.04 43.23 -10.72
CA ASP C 26 13.44 43.51 -9.42
C ASP C 26 13.33 42.21 -8.62
N VAL C 27 13.31 41.09 -9.33
CA VAL C 27 13.20 39.76 -8.72
C VAL C 27 14.56 39.34 -8.19
N LEU C 28 14.59 38.98 -6.91
CA LEU C 28 15.74 38.35 -6.26
C LEU C 28 15.45 36.85 -6.03
N LEU C 29 16.12 35.97 -6.79
CA LEU C 29 15.90 34.54 -6.70
C LEU C 29 16.76 33.95 -5.59
N VAL C 30 16.18 33.03 -4.83
CA VAL C 30 16.90 32.38 -3.72
C VAL C 30 16.65 30.86 -3.79
N CYS C 31 17.72 30.08 -3.65
CA CYS C 31 17.63 28.63 -3.76
C CYS C 31 18.44 27.97 -2.64
N GLU C 32 17.74 27.71 -1.53
CA GLU C 32 18.38 27.21 -0.34
C GLU C 32 18.87 25.78 -0.49
N HIS C 33 18.14 25.00 -1.30
CA HIS C 33 18.40 23.59 -1.46
C HIS C 33 19.00 23.28 -2.84
N ALA C 34 19.90 24.16 -3.30
CA ALA C 34 20.42 24.10 -4.67
C ALA C 34 21.37 22.95 -4.89
N SER C 35 22.08 22.53 -3.84
CA SER C 35 23.21 21.63 -4.02
C SER C 35 23.25 20.45 -3.06
N ALA C 36 23.62 19.29 -3.59
CA ALA C 36 23.78 18.06 -2.80
C ALA C 36 25.16 17.90 -2.15
N THR C 37 26.09 18.83 -2.39
CA THR C 37 27.49 18.66 -1.98
C THR C 37 27.67 18.57 -0.47
N ILE C 38 28.38 17.53 -0.05
CA ILE C 38 28.79 17.41 1.32
C ILE C 38 30.22 17.88 1.46
N PRO C 39 30.49 18.82 2.39
CA PRO C 39 31.89 19.13 2.59
C PRO C 39 32.70 17.88 2.94
N GLN C 40 33.92 17.80 2.43
CA GLN C 40 34.82 16.65 2.63
C GLN C 40 34.88 16.21 4.10
N LYS C 41 34.93 17.19 4.98
CA LYS C 41 34.89 17.03 6.44
C LYS C 41 33.83 16.06 6.96
N TYR C 42 32.69 15.96 6.28
CA TYR C 42 31.55 15.14 6.76
C TYR C 42 31.45 13.74 6.13
N GLY C 43 32.32 13.46 5.18
CA GLY C 43 32.30 12.17 4.50
C GLY C 43 30.94 11.92 3.88
N THR C 44 30.31 10.82 4.28
CA THR C 44 29.03 10.41 3.71
C THR C 44 27.86 10.71 4.65
N LEU C 45 28.16 11.33 5.79
CA LEU C 45 27.20 11.49 6.88
C LEU C 45 26.56 10.18 7.32
N GLY C 46 27.25 9.06 7.09
CA GLY C 46 26.71 7.74 7.39
C GLY C 46 25.60 7.30 6.44
N LEU C 47 25.52 7.92 5.26
CA LEU C 47 24.45 7.63 4.32
C LEU C 47 24.95 6.78 3.13
N SER C 48 24.04 6.01 2.52
CA SER C 48 24.24 5.36 1.20
C SER C 48 24.47 6.37 0.11
N ALA C 49 25.16 5.96 -0.95
CA ALA C 49 25.33 6.79 -2.15
C ALA C 49 23.97 7.09 -2.79
N ASP C 50 23.07 6.12 -2.68
CA ASP C 50 21.67 6.23 -3.07
C ASP C 50 20.95 7.41 -2.41
N VAL C 51 21.01 7.48 -1.07
CA VAL C 51 20.38 8.58 -0.34
C VAL C 51 21.06 9.91 -0.61
N LEU C 52 22.38 9.87 -0.74
CA LEU C 52 23.18 11.06 -1.01
C LEU C 52 22.88 11.73 -2.37
N SER C 53 22.31 10.97 -3.31
CA SER C 53 21.89 11.51 -4.62
C SER C 53 20.40 11.81 -4.68
N SER C 54 19.68 11.48 -3.62
CA SER C 54 18.23 11.56 -3.61
C SER C 54 17.80 12.95 -3.19
N HIS C 55 16.50 13.16 -3.20
CA HIS C 55 15.94 14.43 -2.79
C HIS C 55 16.18 14.78 -1.31
N ALA C 56 16.68 13.82 -0.54
CA ALA C 56 17.10 14.11 0.84
C ALA C 56 18.22 15.16 0.90
N ALA C 57 19.07 15.18 -0.11
CA ALA C 57 20.32 15.95 -0.07
C ALA C 57 20.20 17.31 -0.74
N TRP C 58 19.21 17.41 -1.66
CA TRP C 58 18.96 18.61 -2.44
C TRP C 58 17.61 18.56 -3.15
N ASP C 59 17.23 19.66 -3.81
CA ASP C 59 16.03 19.73 -4.63
C ASP C 59 16.49 19.53 -6.07
N PRO C 60 16.40 18.28 -6.60
CA PRO C 60 16.81 18.08 -7.99
C PRO C 60 16.13 19.07 -8.93
N GLY C 61 16.90 19.76 -9.77
CA GLY C 61 16.30 20.59 -10.80
C GLY C 61 16.02 22.02 -10.39
N ALA C 62 16.00 22.29 -9.07
CA ALA C 62 15.67 23.62 -8.55
C ALA C 62 16.67 24.70 -8.98
N LEU C 63 17.96 24.42 -8.82
CA LEU C 63 19.03 25.34 -9.23
C LEU C 63 19.06 25.55 -10.75
N ALA C 64 18.96 24.44 -11.50
CA ALA C 64 18.81 24.46 -12.94
C ALA C 64 17.71 25.44 -13.37
N VAL C 65 16.52 25.31 -12.82
CA VAL C 65 15.40 26.23 -13.16
C VAL C 65 15.67 27.68 -12.70
N ALA C 66 16.20 27.83 -11.47
CA ALA C 66 16.53 29.14 -10.91
C ALA C 66 17.48 29.93 -11.83
N ARG C 67 18.46 29.21 -12.37
CA ARG C 67 19.45 29.75 -13.32
C ARG C 67 18.81 30.20 -14.62
N LEU C 68 17.89 29.40 -15.14
CA LEU C 68 17.14 29.82 -16.30
C LEU C 68 16.29 31.06 -15.99
N LEU C 69 15.63 31.06 -14.85
CA LEU C 69 14.85 32.22 -14.41
C LEU C 69 15.71 33.48 -14.15
N SER C 70 16.94 33.28 -13.69
CA SER C 70 17.89 34.40 -13.54
C SER C 70 18.08 35.11 -14.89
N GLU C 71 18.25 34.33 -15.95
CA GLU C 71 18.41 34.89 -17.30
C GLU C 71 17.14 35.61 -17.74
N LYS C 72 16.00 34.95 -17.56
CA LYS C 72 14.72 35.44 -18.08
C LYS C 72 14.24 36.68 -17.39
N PHE C 73 14.42 36.74 -16.08
CA PHE C 73 14.04 37.91 -15.32
C PHE C 73 15.17 38.94 -15.14
N HIS C 74 16.33 38.66 -15.74
CA HIS C 74 17.57 39.39 -15.45
C HIS C 74 17.67 39.65 -13.94
N ALA C 75 17.71 38.54 -13.19
CA ALA C 75 17.54 38.55 -11.74
C ALA C 75 18.77 37.91 -11.11
N THR C 76 19.24 38.52 -10.04
CA THR C 76 20.25 37.94 -9.14
C THR C 76 19.74 36.64 -8.54
N LEU C 77 20.62 35.63 -8.50
CA LEU C 77 20.37 34.35 -7.85
C LEU C 77 21.38 34.12 -6.73
N VAL C 78 20.86 33.95 -5.50
CA VAL C 78 21.68 33.55 -4.35
C VAL C 78 21.30 32.11 -4.03
N TYR C 79 22.30 31.24 -3.96
CA TYR C 79 22.07 29.82 -3.73
C TYR C 79 23.12 29.27 -2.78
N GLN C 80 22.70 28.25 -2.04
CA GLN C 80 23.56 27.55 -1.09
C GLN C 80 24.32 26.43 -1.84
N ARG C 81 25.63 26.35 -1.66
CA ARG C 81 26.48 25.41 -2.41
C ARG C 81 26.71 24.07 -1.72
N PHE C 82 26.14 23.90 -0.53
CA PHE C 82 26.27 22.67 0.25
C PHE C 82 24.91 22.18 0.73
N SER C 83 24.82 20.89 0.96
CA SER C 83 23.57 20.17 1.22
C SER C 83 22.81 20.63 2.48
N ARG C 84 21.50 20.72 2.32
CA ARG C 84 20.56 20.85 3.43
C ARG C 84 20.70 19.76 4.51
N LEU C 85 21.40 18.66 4.22
CA LEU C 85 21.68 17.63 5.23
C LEU C 85 22.65 18.12 6.31
N VAL C 86 23.58 18.99 5.94
CA VAL C 86 24.53 19.52 6.88
C VAL C 86 23.88 20.66 7.70
N TYR C 87 23.29 21.62 6.98
CA TYR C 87 22.45 22.67 7.58
C TYR C 87 21.34 23.01 6.59
N ASP C 88 20.08 22.92 7.02
CA ASP C 88 18.97 23.28 6.18
C ASP C 88 18.75 24.79 6.29
N CYS C 89 19.25 25.54 5.31
CA CYS C 89 19.25 27.01 5.43
C CYS C 89 17.85 27.64 5.49
N ASN C 90 16.81 26.86 5.20
CA ASN C 90 15.42 27.33 5.33
C ASN C 90 14.82 26.92 6.68
N ARG C 91 15.66 26.75 7.70
CA ARG C 91 15.23 26.53 9.08
C ARG C 91 16.14 27.30 10.06
N PRO C 92 15.56 27.82 11.15
CA PRO C 92 16.37 28.47 12.17
C PRO C 92 17.07 27.41 13.03
N PRO C 93 18.13 27.78 13.76
CA PRO C 93 18.88 26.80 14.57
C PRO C 93 18.09 26.05 15.65
N GLU C 94 16.99 26.63 16.13
CA GLU C 94 16.17 25.96 17.19
C GLU C 94 15.19 24.92 16.65
N SER C 95 15.09 24.84 15.32
CA SER C 95 14.27 23.83 14.71
C SER C 95 15.07 22.52 14.65
N PRO C 96 14.44 21.41 15.02
CA PRO C 96 15.06 20.09 14.82
C PRO C 96 15.50 19.85 13.36
N SER C 97 14.79 20.44 12.42
CA SER C 97 15.04 20.27 11.00
C SER C 97 16.30 21.01 10.51
N ALA C 98 16.84 21.93 11.29
CA ALA C 98 18.02 22.68 10.86
C ALA C 98 19.18 21.74 10.59
N MET C 99 19.41 20.81 11.52
CA MET C 99 20.48 19.82 11.40
C MET C 99 19.81 18.47 11.68
N PRO C 100 19.19 17.90 10.66
CA PRO C 100 18.18 16.89 10.88
C PRO C 100 18.77 15.54 11.19
N VAL C 101 18.24 14.86 12.18
CA VAL C 101 18.61 13.47 12.43
C VAL C 101 17.93 12.46 11.51
N LYS C 102 16.89 12.90 10.83
CA LYS C 102 16.14 12.11 9.90
C LYS C 102 15.62 12.98 8.77
N SER C 103 15.70 12.51 7.55
CA SER C 103 14.99 13.14 6.45
C SER C 103 13.91 12.22 6.01
N GLU C 104 12.70 12.71 5.97
CA GLU C 104 11.53 11.90 5.64
C GLU C 104 11.65 10.45 6.08
N ILE C 105 12.24 9.63 5.24
CA ILE C 105 12.38 8.22 5.53
C ILE C 105 13.69 7.79 6.13
N TYR C 106 14.75 8.55 5.89
CA TYR C 106 16.09 8.09 6.16
C TYR C 106 16.71 8.75 7.38
N ASP C 107 17.24 7.93 8.28
CA ASP C 107 18.07 8.39 9.37
C ASP C 107 19.35 8.98 8.81
N ILE C 108 19.85 10.02 9.48
CA ILE C 108 21.11 10.65 9.10
C ILE C 108 22.11 10.48 10.26
N PRO C 109 22.82 9.32 10.30
CA PRO C 109 23.73 9.03 11.40
C PRO C 109 24.75 10.13 11.70
N GLY C 110 25.27 10.77 10.66
CA GLY C 110 26.24 11.80 10.80
C GLY C 110 25.75 13.03 11.55
N ASN C 111 24.43 13.16 11.72
CA ASN C 111 23.82 14.26 12.46
C ASN C 111 23.35 13.83 13.84
N PHE C 112 23.58 12.57 14.23
CA PHE C 112 23.14 12.13 15.57
C PHE C 112 23.97 12.83 16.64
N ASP C 113 23.28 13.36 17.66
CA ASP C 113 23.93 13.86 18.85
C ASP C 113 25.09 14.82 18.57
N LEU C 114 24.84 15.87 17.78
CA LEU C 114 25.86 16.88 17.55
C LEU C 114 26.15 17.71 18.80
N ASP C 115 27.41 17.86 19.15
CA ASP C 115 27.79 18.68 20.28
C ASP C 115 27.68 20.18 19.94
N GLU C 116 27.86 21.01 20.96
CA GLU C 116 27.64 22.43 20.85
C GLU C 116 28.62 23.08 19.87
N ALA C 117 29.87 22.64 19.87
CA ALA C 117 30.85 23.17 18.95
C ALA C 117 30.46 22.87 17.50
N GLU C 118 29.92 21.67 17.25
CA GLU C 118 29.53 21.28 15.90
C GLU C 118 28.29 22.01 15.42
N ARG C 119 27.33 22.19 16.30
CA ARG C 119 26.15 22.94 15.96
C ARG C 119 26.57 24.36 15.60
N PHE C 120 27.48 24.94 16.38
CA PHE C 120 27.91 26.32 16.14
C PHE C 120 28.61 26.38 14.80
N ALA C 121 29.51 25.44 14.58
CA ALA C 121 30.29 25.37 13.34
C ALA C 121 29.42 25.41 12.11
N ARG C 122 28.33 24.63 12.10
CA ARG C 122 27.43 24.58 10.96
C ARG C 122 26.61 25.83 10.81
N THR C 123 26.11 26.36 11.93
CA THR C 123 25.34 27.59 11.95
C THR C 123 26.21 28.74 11.42
N SER C 124 27.46 28.80 11.89
CA SER C 124 28.38 29.87 11.46
C SER C 124 28.87 29.78 10.00
N ALA C 125 29.09 28.56 9.53
CA ALA C 125 29.67 28.34 8.22
C ALA C 125 28.66 28.43 7.09
N LEU C 126 27.44 27.95 7.33
CA LEU C 126 26.46 27.75 6.25
C LEU C 126 25.26 28.69 6.36
N TYR C 127 24.66 28.75 7.54
CA TYR C 127 23.38 29.45 7.74
C TYR C 127 23.53 30.95 7.74
N VAL C 128 24.37 31.47 8.64
CA VAL C 128 24.51 32.90 8.81
C VAL C 128 25.07 33.60 7.56
N PRO C 129 26.14 33.05 6.93
CA PRO C 129 26.61 33.68 5.69
C PRO C 129 25.56 33.78 4.57
N PHE C 130 24.76 32.73 4.39
CA PHE C 130 23.75 32.67 3.36
C PHE C 130 22.72 33.76 3.58
N HIS C 131 22.15 33.83 4.79
CA HIS C 131 21.11 34.83 5.08
C HIS C 131 21.66 36.25 5.21
N ASP C 132 22.90 36.39 5.70
CA ASP C 132 23.59 37.68 5.66
C ASP C 132 23.72 38.23 4.24
N ARG C 133 24.08 37.37 3.30
CA ARG C 133 24.24 37.80 1.90
C ARG C 133 22.91 38.26 1.26
N VAL C 134 21.86 37.45 1.46
CA VAL C 134 20.53 37.84 1.01
C VAL C 134 20.11 39.19 1.64
N SER C 135 20.31 39.32 2.94
CA SER C 135 19.95 40.56 3.63
C SER C 135 20.72 41.79 3.10
N GLU C 136 21.99 41.60 2.83
CA GLU C 136 22.82 42.66 2.30
C GLU C 136 22.36 43.09 0.92
N ILE C 137 22.10 42.13 0.06
CA ILE C 137 21.60 42.45 -1.28
C ILE C 137 20.29 43.23 -1.16
N ILE C 138 19.36 42.76 -0.31
CA ILE C 138 18.06 43.44 -0.13
C ILE C 138 18.24 44.87 0.37
N ALA C 139 19.08 45.04 1.39
CA ALA C 139 19.36 46.37 1.96
C ALA C 139 19.94 47.33 0.93
N GLU C 140 20.94 46.88 0.18
CA GLU C 140 21.54 47.67 -0.90
C GLU C 140 20.52 48.13 -1.94
N ARG C 141 19.75 47.18 -2.46
CA ARG C 141 18.73 47.48 -3.46
C ARG C 141 17.79 48.55 -2.92
N GLN C 142 17.33 48.36 -1.69
CA GLN C 142 16.45 49.32 -1.05
C GLN C 142 17.09 50.70 -0.89
N ALA C 143 18.38 50.74 -0.56
CA ALA C 143 19.11 52.01 -0.49
C ALA C 143 19.15 52.73 -1.85
N ALA C 144 19.23 51.96 -2.93
CA ALA C 144 19.18 52.49 -4.31
C ALA C 144 17.75 52.85 -4.79
N GLY C 145 16.74 52.65 -3.95
CA GLY C 145 15.35 52.97 -4.29
C GLY C 145 14.69 51.88 -5.11
N ARG C 146 15.35 50.73 -5.20
CA ARG C 146 14.92 49.66 -6.08
C ARG C 146 13.81 48.80 -5.46
N LYS C 147 12.95 48.25 -6.33
CA LYS C 147 11.93 47.29 -5.92
C LYS C 147 12.60 45.94 -5.75
N VAL C 148 12.23 45.22 -4.68
CA VAL C 148 12.73 43.85 -4.47
C VAL C 148 11.54 42.90 -4.36
N VAL C 149 11.54 41.86 -5.18
CA VAL C 149 10.55 40.77 -5.08
C VAL C 149 11.34 39.50 -4.69
N VAL C 150 11.06 38.97 -3.49
CA VAL C 150 11.80 37.79 -2.98
C VAL C 150 11.13 36.51 -3.45
N VAL C 151 11.82 35.76 -4.29
CA VAL C 151 11.28 34.55 -4.88
C VAL C 151 12.19 33.35 -4.59
N THR C 152 11.68 32.35 -3.88
CA THR C 152 12.47 31.15 -3.64
C THR C 152 12.01 30.02 -4.57
N ILE C 153 12.96 29.16 -4.92
CA ILE C 153 12.78 28.13 -5.93
C ILE C 153 13.15 26.78 -5.31
N HIS C 154 12.14 25.91 -5.19
CA HIS C 154 12.31 24.56 -4.64
C HIS C 154 11.74 23.54 -5.62
N SER C 155 12.11 22.28 -5.44
CA SER C 155 11.42 21.17 -6.09
C SER C 155 11.01 20.15 -5.03
N PHE C 156 9.97 19.37 -5.35
CA PHE C 156 9.48 18.37 -4.43
C PHE C 156 9.31 17.03 -5.13
N THR C 157 9.39 15.97 -4.34
CA THR C 157 9.38 14.61 -4.85
C THR C 157 7.93 14.24 -5.19
N PRO C 158 7.70 13.51 -6.30
CA PRO C 158 6.34 13.15 -6.70
C PRO C 158 5.53 12.33 -5.69
N VAL C 159 6.17 11.39 -5.01
CA VAL C 159 5.43 10.47 -4.16
C VAL C 159 5.82 10.71 -2.71
N TYR C 160 4.82 10.86 -1.86
CA TYR C 160 5.03 11.11 -0.44
C TYR C 160 4.19 10.14 0.39
N HIS C 161 4.85 9.42 1.31
CA HIS C 161 4.21 8.35 2.07
C HIS C 161 3.38 7.49 1.11
N GLY C 162 4.07 6.97 0.09
CA GLY C 162 3.46 6.11 -0.92
C GLY C 162 2.25 6.64 -1.66
N ARG C 163 2.13 7.95 -1.78
CA ARG C 163 1.10 8.57 -2.61
C ARG C 163 1.75 9.55 -3.57
N PHE C 164 1.49 9.39 -4.87
CA PHE C 164 1.93 10.35 -5.87
C PHE C 164 1.14 11.68 -5.75
N ARG C 165 1.82 12.82 -5.81
CA ARG C 165 1.20 14.16 -5.69
C ARG C 165 0.78 14.74 -7.04
N GLU C 166 -0.50 15.12 -7.17
CA GLU C 166 -1.04 15.70 -8.43
C GLU C 166 -0.69 17.17 -8.65
N VAL C 167 -0.45 17.90 -7.56
CA VAL C 167 0.03 19.27 -7.69
C VAL C 167 1.36 19.25 -8.45
N GLU C 168 1.46 20.11 -9.46
CA GLU C 168 2.63 20.22 -10.32
C GLU C 168 3.45 21.45 -9.95
N ILE C 169 2.78 22.58 -9.75
CA ILE C 169 3.45 23.79 -9.27
C ILE C 169 2.75 24.22 -8.00
N GLY C 170 3.53 24.37 -6.94
CA GLY C 170 3.04 24.88 -5.69
C GLY C 170 3.35 26.34 -5.55
N ILE C 171 2.38 27.11 -5.07
CA ILE C 171 2.52 28.53 -4.82
C ILE C 171 2.40 28.71 -3.31
N LEU C 172 3.55 28.93 -2.66
CA LEU C 172 3.62 28.95 -1.21
C LEU C 172 3.88 30.36 -0.69
N HIS C 173 3.31 30.67 0.46
CA HIS C 173 3.41 32.01 0.97
C HIS C 173 3.05 32.03 2.42
N ASP C 174 3.52 33.07 3.08
CA ASP C 174 3.22 33.31 4.45
C ASP C 174 2.03 34.31 4.53
N ASN C 175 1.97 35.12 5.59
CA ASN C 175 0.87 36.09 5.76
C ASN C 175 0.57 36.98 4.57
N ASP C 176 1.60 37.36 3.83
CA ASP C 176 1.43 38.22 2.66
C ASP C 176 1.18 37.35 1.44
N SER C 177 -0.02 37.50 0.85
CA SER C 177 -0.44 36.65 -0.27
C SER C 177 -0.58 37.40 -1.58
N ARG C 178 -0.07 38.63 -1.63
CA ARG C 178 -0.34 39.47 -2.79
C ARG C 178 0.15 38.86 -4.07
N LEU C 179 1.41 38.43 -4.11
CA LEU C 179 1.94 37.79 -5.31
C LEU C 179 1.35 36.38 -5.51
N ALA C 180 1.19 35.62 -4.42
CA ALA C 180 0.62 34.27 -4.52
C ALA C 180 -0.78 34.32 -5.16
N ASP C 181 -1.62 35.24 -4.66
CA ASP C 181 -3.01 35.44 -5.15
C ASP C 181 -3.06 35.75 -6.64
N ALA C 182 -2.21 36.66 -7.10
CA ALA C 182 -2.13 36.99 -8.54
C ALA C 182 -1.66 35.83 -9.40
N MET C 183 -0.74 35.00 -8.89
CA MET C 183 -0.19 33.87 -9.68
C MET C 183 -1.22 32.71 -9.77
N LEU C 184 -1.95 32.50 -8.67
CA LEU C 184 -3.01 31.52 -8.58
C LEU C 184 -4.18 31.89 -9.51
N ALA C 185 -4.58 33.16 -9.49
CA ALA C 185 -5.53 33.72 -10.47
C ALA C 185 -5.02 33.54 -11.90
N GLY C 186 -3.75 33.86 -12.13
CA GLY C 186 -3.14 33.66 -13.45
C GLY C 186 -3.04 32.23 -13.92
N ALA C 187 -3.11 31.26 -13.02
CA ALA C 187 -3.05 29.84 -13.39
C ALA C 187 -4.40 29.34 -13.95
N GLU C 188 -5.41 30.18 -13.93
CA GLU C 188 -6.72 29.83 -14.52
C GLU C 188 -6.55 29.61 -16.01
N GLY C 189 -6.82 28.39 -16.48
CA GLY C 189 -6.65 28.04 -17.89
C GLY C 189 -5.30 27.43 -18.24
N ALA C 190 -4.37 27.42 -17.29
CA ALA C 190 -3.04 26.84 -17.51
C ALA C 190 -3.14 25.34 -17.64
N SER C 191 -2.28 24.78 -18.49
CA SER C 191 -2.19 23.34 -18.66
C SER C 191 -1.73 22.63 -17.38
N LEU C 192 -0.94 23.33 -16.56
CA LEU C 192 -0.39 22.75 -15.34
C LEU C 192 -1.33 22.89 -14.16
N THR C 193 -1.22 21.97 -13.23
CA THR C 193 -1.96 22.06 -11.97
C THR C 193 -1.15 22.85 -10.94
N VAL C 194 -1.66 24.03 -10.57
CA VAL C 194 -0.99 24.93 -9.62
C VAL C 194 -1.89 25.21 -8.42
N ARG C 195 -1.34 24.97 -7.22
CA ARG C 195 -2.10 25.04 -5.98
C ARG C 195 -1.37 25.81 -4.88
N ARG C 196 -2.17 26.48 -4.05
CA ARG C 196 -1.72 27.25 -2.90
C ARG C 196 -1.21 26.38 -1.72
N ASN C 197 -0.04 26.73 -1.21
CA ASN C 197 0.55 26.06 -0.04
C ASN C 197 0.39 24.55 -0.08
N ASP C 198 0.88 23.99 -1.17
CA ASP C 198 0.73 22.60 -1.50
C ASP C 198 1.99 22.27 -2.32
N PRO C 199 2.76 21.27 -1.90
CA PRO C 199 2.55 20.27 -0.85
C PRO C 199 2.86 20.69 0.59
N TYR C 200 3.33 21.91 0.81
CA TYR C 200 3.62 22.38 2.18
C TYR C 200 3.20 23.81 2.34
N GLY C 201 3.13 24.23 3.61
CA GLY C 201 2.80 25.60 3.97
C GLY C 201 3.56 26.10 5.19
N PRO C 202 3.27 27.33 5.62
CA PRO C 202 3.98 27.94 6.75
C PRO C 202 4.06 27.03 7.97
N GLU C 203 2.98 26.30 8.23
CA GLU C 203 2.89 25.36 9.35
C GLU C 203 3.98 24.27 9.34
N ASP C 204 4.50 23.97 8.15
CA ASP C 204 5.53 22.96 7.99
C ASP C 204 6.96 23.53 8.15
N GLY C 205 7.08 24.82 8.43
CA GLY C 205 8.39 25.43 8.68
C GLY C 205 9.08 25.88 7.42
N VAL C 206 8.39 25.78 6.28
CA VAL C 206 9.01 25.99 4.99
C VAL C 206 9.08 27.44 4.53
N THR C 207 8.56 28.39 5.31
CA THR C 207 8.61 29.81 4.89
C THR C 207 9.62 30.66 5.66
N HIS C 208 10.63 30.01 6.24
CA HIS C 208 11.61 30.69 7.08
C HIS C 208 12.30 31.83 6.31
N THR C 209 12.76 31.52 5.12
CA THR C 209 13.46 32.51 4.26
C THR C 209 12.56 33.71 3.97
N LEU C 210 11.26 33.45 3.76
CA LEU C 210 10.32 34.52 3.50
C LEU C 210 10.10 35.36 4.75
N ARG C 211 9.99 34.71 5.89
CA ARG C 211 9.83 35.41 7.15
C ARG C 211 11.03 36.28 7.50
N LEU C 212 12.22 35.79 7.19
CA LEU C 212 13.45 36.54 7.49
C LEU C 212 13.58 37.75 6.59
N HIS C 213 13.29 37.59 5.32
CA HIS C 213 13.71 38.56 4.30
C HIS C 213 12.64 39.38 3.62
N ALA C 214 11.40 38.90 3.61
CA ALA C 214 10.34 39.55 2.83
C ALA C 214 9.35 40.28 3.71
N LEU C 215 8.99 39.64 4.81
CA LEU C 215 7.93 40.16 5.66
C LEU C 215 8.29 41.46 6.39
N PRO C 216 9.52 41.56 6.96
CA PRO C 216 9.85 42.77 7.70
C PRO C 216 9.61 44.08 6.92
N ASP C 217 9.94 44.13 5.65
CA ASP C 217 9.73 45.33 4.86
C ASP C 217 8.50 45.25 3.92
N GLY C 218 7.60 44.31 4.18
CA GLY C 218 6.43 44.12 3.33
C GLY C 218 6.76 43.95 1.86
N LEU C 219 7.84 43.22 1.55
CA LEU C 219 8.20 42.94 0.14
C LEU C 219 7.30 41.88 -0.49
N LEU C 220 7.00 42.06 -1.78
CA LEU C 220 6.31 41.06 -2.58
C LEU C 220 7.15 39.79 -2.54
N ASN C 221 6.51 38.64 -2.35
CA ASN C 221 7.26 37.40 -2.19
C ASN C 221 6.47 36.13 -2.49
N VAL C 222 7.20 35.11 -2.92
CA VAL C 222 6.60 33.80 -3.15
C VAL C 222 7.67 32.69 -3.13
N MET C 223 7.27 31.52 -2.65
CA MET C 223 8.11 30.33 -2.71
C MET C 223 7.47 29.44 -3.79
N ILE C 224 8.24 29.09 -4.82
CA ILE C 224 7.74 28.25 -5.89
C ILE C 224 8.21 26.82 -5.58
N GLU C 225 7.27 25.88 -5.61
CA GLU C 225 7.56 24.45 -5.58
C GLU C 225 7.21 23.81 -6.94
N ILE C 226 8.13 23.00 -7.47
CA ILE C 226 7.98 22.32 -8.75
C ILE C 226 8.18 20.82 -8.54
N ARG C 227 7.21 20.01 -8.96
CA ARG C 227 7.36 18.57 -8.84
C ARG C 227 8.53 18.12 -9.68
N ASN C 228 9.45 17.39 -9.06
CA ASN C 228 10.79 17.28 -9.67
C ASN C 228 10.84 16.42 -10.93
N ASP C 229 9.78 15.68 -11.23
CA ASP C 229 9.73 14.94 -12.50
C ASP C 229 9.43 15.87 -13.70
N LEU C 230 8.93 17.06 -13.42
CA LEU C 230 8.66 18.04 -14.47
C LEU C 230 9.93 18.78 -14.96
N ILE C 231 11.05 18.59 -14.26
CA ILE C 231 12.30 19.31 -14.55
C ILE C 231 13.51 18.38 -14.50
N ALA C 232 13.33 17.20 -15.09
CA ALA C 232 14.30 16.11 -15.01
C ALA C 232 15.41 16.24 -16.05
N ASN C 233 15.17 17.06 -17.07
CA ASN C 233 16.17 17.27 -18.11
C ASN C 233 16.14 18.71 -18.59
N GLU C 234 17.04 19.08 -19.47
CA GLU C 234 17.18 20.47 -19.90
C GLU C 234 15.96 21.03 -20.65
N GLY C 235 15.35 20.24 -21.51
CA GLY C 235 14.11 20.67 -22.18
C GLY C 235 12.96 20.92 -21.21
N GLU C 236 12.78 20.01 -20.26
CA GLU C 236 11.72 20.15 -19.27
C GLU C 236 11.98 21.42 -18.42
N GLN C 237 13.24 21.62 -18.03
CA GLN C 237 13.68 22.79 -17.30
C GLN C 237 13.34 24.10 -18.01
N ALA C 238 13.64 24.15 -19.31
CA ALA C 238 13.34 25.34 -20.11
C ALA C 238 11.83 25.57 -20.20
N ALA C 239 11.08 24.49 -20.43
CA ALA C 239 9.62 24.57 -20.54
C ALA C 239 8.99 25.11 -19.25
N ILE C 240 9.40 24.54 -18.12
CA ILE C 240 8.89 25.01 -16.82
C ILE C 240 9.33 26.44 -16.51
N ALA C 241 10.58 26.77 -16.83
CA ALA C 241 11.09 28.13 -16.61
C ALA C 241 10.28 29.14 -17.43
N GLY C 242 10.01 28.80 -18.70
CA GLY C 242 9.15 29.63 -19.54
C GLY C 242 7.79 29.83 -18.91
N PHE C 243 7.17 28.73 -18.49
CA PHE C 243 5.85 28.80 -17.85
C PHE C 243 5.88 29.77 -16.67
N LEU C 244 6.87 29.59 -15.77
CA LEU C 244 6.93 30.40 -14.54
C LEU C 244 7.22 31.90 -14.79
N HIS C 245 8.02 32.18 -15.80
CA HIS C 245 8.31 33.55 -16.19
C HIS C 245 7.04 34.28 -16.70
N GLU C 246 6.30 33.60 -17.58
CA GLU C 246 5.00 34.08 -18.07
C GLU C 246 4.07 34.28 -16.88
N LEU C 247 3.96 33.27 -16.04
CA LEU C 247 3.05 33.32 -14.91
C LEU C 247 3.42 34.41 -13.93
N MET C 248 4.67 34.43 -13.44
CA MET C 248 5.09 35.44 -12.46
C MET C 248 5.13 36.85 -13.05
N GLY C 249 5.58 36.97 -14.28
CA GLY C 249 5.70 38.28 -14.92
C GLY C 249 4.34 38.98 -15.09
N LYS C 250 3.36 38.23 -15.58
CA LYS C 250 1.99 38.75 -15.75
C LYS C 250 1.38 39.09 -14.42
N ALA C 251 1.64 38.22 -13.43
CA ALA C 251 1.16 38.46 -12.07
C ALA C 251 1.72 39.78 -11.50
N LEU C 252 3.02 39.99 -11.62
CA LEU C 252 3.65 41.22 -11.16
C LEU C 252 3.10 42.41 -11.93
N SER C 253 2.94 42.28 -13.22
CA SER C 253 2.31 43.36 -14.00
C SER C 253 0.91 43.65 -13.51
N SER C 254 0.16 42.60 -13.21
CA SER C 254 -1.25 42.75 -12.79
C SER C 254 -1.39 43.48 -11.46
N ILE C 255 -0.44 43.30 -10.56
CA ILE C 255 -0.52 43.94 -9.24
C ILE C 255 0.47 45.10 -9.17
N PHE D 7 -44.79 10.41 -25.60
CA PHE D 7 -43.51 10.93 -25.03
C PHE D 7 -42.34 10.20 -25.67
N PHE D 8 -42.35 8.86 -25.59
CA PHE D 8 -41.26 8.03 -26.15
C PHE D 8 -41.70 7.33 -27.43
N THR D 9 -40.72 7.07 -28.31
CA THR D 9 -40.93 6.15 -29.42
C THR D 9 -40.79 4.73 -28.88
N GLU D 10 -41.41 3.77 -29.57
CA GLU D 10 -41.26 2.36 -29.21
C GLU D 10 -39.78 1.94 -29.13
N ALA D 11 -38.97 2.34 -30.09
CA ALA D 11 -37.55 1.96 -30.07
C ALA D 11 -36.80 2.55 -28.86
N GLU D 12 -37.27 3.70 -28.37
CA GLU D 12 -36.58 4.39 -27.26
C GLU D 12 -36.65 3.68 -25.92
N GLY D 13 -37.72 2.91 -25.72
CA GLY D 13 -37.86 2.09 -24.54
C GLY D 13 -38.45 2.89 -23.39
N LYS D 14 -38.11 2.47 -22.16
CA LYS D 14 -38.73 3.01 -20.94
C LYS D 14 -37.81 4.03 -20.27
N ALA D 15 -38.38 4.90 -19.45
CA ALA D 15 -37.56 5.89 -18.76
C ALA D 15 -36.60 5.23 -17.76
N VAL D 16 -37.11 4.23 -17.05
CA VAL D 16 -36.37 3.63 -15.95
C VAL D 16 -35.69 2.32 -16.36
N GLY D 17 -34.39 2.23 -16.09
CA GLY D 17 -33.65 1.01 -16.24
C GLY D 17 -33.47 0.38 -14.88
N VAL D 18 -33.59 -0.95 -14.81
CA VAL D 18 -33.28 -1.65 -13.58
C VAL D 18 -32.46 -2.87 -13.97
N GLU D 19 -31.35 -3.07 -13.27
CA GLU D 19 -30.50 -4.22 -13.50
C GLU D 19 -30.37 -4.97 -12.18
N ASN D 20 -30.33 -6.29 -12.25
CA ASN D 20 -30.31 -7.13 -11.06
C ASN D 20 -31.44 -6.84 -10.13
N ALA D 21 -32.65 -6.80 -10.62
CA ALA D 21 -33.82 -6.40 -9.83
C ALA D 21 -33.98 -7.28 -8.61
N ALA D 22 -33.80 -8.59 -8.78
CA ALA D 22 -33.98 -9.52 -7.66
C ALA D 22 -32.64 -9.88 -6.98
N ALA D 23 -31.83 -8.88 -6.66
CA ALA D 23 -30.51 -9.12 -6.08
C ALA D 23 -30.61 -9.35 -4.58
N LYS D 24 -29.69 -10.16 -4.04
CA LYS D 24 -29.65 -10.46 -2.61
C LYS D 24 -28.89 -9.41 -1.82
N GLY D 25 -28.18 -8.53 -2.50
CA GLY D 25 -27.33 -7.55 -1.83
C GLY D 25 -28.13 -6.50 -1.11
N ASP D 26 -27.52 -5.95 -0.06
CA ASP D 26 -28.13 -4.91 0.75
C ASP D 26 -28.02 -3.53 0.14
N VAL D 27 -27.02 -3.32 -0.72
CA VAL D 27 -26.81 -2.04 -1.37
C VAL D 27 -27.78 -1.90 -2.55
N LEU D 28 -28.41 -0.73 -2.64
CA LEU D 28 -29.27 -0.37 -3.76
C LEU D 28 -28.59 0.80 -4.45
N LEU D 29 -28.09 0.53 -5.66
CA LEU D 29 -27.41 1.53 -6.47
C LEU D 29 -28.40 2.36 -7.29
N VAL D 30 -28.18 3.68 -7.30
CA VAL D 30 -29.03 4.65 -8.03
C VAL D 30 -28.11 5.56 -8.88
N CYS D 31 -28.47 5.74 -10.15
CA CYS D 31 -27.69 6.51 -11.10
C CYS D 31 -28.64 7.40 -11.91
N GLU D 32 -28.89 8.61 -11.40
CA GLU D 32 -29.79 9.56 -12.02
C GLU D 32 -29.27 10.13 -13.36
N HIS D 33 -27.96 10.29 -13.45
CA HIS D 33 -27.36 10.93 -14.62
C HIS D 33 -26.62 9.90 -15.51
N ALA D 34 -27.23 8.73 -15.59
CA ALA D 34 -26.69 7.58 -16.28
C ALA D 34 -26.57 7.74 -17.79
N SER D 35 -27.52 8.47 -18.41
CA SER D 35 -27.62 8.46 -19.86
C SER D 35 -27.76 9.84 -20.51
N ALA D 36 -27.08 10.04 -21.65
CA ALA D 36 -27.18 11.28 -22.43
C ALA D 36 -28.33 11.31 -23.43
N THR D 37 -29.10 10.22 -23.52
CA THR D 37 -30.15 10.10 -24.53
C THR D 37 -31.23 11.18 -24.43
N ILE D 38 -31.45 11.85 -25.55
CA ILE D 38 -32.54 12.78 -25.70
C ILE D 38 -33.67 12.04 -26.40
N PRO D 39 -34.88 12.04 -25.79
CA PRO D 39 -36.00 11.45 -26.51
C PRO D 39 -36.23 12.12 -27.87
N GLN D 40 -36.64 11.35 -28.86
CA GLN D 40 -36.72 11.81 -30.26
C GLN D 40 -37.54 13.06 -30.38
N LYS D 41 -38.63 13.09 -29.63
CA LYS D 41 -39.51 14.23 -29.55
C LYS D 41 -38.80 15.59 -29.36
N TYR D 42 -37.66 15.60 -28.67
CA TYR D 42 -37.01 16.87 -28.34
C TYR D 42 -35.87 17.23 -29.27
N GLY D 43 -35.53 16.35 -30.20
CA GLY D 43 -34.45 16.66 -31.16
C GLY D 43 -33.14 16.93 -30.44
N THR D 44 -32.53 18.07 -30.75
CA THR D 44 -31.28 18.48 -30.16
C THR D 44 -31.42 19.41 -28.94
N LEU D 45 -32.67 19.75 -28.59
CA LEU D 45 -32.99 20.83 -27.61
C LEU D 45 -32.36 22.18 -27.96
N GLY D 46 -32.00 22.36 -29.23
CA GLY D 46 -31.32 23.56 -29.68
C GLY D 46 -29.85 23.61 -29.35
N LEU D 47 -29.25 22.47 -29.00
CA LEU D 47 -27.88 22.44 -28.53
C LEU D 47 -26.98 21.88 -29.64
N SER D 48 -25.69 22.18 -29.50
CA SER D 48 -24.65 21.68 -30.39
C SER D 48 -24.28 20.24 -30.07
N ALA D 49 -23.71 19.57 -31.08
CA ALA D 49 -23.21 18.20 -30.92
C ALA D 49 -22.22 18.09 -29.78
N ASP D 50 -21.33 19.07 -29.65
CA ASP D 50 -20.32 19.03 -28.62
C ASP D 50 -20.95 19.11 -27.24
N VAL D 51 -21.92 20.00 -27.05
CA VAL D 51 -22.64 20.05 -25.79
C VAL D 51 -23.43 18.74 -25.52
N LEU D 52 -24.08 18.19 -26.54
CA LEU D 52 -24.90 16.98 -26.37
C LEU D 52 -24.09 15.75 -25.97
N SER D 53 -22.79 15.78 -26.26
CA SER D 53 -21.85 14.68 -25.96
C SER D 53 -20.97 15.03 -24.77
N SER D 54 -21.25 16.15 -24.12
CA SER D 54 -20.51 16.57 -22.96
C SER D 54 -21.17 16.14 -21.65
N HIS D 55 -20.48 16.44 -20.56
CA HIS D 55 -21.02 16.24 -19.21
C HIS D 55 -22.29 17.04 -18.89
N ALA D 56 -22.65 18.00 -19.73
CA ALA D 56 -23.94 18.67 -19.59
C ALA D 56 -25.09 17.67 -19.68
N ALA D 57 -24.92 16.62 -20.48
CA ALA D 57 -26.01 15.71 -20.83
C ALA D 57 -26.09 14.45 -19.96
N TRP D 58 -24.98 14.11 -19.31
CA TRP D 58 -24.83 12.88 -18.51
C TRP D 58 -23.55 12.95 -17.69
N ASP D 59 -23.41 12.01 -16.75
CA ASP D 59 -22.16 11.81 -16.02
C ASP D 59 -21.34 10.73 -16.74
N PRO D 60 -20.38 11.10 -17.62
CA PRO D 60 -19.57 10.04 -18.25
C PRO D 60 -18.98 9.08 -17.24
N GLY D 61 -19.14 7.77 -17.44
CA GLY D 61 -18.48 6.76 -16.65
C GLY D 61 -19.27 6.25 -15.47
N ALA D 62 -20.27 7.04 -15.06
CA ALA D 62 -20.99 6.76 -13.83
C ALA D 62 -21.76 5.45 -13.95
N LEU D 63 -22.57 5.33 -15.00
CA LEU D 63 -23.31 4.07 -15.24
C LEU D 63 -22.35 2.86 -15.37
N ALA D 64 -21.22 3.07 -16.02
CA ALA D 64 -20.23 1.98 -16.20
C ALA D 64 -19.72 1.46 -14.83
N VAL D 65 -19.33 2.40 -13.95
CA VAL D 65 -18.92 2.06 -12.57
C VAL D 65 -20.07 1.45 -11.77
N ALA D 66 -21.27 2.07 -11.86
CA ALA D 66 -22.44 1.52 -11.19
C ALA D 66 -22.70 0.07 -11.60
N ARG D 67 -22.57 -0.23 -12.88
CA ARG D 67 -22.76 -1.60 -13.37
C ARG D 67 -21.72 -2.58 -12.77
N LEU D 68 -20.48 -2.12 -12.62
CA LEU D 68 -19.45 -2.94 -11.99
C LEU D 68 -19.73 -3.14 -10.51
N LEU D 69 -20.21 -2.07 -9.84
CA LEU D 69 -20.59 -2.17 -8.43
C LEU D 69 -21.79 -3.08 -8.24
N SER D 70 -22.73 -3.03 -9.17
CA SER D 70 -23.86 -3.96 -9.15
C SER D 70 -23.40 -5.42 -9.08
N GLU D 71 -22.43 -5.73 -9.93
CA GLU D 71 -21.77 -7.06 -9.96
C GLU D 71 -21.08 -7.35 -8.62
N LYS D 72 -20.25 -6.43 -8.15
CA LYS D 72 -19.45 -6.65 -6.94
C LYS D 72 -20.27 -6.77 -5.64
N PHE D 73 -21.34 -5.96 -5.54
CA PHE D 73 -22.19 -5.93 -4.35
C PHE D 73 -23.37 -6.88 -4.46
N HIS D 74 -23.53 -7.57 -5.60
CA HIS D 74 -24.76 -8.30 -5.93
C HIS D 74 -25.94 -7.43 -5.61
N ALA D 75 -25.90 -6.22 -6.18
CA ALA D 75 -26.83 -5.15 -5.86
C ALA D 75 -27.67 -4.76 -7.07
N THR D 76 -28.93 -4.47 -6.78
CA THR D 76 -29.84 -3.91 -7.78
C THR D 76 -29.34 -2.54 -8.16
N LEU D 77 -29.43 -2.22 -9.46
CA LEU D 77 -29.12 -0.89 -9.93
C LEU D 77 -30.35 -0.28 -10.62
N VAL D 78 -30.73 0.92 -10.16
CA VAL D 78 -31.80 1.67 -10.81
C VAL D 78 -31.18 2.86 -11.51
N TYR D 79 -31.46 3.02 -12.79
CA TYR D 79 -30.90 4.13 -13.55
C TYR D 79 -31.86 4.77 -14.54
N GLN D 80 -31.62 6.03 -14.81
CA GLN D 80 -32.46 6.81 -15.68
C GLN D 80 -31.85 6.70 -17.09
N ARG D 81 -32.70 6.44 -18.07
CA ARG D 81 -32.27 6.13 -19.43
C ARG D 81 -32.28 7.34 -20.37
N PHE D 82 -32.69 8.50 -19.86
CA PHE D 82 -32.73 9.74 -20.65
C PHE D 82 -32.02 10.88 -19.89
N SER D 83 -31.54 11.86 -20.66
CA SER D 83 -30.69 12.96 -20.19
C SER D 83 -31.32 13.84 -19.14
N ARG D 84 -30.47 14.25 -18.20
CA ARG D 84 -30.77 15.25 -17.20
C ARG D 84 -31.12 16.62 -17.80
N LEU D 85 -30.84 16.80 -19.10
CA LEU D 85 -31.20 18.03 -19.81
C LEU D 85 -32.70 18.18 -20.02
N VAL D 86 -33.41 17.05 -20.10
CA VAL D 86 -34.88 17.05 -20.23
C VAL D 86 -35.57 17.15 -18.86
N TYR D 87 -35.26 16.22 -17.97
CA TYR D 87 -35.59 16.36 -16.56
C TYR D 87 -34.38 15.89 -15.76
N ASP D 88 -33.86 16.75 -14.90
CA ASP D 88 -32.81 16.33 -13.99
C ASP D 88 -33.45 15.61 -12.83
N CYS D 89 -33.42 14.28 -12.84
CA CYS D 89 -34.12 13.49 -11.81
C CYS D 89 -33.57 13.67 -10.40
N ASN D 90 -32.40 14.29 -10.26
CA ASN D 90 -31.88 14.62 -8.93
C ASN D 90 -32.34 16.00 -8.43
N ARG D 91 -33.45 16.49 -8.97
CA ARG D 91 -34.01 17.77 -8.58
C ARG D 91 -35.54 17.67 -8.48
N PRO D 92 -36.15 18.38 -7.53
CA PRO D 92 -37.62 18.46 -7.48
C PRO D 92 -38.12 19.47 -8.50
N PRO D 93 -39.39 19.34 -8.94
CA PRO D 93 -39.92 20.19 -9.98
C PRO D 93 -39.88 21.69 -9.65
N GLU D 94 -39.92 22.08 -8.38
CA GLU D 94 -39.86 23.51 -8.05
C GLU D 94 -38.49 24.17 -8.23
N SER D 95 -37.44 23.36 -8.28
CA SER D 95 -36.09 23.85 -8.57
C SER D 95 -35.92 24.27 -10.03
N PRO D 96 -35.40 25.48 -10.26
CA PRO D 96 -35.08 25.92 -11.61
C PRO D 96 -34.18 24.93 -12.39
N SER D 97 -33.43 24.09 -11.66
CA SER D 97 -32.54 23.10 -12.28
C SER D 97 -33.22 21.80 -12.74
N ALA D 98 -34.48 21.60 -12.40
CA ALA D 98 -35.21 20.38 -12.82
C ALA D 98 -35.35 20.28 -14.33
N MET D 99 -35.75 21.40 -14.94
CA MET D 99 -35.91 21.51 -16.39
C MET D 99 -35.15 22.77 -16.80
N PRO D 100 -33.81 22.66 -16.88
CA PRO D 100 -32.96 23.84 -16.84
C PRO D 100 -32.95 24.67 -18.14
N VAL D 101 -33.10 25.98 -18.02
CA VAL D 101 -33.04 26.85 -19.18
C VAL D 101 -31.58 27.11 -19.54
N LYS D 102 -30.71 26.78 -18.60
CA LYS D 102 -29.26 26.94 -18.74
C LYS D 102 -28.55 25.86 -17.91
N SER D 103 -27.55 25.22 -18.51
CA SER D 103 -26.73 24.24 -17.82
C SER D 103 -25.32 24.79 -17.76
N GLU D 104 -24.92 25.22 -16.57
CA GLU D 104 -23.65 25.89 -16.38
C GLU D 104 -23.52 27.05 -17.39
N ILE D 105 -22.58 27.01 -18.33
CA ILE D 105 -22.45 28.13 -19.27
C ILE D 105 -23.30 28.04 -20.55
N TYR D 106 -24.07 26.97 -20.69
CA TYR D 106 -24.80 26.74 -21.92
C TYR D 106 -26.31 26.96 -21.79
N ASP D 107 -26.86 27.88 -22.59
CA ASP D 107 -28.30 28.00 -22.71
C ASP D 107 -28.88 26.76 -23.35
N ILE D 108 -30.10 26.39 -22.95
CA ILE D 108 -30.80 25.25 -23.51
C ILE D 108 -32.14 25.75 -24.12
N PRO D 109 -32.09 26.23 -25.39
CA PRO D 109 -33.24 26.81 -26.06
C PRO D 109 -34.50 25.93 -26.04
N GLY D 110 -34.30 24.61 -26.09
CA GLY D 110 -35.40 23.66 -26.03
C GLY D 110 -36.15 23.65 -24.70
N ASN D 111 -35.56 24.28 -23.67
CA ASN D 111 -36.20 24.35 -22.36
C ASN D 111 -36.71 25.74 -22.03
N PHE D 112 -36.62 26.67 -22.98
CA PHE D 112 -37.14 28.03 -22.75
C PHE D 112 -38.68 28.00 -22.65
N ASP D 113 -39.19 28.67 -21.61
CA ASP D 113 -40.60 28.95 -21.45
C ASP D 113 -41.50 27.72 -21.62
N LEU D 114 -41.23 26.65 -20.89
CA LEU D 114 -42.07 25.45 -20.94
C LEU D 114 -43.44 25.77 -20.34
N ASP D 115 -44.51 25.42 -21.07
CA ASP D 115 -45.87 25.65 -20.55
C ASP D 115 -46.22 24.56 -19.56
N GLU D 116 -47.41 24.65 -18.97
CA GLU D 116 -47.78 23.74 -17.88
C GLU D 116 -47.90 22.30 -18.32
N ALA D 117 -48.48 22.10 -19.49
CA ALA D 117 -48.63 20.76 -20.03
C ALA D 117 -47.27 20.10 -20.24
N GLU D 118 -46.29 20.86 -20.76
CA GLU D 118 -44.95 20.31 -20.99
C GLU D 118 -44.21 19.98 -19.70
N ARG D 119 -44.33 20.82 -18.69
CA ARG D 119 -43.75 20.53 -17.37
C ARG D 119 -44.34 19.26 -16.76
N PHE D 120 -45.63 19.06 -16.94
CA PHE D 120 -46.29 17.89 -16.38
C PHE D 120 -45.83 16.65 -17.13
N ALA D 121 -45.75 16.80 -18.45
CA ALA D 121 -45.36 15.69 -19.32
C ALA D 121 -43.98 15.12 -18.87
N ARG D 122 -42.99 16.01 -18.75
CA ARG D 122 -41.65 15.62 -18.30
C ARG D 122 -41.65 15.09 -16.88
N THR D 123 -42.45 15.69 -16.01
CA THR D 123 -42.52 15.25 -14.62
C THR D 123 -43.11 13.84 -14.52
N SER D 124 -44.24 13.62 -15.19
CA SER D 124 -44.93 12.34 -15.23
C SER D 124 -44.16 11.22 -15.96
N ALA D 125 -43.43 11.56 -17.03
CA ALA D 125 -42.72 10.55 -17.85
C ALA D 125 -41.36 10.12 -17.31
N LEU D 126 -40.62 11.08 -16.77
CA LEU D 126 -39.24 10.83 -16.35
C LEU D 126 -39.02 10.77 -14.85
N TYR D 127 -39.46 11.82 -14.16
CA TYR D 127 -39.16 12.00 -12.75
C TYR D 127 -39.93 11.06 -11.81
N VAL D 128 -41.25 11.10 -11.92
CA VAL D 128 -42.05 10.31 -11.00
C VAL D 128 -41.83 8.79 -11.19
N PRO D 129 -41.79 8.26 -12.43
CA PRO D 129 -41.53 6.81 -12.57
C PRO D 129 -40.18 6.35 -11.98
N PHE D 130 -39.18 7.19 -12.13
CA PHE D 130 -37.83 6.90 -11.62
C PHE D 130 -37.81 6.72 -10.11
N HIS D 131 -38.30 7.72 -9.40
CA HIS D 131 -38.34 7.67 -7.97
C HIS D 131 -39.38 6.70 -7.42
N ASP D 132 -40.53 6.57 -8.10
CA ASP D 132 -41.49 5.52 -7.72
C ASP D 132 -40.86 4.13 -7.72
N ARG D 133 -40.07 3.86 -8.71
CA ARG D 133 -39.40 2.59 -8.79
C ARG D 133 -38.40 2.35 -7.65
N VAL D 134 -37.59 3.36 -7.36
CA VAL D 134 -36.64 3.30 -6.25
C VAL D 134 -37.40 3.07 -4.94
N SER D 135 -38.47 3.86 -4.73
CA SER D 135 -39.31 3.74 -3.53
C SER D 135 -39.96 2.35 -3.38
N GLU D 136 -40.45 1.79 -4.49
CA GLU D 136 -41.10 0.47 -4.53
C GLU D 136 -40.12 -0.60 -4.07
N ILE D 137 -38.93 -0.56 -4.67
CA ILE D 137 -37.85 -1.51 -4.35
C ILE D 137 -37.51 -1.43 -2.85
N ILE D 138 -37.36 -0.22 -2.33
CA ILE D 138 -37.04 -0.02 -0.93
C ILE D 138 -38.15 -0.54 -0.01
N ALA D 139 -39.39 -0.25 -0.35
CA ALA D 139 -40.52 -0.70 0.44
C ALA D 139 -40.66 -2.23 0.45
N GLU D 140 -40.42 -2.87 -0.69
CA GLU D 140 -40.43 -4.33 -0.82
C GLU D 140 -39.34 -5.03 0.03
N ARG D 141 -38.13 -4.48 0.02
CA ARG D 141 -37.02 -4.96 0.84
C ARG D 141 -37.33 -4.84 2.31
N GLN D 142 -37.90 -3.71 2.72
CA GLN D 142 -38.25 -3.49 4.13
C GLN D 142 -39.35 -4.44 4.58
N ALA D 143 -40.32 -4.69 3.69
CA ALA D 143 -41.40 -5.65 3.94
C ALA D 143 -40.88 -7.07 4.12
N ALA D 144 -39.74 -7.37 3.48
CA ALA D 144 -39.07 -8.66 3.65
C ALA D 144 -38.12 -8.69 4.86
N GLY D 145 -38.05 -7.58 5.60
CA GLY D 145 -37.15 -7.45 6.74
C GLY D 145 -35.71 -7.21 6.36
N ARG D 146 -35.46 -6.76 5.13
CA ARG D 146 -34.11 -6.59 4.62
C ARG D 146 -33.47 -5.24 4.91
N LYS D 147 -32.16 -5.26 5.09
CA LYS D 147 -31.36 -4.05 5.15
C LYS D 147 -31.38 -3.40 3.77
N VAL D 148 -31.40 -2.08 3.75
CA VAL D 148 -31.27 -1.30 2.52
C VAL D 148 -30.25 -0.21 2.76
N VAL D 149 -29.23 -0.16 1.93
CA VAL D 149 -28.27 0.93 1.92
C VAL D 149 -28.41 1.68 0.59
N VAL D 150 -28.81 2.95 0.64
CA VAL D 150 -29.02 3.73 -0.61
C VAL D 150 -27.73 4.40 -1.09
N VAL D 151 -27.27 4.05 -2.28
CA VAL D 151 -26.01 4.57 -2.76
C VAL D 151 -26.16 5.14 -4.16
N THR D 152 -25.87 6.43 -4.30
CA THR D 152 -25.96 7.02 -5.61
C THR D 152 -24.58 7.22 -6.23
N ILE D 153 -24.52 7.16 -7.56
CA ILE D 153 -23.25 7.15 -8.30
C ILE D 153 -23.22 8.23 -9.37
N HIS D 154 -22.30 9.17 -9.21
CA HIS D 154 -22.12 10.33 -10.10
C HIS D 154 -20.66 10.44 -10.53
N SER D 155 -20.44 11.13 -11.65
CA SER D 155 -19.11 11.58 -12.01
C SER D 155 -19.14 13.08 -12.18
N PHE D 156 -17.96 13.69 -12.08
CA PHE D 156 -17.80 15.13 -12.24
C PHE D 156 -16.61 15.49 -13.12
N THR D 157 -16.72 16.64 -13.77
CA THR D 157 -15.73 17.08 -14.72
C THR D 157 -14.46 17.57 -13.96
N PRO D 158 -13.25 17.30 -14.51
CA PRO D 158 -12.00 17.60 -13.76
C PRO D 158 -11.65 19.08 -13.55
N VAL D 159 -12.12 19.97 -14.41
CA VAL D 159 -11.83 21.38 -14.34
C VAL D 159 -13.06 22.25 -13.98
N TYR D 160 -12.82 23.23 -13.10
CA TYR D 160 -13.84 24.19 -12.72
C TYR D 160 -13.18 25.56 -12.60
N HIS D 161 -13.72 26.52 -13.34
CA HIS D 161 -13.17 27.89 -13.40
C HIS D 161 -11.67 27.89 -13.75
N GLY D 162 -11.30 27.06 -14.71
CA GLY D 162 -9.94 26.97 -15.19
C GLY D 162 -8.90 26.51 -14.17
N ARG D 163 -9.32 25.77 -13.15
CA ARG D 163 -8.40 25.13 -12.23
C ARG D 163 -8.77 23.65 -12.07
N PHE D 164 -7.76 22.82 -11.95
CA PHE D 164 -7.97 21.38 -11.78
C PHE D 164 -8.47 21.06 -10.38
N ARG D 165 -9.60 20.36 -10.30
CA ARG D 165 -10.14 20.01 -9.01
C ARG D 165 -9.22 19.02 -8.33
N GLU D 166 -9.02 19.23 -7.03
CA GLU D 166 -8.11 18.41 -6.24
C GLU D 166 -8.78 17.10 -5.91
N VAL D 167 -10.05 17.17 -5.52
CA VAL D 167 -10.79 15.97 -5.13
C VAL D 167 -10.84 14.94 -6.27
N GLU D 168 -10.68 13.67 -5.90
CA GLU D 168 -10.79 12.55 -6.82
C GLU D 168 -12.08 11.74 -6.57
N ILE D 169 -12.34 11.43 -5.31
CA ILE D 169 -13.60 10.79 -4.90
C ILE D 169 -14.24 11.73 -3.86
N GLY D 170 -15.41 12.28 -4.18
CA GLY D 170 -16.28 12.95 -3.20
C GLY D 170 -17.22 11.99 -2.52
N ILE D 171 -17.30 12.12 -1.20
CA ILE D 171 -18.18 11.36 -0.35
C ILE D 171 -19.22 12.41 0.12
N LEU D 172 -20.40 12.34 -0.48
CA LEU D 172 -21.46 13.33 -0.32
C LEU D 172 -22.61 12.79 0.52
N HIS D 173 -23.16 13.64 1.37
CA HIS D 173 -24.18 13.25 2.31
C HIS D 173 -24.98 14.46 2.80
N ASP D 174 -26.16 14.17 3.31
CA ASP D 174 -27.05 15.13 3.92
C ASP D 174 -26.93 15.01 5.45
N ASN D 175 -28.00 15.20 6.21
CA ASN D 175 -27.91 15.21 7.68
C ASN D 175 -27.44 13.88 8.29
N ASP D 176 -27.69 12.77 7.60
CA ASP D 176 -27.22 11.48 8.05
C ASP D 176 -25.82 11.24 7.49
N SER D 177 -24.80 11.46 8.33
CA SER D 177 -23.41 11.33 7.88
C SER D 177 -22.81 9.94 8.19
N ARG D 178 -23.59 9.01 8.69
CA ARG D 178 -23.04 7.79 9.26
C ARG D 178 -22.16 7.02 8.28
N LEU D 179 -22.72 6.62 7.14
CA LEU D 179 -21.92 5.90 6.12
C LEU D 179 -20.76 6.76 5.59
N ALA D 180 -20.99 8.04 5.34
CA ALA D 180 -19.96 8.93 4.81
C ALA D 180 -18.76 9.04 5.75
N ASP D 181 -19.04 9.25 7.04
CA ASP D 181 -18.03 9.27 8.11
C ASP D 181 -17.12 8.05 8.10
N ALA D 182 -17.76 6.89 8.01
CA ALA D 182 -17.07 5.60 8.05
C ALA D 182 -16.18 5.40 6.83
N MET D 183 -16.66 5.85 5.67
CA MET D 183 -15.89 5.76 4.42
C MET D 183 -14.74 6.73 4.41
N LEU D 184 -14.96 7.94 4.93
CA LEU D 184 -13.91 8.92 5.05
C LEU D 184 -12.81 8.47 6.04
N ALA D 185 -13.21 7.92 7.18
CA ALA D 185 -12.25 7.31 8.12
C ALA D 185 -11.45 6.18 7.44
N GLY D 186 -12.16 5.34 6.70
CA GLY D 186 -11.57 4.24 5.96
C GLY D 186 -10.62 4.65 4.84
N ALA D 187 -10.77 5.84 4.30
CA ALA D 187 -9.93 6.29 3.19
C ALA D 187 -8.61 6.95 3.66
N GLU D 188 -8.38 6.99 4.97
CA GLU D 188 -7.13 7.56 5.46
C GLU D 188 -5.96 6.79 4.86
N GLY D 189 -5.01 7.54 4.28
CA GLY D 189 -3.87 6.97 3.56
C GLY D 189 -4.17 6.29 2.25
N ALA D 190 -5.36 6.52 1.66
CA ALA D 190 -5.70 5.95 0.36
C ALA D 190 -4.87 6.64 -0.71
N SER D 191 -4.65 5.98 -1.84
CA SER D 191 -3.89 6.59 -2.94
C SER D 191 -4.71 7.64 -3.69
N LEU D 192 -6.02 7.63 -3.51
CA LEU D 192 -6.85 8.70 -4.07
C LEU D 192 -7.17 9.76 -3.02
N THR D 193 -7.36 10.99 -3.49
CA THR D 193 -7.90 12.08 -2.68
C THR D 193 -9.43 11.99 -2.53
N VAL D 194 -9.83 11.59 -1.33
CA VAL D 194 -11.22 11.40 -0.95
C VAL D 194 -11.58 12.58 -0.06
N ARG D 195 -12.67 13.29 -0.38
CA ARG D 195 -13.11 14.47 0.36
C ARG D 195 -14.61 14.46 0.68
N ARG D 196 -14.98 15.00 1.84
CA ARG D 196 -16.38 15.16 2.25
C ARG D 196 -17.04 16.29 1.47
N ASN D 197 -18.20 16.02 0.88
CA ASN D 197 -19.03 17.02 0.19
C ASN D 197 -18.29 18.00 -0.68
N ASP D 198 -17.54 17.43 -1.62
CA ASP D 198 -16.71 18.19 -2.54
C ASP D 198 -16.71 17.32 -3.78
N PRO D 199 -17.02 17.88 -4.96
CA PRO D 199 -17.15 19.28 -5.35
C PRO D 199 -18.53 19.94 -5.09
N TYR D 200 -19.46 19.19 -4.49
CA TYR D 200 -20.78 19.72 -4.16
C TYR D 200 -21.24 19.18 -2.82
N GLY D 201 -22.22 19.87 -2.24
CA GLY D 201 -22.83 19.45 -0.99
C GLY D 201 -24.34 19.66 -1.01
N PRO D 202 -25.02 19.36 0.11
CA PRO D 202 -26.48 19.49 0.17
C PRO D 202 -27.01 20.87 -0.26
N GLU D 203 -26.26 21.94 0.04
CA GLU D 203 -26.62 23.30 -0.34
C GLU D 203 -26.73 23.49 -1.85
N ASP D 204 -26.07 22.62 -2.62
CA ASP D 204 -26.11 22.70 -4.06
C ASP D 204 -27.29 21.95 -4.70
N GLY D 205 -28.15 21.34 -3.89
CA GLY D 205 -29.30 20.56 -4.39
C GLY D 205 -29.03 19.12 -4.78
N VAL D 206 -27.83 18.63 -4.51
CA VAL D 206 -27.39 17.36 -5.06
C VAL D 206 -27.75 16.17 -4.20
N THR D 207 -28.34 16.40 -3.02
CA THR D 207 -28.75 15.30 -2.16
C THR D 207 -30.26 15.01 -2.22
N HIS D 208 -30.94 15.52 -3.24
CA HIS D 208 -32.37 15.24 -3.43
C HIS D 208 -32.75 13.76 -3.33
N THR D 209 -32.08 12.90 -4.09
CA THR D 209 -32.41 11.47 -4.10
C THR D 209 -32.25 10.84 -2.71
N LEU D 210 -31.21 11.25 -2.00
CA LEU D 210 -30.96 10.78 -0.63
C LEU D 210 -32.08 11.24 0.30
N ARG D 211 -32.47 12.50 0.17
CA ARG D 211 -33.56 13.09 0.93
C ARG D 211 -34.88 12.41 0.66
N LEU D 212 -35.13 12.03 -0.60
CA LEU D 212 -36.35 11.30 -0.94
C LEU D 212 -36.39 9.90 -0.39
N HIS D 213 -35.27 9.20 -0.43
CA HIS D 213 -35.29 7.72 -0.23
C HIS D 213 -34.64 7.16 1.03
N ALA D 214 -33.62 7.84 1.51
CA ALA D 214 -32.83 7.37 2.64
C ALA D 214 -33.33 7.93 3.97
N LEU D 215 -33.51 9.24 4.02
CA LEU D 215 -33.68 9.94 5.29
C LEU D 215 -34.96 9.62 6.04
N PRO D 216 -36.11 9.53 5.32
CA PRO D 216 -37.36 9.20 6.04
C PRO D 216 -37.29 7.92 6.88
N ASP D 217 -36.58 6.91 6.40
CA ASP D 217 -36.50 5.64 7.11
C ASP D 217 -35.19 5.46 7.86
N GLY D 218 -34.28 6.43 7.78
CA GLY D 218 -33.01 6.35 8.48
C GLY D 218 -32.09 5.29 7.87
N LEU D 219 -32.18 5.12 6.55
CA LEU D 219 -31.36 4.17 5.84
C LEU D 219 -29.96 4.72 5.70
N LEU D 220 -28.97 3.85 5.89
CA LEU D 220 -27.58 4.23 5.62
C LEU D 220 -27.55 4.65 4.15
N ASN D 221 -26.78 5.68 3.84
CA ASN D 221 -26.77 6.21 2.49
C ASN D 221 -25.58 7.08 2.27
N VAL D 222 -25.24 7.23 1.00
CA VAL D 222 -24.17 8.12 0.57
C VAL D 222 -24.32 8.39 -0.92
N MET D 223 -23.80 9.53 -1.37
CA MET D 223 -23.65 9.85 -2.78
C MET D 223 -22.16 9.87 -3.10
N ILE D 224 -21.76 9.10 -4.12
CA ILE D 224 -20.35 9.02 -4.53
C ILE D 224 -20.16 9.85 -5.76
N GLU D 225 -19.18 10.73 -5.71
CA GLU D 225 -18.77 11.53 -6.86
C GLU D 225 -17.37 11.04 -7.28
N ILE D 226 -17.21 10.75 -8.57
CA ILE D 226 -15.96 10.28 -9.12
C ILE D 226 -15.51 11.25 -10.19
N ARG D 227 -14.28 11.75 -10.10
CA ARG D 227 -13.77 12.65 -11.12
C ARG D 227 -13.63 11.84 -12.39
N ASN D 228 -14.16 12.38 -13.49
CA ASN D 228 -14.45 11.54 -14.68
C ASN D 228 -13.21 11.10 -15.48
N ASP D 229 -12.07 11.74 -15.20
CA ASP D 229 -10.79 11.35 -15.83
C ASP D 229 -10.27 10.08 -15.20
N LEU D 230 -10.77 9.73 -14.01
CA LEU D 230 -10.40 8.49 -13.35
C LEU D 230 -11.15 7.25 -13.86
N ILE D 231 -12.07 7.44 -14.79
CA ILE D 231 -12.94 6.32 -15.24
C ILE D 231 -13.19 6.38 -16.75
N ALA D 232 -12.14 6.74 -17.48
CA ALA D 232 -12.26 6.99 -18.92
C ALA D 232 -12.17 5.72 -19.76
N ASN D 233 -11.92 4.58 -19.16
CA ASN D 233 -11.90 3.31 -19.89
C ASN D 233 -12.22 2.16 -18.95
N GLU D 234 -12.30 0.95 -19.49
CA GLU D 234 -12.80 -0.19 -18.72
C GLU D 234 -11.91 -0.51 -17.54
N GLY D 235 -10.59 -0.42 -17.75
CA GLY D 235 -9.64 -0.75 -16.70
C GLY D 235 -9.73 0.22 -15.55
N GLU D 236 -9.83 1.48 -15.90
CA GLU D 236 -9.98 2.58 -14.94
C GLU D 236 -11.30 2.43 -14.18
N GLN D 237 -12.37 2.09 -14.90
CA GLN D 237 -13.66 1.81 -14.28
C GLN D 237 -13.60 0.64 -13.30
N ALA D 238 -12.95 -0.44 -13.72
CA ALA D 238 -12.76 -1.60 -12.82
C ALA D 238 -11.92 -1.22 -11.58
N ALA D 239 -10.90 -0.39 -11.76
CA ALA D 239 -10.07 0.01 -10.62
C ALA D 239 -10.88 0.82 -9.60
N ILE D 240 -11.72 1.72 -10.08
CA ILE D 240 -12.49 2.58 -9.16
C ILE D 240 -13.58 1.80 -8.45
N ALA D 241 -14.24 0.90 -9.18
CA ALA D 241 -15.28 0.05 -8.60
C ALA D 241 -14.69 -0.84 -7.53
N GLY D 242 -13.50 -1.38 -7.79
CA GLY D 242 -12.77 -2.18 -6.79
C GLY D 242 -12.43 -1.36 -5.56
N PHE D 243 -11.91 -0.15 -5.75
CA PHE D 243 -11.62 0.79 -4.66
C PHE D 243 -12.84 1.10 -3.82
N LEU D 244 -13.94 1.42 -4.51
CA LEU D 244 -15.19 1.76 -3.83
C LEU D 244 -15.81 0.58 -3.11
N HIS D 245 -15.73 -0.60 -3.72
CA HIS D 245 -16.30 -1.81 -3.13
C HIS D 245 -15.61 -2.17 -1.83
N GLU D 246 -14.29 -2.03 -1.81
CA GLU D 246 -13.49 -2.29 -0.61
C GLU D 246 -13.71 -1.21 0.45
N LEU D 247 -13.73 0.05 0.01
CA LEU D 247 -13.95 1.19 0.90
C LEU D 247 -15.33 1.20 1.56
N MET D 248 -16.37 1.01 0.74
CA MET D 248 -17.73 0.98 1.29
C MET D 248 -18.00 -0.30 2.06
N GLY D 249 -17.55 -1.43 1.52
CA GLY D 249 -17.69 -2.72 2.21
C GLY D 249 -17.11 -2.76 3.62
N LYS D 250 -15.89 -2.27 3.77
CA LYS D 250 -15.25 -2.19 5.09
C LYS D 250 -16.00 -1.21 6.00
N ALA D 251 -16.40 -0.08 5.43
CA ALA D 251 -17.20 0.91 6.15
C ALA D 251 -18.47 0.29 6.71
N LEU D 252 -19.21 -0.41 5.86
CA LEU D 252 -20.44 -1.07 6.26
C LEU D 252 -20.21 -2.11 7.35
N SER D 253 -19.18 -2.93 7.17
CA SER D 253 -18.78 -3.90 8.19
C SER D 253 -18.52 -3.22 9.53
N SER D 254 -17.81 -2.09 9.51
CA SER D 254 -17.43 -1.41 10.74
C SER D 254 -18.62 -0.79 11.49
N ILE D 255 -19.64 -0.38 10.73
CA ILE D 255 -20.87 0.19 11.25
C ILE D 255 -21.83 -0.85 11.82
N GLU D 256 -21.76 -2.08 11.31
CA GLU D 256 -22.57 -3.18 11.85
C GLU D 256 -22.45 -3.22 13.37
N ARG E 6 10.42 -20.12 34.82
CA ARG E 6 9.94 -20.48 36.20
C ARG E 6 9.63 -21.97 36.27
N PHE E 7 10.66 -22.77 35.96
CA PHE E 7 10.76 -24.13 36.47
C PHE E 7 10.95 -24.03 37.99
N PHE E 8 11.70 -23.02 38.43
CA PHE E 8 11.98 -22.77 39.85
C PHE E 8 11.35 -21.50 40.40
N THR E 9 10.82 -21.60 41.59
CA THR E 9 10.57 -20.44 42.45
C THR E 9 11.85 -19.61 42.66
N GLU E 10 11.70 -18.30 42.90
CA GLU E 10 12.86 -17.45 43.23
C GLU E 10 13.55 -17.93 44.52
N ALA E 11 12.76 -18.17 45.54
CA ALA E 11 13.24 -18.70 46.80
C ALA E 11 13.96 -20.04 46.66
N GLU E 12 13.53 -20.87 45.69
CA GLU E 12 14.13 -22.19 45.47
C GLU E 12 15.61 -22.19 45.07
N GLY E 13 16.08 -21.11 44.47
CA GLY E 13 17.46 -20.99 44.07
C GLY E 13 17.74 -21.71 42.75
N LYS E 14 18.94 -22.25 42.63
CA LYS E 14 19.47 -22.80 41.40
C LYS E 14 19.45 -24.33 41.48
N ALA E 15 19.47 -24.99 40.33
CA ALA E 15 19.54 -26.46 40.28
C ALA E 15 20.90 -26.96 40.82
N VAL E 16 21.98 -26.27 40.48
CA VAL E 16 23.31 -26.74 40.80
C VAL E 16 23.90 -25.98 41.98
N GLY E 17 24.39 -26.73 42.97
CA GLY E 17 25.13 -26.17 44.09
C GLY E 17 26.60 -26.48 43.92
N VAL E 18 27.46 -25.54 44.30
CA VAL E 18 28.92 -25.74 44.21
C VAL E 18 29.50 -25.15 45.48
N GLU E 19 30.24 -25.97 46.23
CA GLU E 19 30.98 -25.47 47.38
C GLU E 19 32.48 -25.58 47.12
N ASN E 20 33.24 -24.64 47.67
CA ASN E 20 34.66 -24.54 47.40
C ASN E 20 34.99 -24.59 45.93
N ALA E 21 34.30 -23.79 45.12
CA ALA E 21 34.53 -23.80 43.67
C ALA E 21 35.96 -23.46 43.30
N ALA E 22 36.61 -22.60 44.10
CA ALA E 22 37.98 -22.18 43.80
C ALA E 22 38.99 -22.98 44.66
N ALA E 23 38.77 -24.30 44.79
CA ALA E 23 39.60 -25.16 45.65
C ALA E 23 40.94 -25.52 45.00
N LYS E 24 41.98 -25.66 45.82
CA LYS E 24 43.30 -26.12 45.33
C LYS E 24 43.37 -27.65 45.11
N GLY E 25 42.46 -28.40 45.74
CA GLY E 25 42.53 -29.87 45.70
C GLY E 25 42.39 -30.48 44.32
N ASP E 26 43.04 -31.62 44.15
CA ASP E 26 42.92 -32.39 42.91
C ASP E 26 41.58 -33.16 42.80
N VAL E 27 40.95 -33.50 43.92
CA VAL E 27 39.71 -34.28 43.87
C VAL E 27 38.54 -33.34 43.54
N LEU E 28 37.71 -33.73 42.59
CA LEU E 28 36.44 -33.06 42.29
C LEU E 28 35.34 -34.00 42.77
N LEU E 29 34.66 -33.59 43.84
CA LEU E 29 33.57 -34.34 44.41
C LEU E 29 32.25 -34.02 43.71
N VAL E 30 31.46 -35.05 43.42
CA VAL E 30 30.18 -34.90 42.71
C VAL E 30 29.11 -35.70 43.45
N CYS E 31 27.97 -35.07 43.75
CA CYS E 31 26.89 -35.72 44.49
C CYS E 31 25.52 -35.48 43.81
N GLU E 32 25.16 -36.40 42.91
CA GLU E 32 23.97 -36.30 42.09
C GLU E 32 22.66 -36.41 42.88
N HIS E 33 22.67 -37.23 43.92
CA HIS E 33 21.48 -37.49 44.77
C HIS E 33 21.52 -36.78 46.14
N ALA E 34 22.13 -35.61 46.17
CA ALA E 34 22.35 -34.85 47.40
C ALA E 34 21.10 -34.39 48.16
N SER E 35 20.02 -34.12 47.43
CA SER E 35 18.88 -33.38 47.98
C SER E 35 17.53 -34.03 47.67
N ALA E 36 16.66 -34.03 48.68
CA ALA E 36 15.31 -34.55 48.59
C ALA E 36 14.31 -33.51 48.03
N THR E 37 14.75 -32.26 47.84
CA THR E 37 13.84 -31.15 47.52
C THR E 37 13.09 -31.36 46.20
N ILE E 38 11.77 -31.19 46.25
CA ILE E 38 10.93 -31.22 45.05
C ILE E 38 10.62 -29.78 44.75
N PRO E 39 10.84 -29.35 43.50
CA PRO E 39 10.43 -27.97 43.18
C PRO E 39 8.94 -27.75 43.43
N GLN E 40 8.60 -26.55 43.91
CA GLN E 40 7.20 -26.19 44.22
C GLN E 40 6.28 -26.58 43.08
N LYS E 41 6.71 -26.38 41.84
CA LYS E 41 5.82 -26.64 40.71
C LYS E 41 5.38 -28.10 40.62
N TYR E 42 6.11 -29.02 41.24
CA TYR E 42 5.76 -30.45 41.25
C TYR E 42 5.02 -30.94 42.51
N GLY E 43 4.86 -30.06 43.49
CA GLY E 43 4.21 -30.42 44.76
C GLY E 43 4.74 -31.69 45.38
N THR E 44 3.85 -32.68 45.53
CA THR E 44 4.19 -33.94 46.19
C THR E 44 4.64 -34.99 45.18
N LEU E 45 4.54 -34.68 43.89
CA LEU E 45 4.62 -35.70 42.83
C LEU E 45 3.69 -36.85 43.08
N GLY E 46 2.59 -36.59 43.79
CA GLY E 46 1.60 -37.63 44.13
C GLY E 46 2.05 -38.61 45.21
N LEU E 47 3.13 -38.29 45.91
CA LEU E 47 3.72 -39.18 46.90
C LEU E 47 3.28 -38.79 48.30
N SER E 48 3.34 -39.76 49.21
CA SER E 48 3.04 -39.51 50.61
C SER E 48 4.20 -38.80 51.29
N ALA E 49 3.91 -38.12 52.41
CA ALA E 49 4.97 -37.56 53.26
C ALA E 49 6.09 -38.57 53.55
N ASP E 50 5.71 -39.81 53.79
CA ASP E 50 6.67 -40.87 54.16
C ASP E 50 7.65 -41.20 53.02
N VAL E 51 7.13 -41.42 51.83
CA VAL E 51 8.00 -41.70 50.69
C VAL E 51 8.82 -40.45 50.36
N LEU E 52 8.20 -39.27 50.44
CA LEU E 52 8.91 -37.99 50.20
C LEU E 52 10.08 -37.76 51.17
N SER E 53 10.03 -38.40 52.34
CA SER E 53 11.09 -38.27 53.36
C SER E 53 12.06 -39.47 53.36
N SER E 54 11.96 -40.35 52.36
CA SER E 54 12.73 -41.60 52.34
C SER E 54 13.84 -41.53 51.32
N HIS E 55 14.62 -42.60 51.25
CA HIS E 55 15.69 -42.68 50.26
C HIS E 55 15.20 -42.69 48.80
N ALA E 56 13.89 -42.80 48.57
CA ALA E 56 13.37 -42.68 47.22
C ALA E 56 13.77 -41.32 46.64
N ALA E 57 13.70 -40.28 47.48
CA ALA E 57 13.89 -38.89 47.07
C ALA E 57 15.34 -38.43 46.99
N TRP E 58 16.23 -39.08 47.75
CA TRP E 58 17.64 -38.67 47.85
C TRP E 58 18.47 -39.80 48.47
N ASP E 59 19.79 -39.62 48.48
CA ASP E 59 20.73 -40.50 49.20
C ASP E 59 21.03 -39.88 50.57
N PRO E 60 20.28 -40.29 51.62
CA PRO E 60 20.53 -39.64 52.89
C PRO E 60 21.97 -39.85 53.37
N GLY E 61 22.55 -38.78 53.91
CA GLY E 61 23.94 -38.76 54.37
C GLY E 61 25.02 -38.45 53.34
N ALA E 62 24.70 -38.59 52.05
CA ALA E 62 25.71 -38.53 50.99
C ALA E 62 26.30 -37.11 50.89
N LEU E 63 25.42 -36.12 50.86
CA LEU E 63 25.85 -34.71 50.82
C LEU E 63 26.65 -34.35 52.05
N ALA E 64 26.18 -34.79 53.23
CA ALA E 64 26.86 -34.50 54.52
C ALA E 64 28.29 -34.97 54.49
N VAL E 65 28.49 -36.22 54.06
CA VAL E 65 29.84 -36.81 53.94
C VAL E 65 30.60 -36.07 52.84
N ALA E 66 29.93 -35.79 51.73
CA ALA E 66 30.55 -35.07 50.61
C ALA E 66 31.16 -33.75 51.09
N ARG E 67 30.42 -33.05 51.93
CA ARG E 67 30.85 -31.78 52.48
C ARG E 67 32.03 -31.93 53.44
N LEU E 68 32.03 -33.01 54.20
CA LEU E 68 33.18 -33.34 55.05
C LEU E 68 34.38 -33.65 54.19
N LEU E 69 34.21 -34.45 53.13
CA LEU E 69 35.32 -34.77 52.27
C LEU E 69 35.83 -33.50 51.55
N SER E 70 34.93 -32.56 51.26
CA SER E 70 35.33 -31.28 50.66
C SER E 70 36.28 -30.49 51.55
N GLU E 71 35.99 -30.45 52.86
CA GLU E 71 36.89 -29.83 53.86
C GLU E 71 38.22 -30.61 53.89
N LYS E 72 38.15 -31.93 54.03
CA LYS E 72 39.34 -32.73 54.20
C LYS E 72 40.24 -32.73 52.97
N PHE E 73 39.68 -32.84 51.77
CA PHE E 73 40.50 -32.87 50.56
C PHE E 73 40.80 -31.48 49.99
N HIS E 74 40.31 -30.42 50.63
CA HIS E 74 40.26 -29.07 50.01
C HIS E 74 39.79 -29.16 48.58
N ALA E 75 38.62 -29.76 48.42
CA ALA E 75 38.13 -30.20 47.14
C ALA E 75 36.82 -29.50 46.86
N THR E 76 36.65 -29.08 45.61
CA THR E 76 35.36 -28.56 45.13
C THR E 76 34.32 -29.68 45.16
N LEU E 77 33.10 -29.33 45.53
CA LEU E 77 31.94 -30.22 45.54
C LEU E 77 30.82 -29.64 44.70
N VAL E 78 30.38 -30.39 43.69
CA VAL E 78 29.24 -30.03 42.85
C VAL E 78 28.10 -30.98 43.18
N TYR E 79 26.95 -30.43 43.56
CA TYR E 79 25.81 -31.24 43.96
C TYR E 79 24.51 -30.70 43.37
N GLN E 80 23.54 -31.60 43.26
CA GLN E 80 22.26 -31.32 42.66
C GLN E 80 21.33 -30.95 43.79
N ARG E 81 20.61 -29.84 43.65
CA ARG E 81 19.81 -29.30 44.74
C ARG E 81 18.37 -29.78 44.76
N PHE E 82 17.98 -30.64 43.82
CA PHE E 82 16.60 -31.12 43.77
C PHE E 82 16.59 -32.64 43.57
N SER E 83 15.47 -33.28 43.92
CA SER E 83 15.35 -34.74 43.95
C SER E 83 15.55 -35.47 42.64
N ARG E 84 16.23 -36.61 42.76
CA ARG E 84 16.39 -37.62 41.71
C ARG E 84 15.06 -38.16 41.17
N LEU E 85 13.97 -37.95 41.93
CA LEU E 85 12.64 -38.31 41.48
C LEU E 85 12.12 -37.43 40.34
N VAL E 86 12.60 -36.19 40.26
CA VAL E 86 12.20 -35.28 39.16
C VAL E 86 13.09 -35.59 37.97
N TYR E 87 14.39 -35.57 38.21
CA TYR E 87 15.34 -36.10 37.21
C TYR E 87 16.49 -36.70 37.96
N ASP E 88 16.82 -37.94 37.63
CA ASP E 88 17.98 -38.62 38.20
C ASP E 88 19.23 -38.32 37.37
N CYS E 89 20.08 -37.44 37.89
CA CYS E 89 21.18 -36.86 37.08
C CYS E 89 22.30 -37.87 36.77
N ASN E 90 22.26 -39.03 37.41
CA ASN E 90 23.15 -40.12 37.05
C ASN E 90 22.57 -41.04 35.96
N ARG E 91 21.60 -40.55 35.17
CA ARG E 91 21.01 -41.30 34.07
C ARG E 91 20.86 -40.37 32.87
N PRO E 92 21.13 -40.90 31.67
CA PRO E 92 20.87 -40.10 30.47
C PRO E 92 19.36 -40.05 30.18
N PRO E 93 18.90 -39.04 29.40
CA PRO E 93 17.45 -38.82 29.27
C PRO E 93 16.68 -39.94 28.56
N GLU E 94 17.39 -40.82 27.87
CA GLU E 94 16.74 -41.95 27.21
C GLU E 94 16.60 -43.16 28.12
N SER E 95 17.17 -43.11 29.30
CA SER E 95 17.01 -44.21 30.24
C SER E 95 15.65 -44.12 30.90
N PRO E 96 14.95 -45.26 31.00
CA PRO E 96 13.66 -45.25 31.68
C PRO E 96 13.72 -44.77 33.14
N SER E 97 14.88 -44.88 33.78
CA SER E 97 15.03 -44.41 35.18
C SER E 97 15.46 -42.94 35.34
N ALA E 98 15.63 -42.20 34.25
CA ALA E 98 15.96 -40.76 34.32
C ALA E 98 14.83 -40.02 35.02
N MET E 99 13.61 -40.39 34.66
CA MET E 99 12.38 -39.79 35.20
C MET E 99 11.47 -40.95 35.60
N PRO E 100 11.81 -41.63 36.70
CA PRO E 100 11.31 -42.99 36.96
C PRO E 100 9.82 -43.07 37.37
N VAL E 101 9.09 -44.02 36.79
CA VAL E 101 7.70 -44.33 37.23
C VAL E 101 7.66 -45.11 38.55
N LYS E 102 8.75 -45.79 38.88
CA LYS E 102 8.88 -46.29 40.24
C LYS E 102 10.30 -46.33 40.76
N SER E 103 10.40 -46.31 42.09
CA SER E 103 11.62 -46.57 42.85
C SER E 103 11.29 -47.69 43.84
N GLU E 104 12.04 -48.79 43.80
CA GLU E 104 11.73 -49.98 44.60
C GLU E 104 10.23 -50.26 44.50
N ILE E 105 9.53 -50.50 45.62
CA ILE E 105 8.08 -50.77 45.53
C ILE E 105 7.22 -49.51 45.34
N TYR E 106 7.83 -48.33 45.40
CA TYR E 106 7.03 -47.10 45.30
C TYR E 106 6.87 -46.60 43.87
N ASP E 107 5.61 -46.51 43.46
CA ASP E 107 5.24 -45.94 42.17
C ASP E 107 5.22 -44.43 42.33
N ILE E 108 5.70 -43.70 41.32
CA ILE E 108 5.72 -42.23 41.39
C ILE E 108 4.64 -41.73 40.43
N PRO E 109 3.45 -41.46 40.97
CA PRO E 109 2.31 -41.14 40.10
C PRO E 109 2.56 -39.89 39.25
N GLY E 110 3.25 -38.89 39.83
CA GLY E 110 3.58 -37.65 39.11
C GLY E 110 4.50 -37.83 37.90
N ASN E 111 5.10 -39.03 37.75
CA ASN E 111 6.01 -39.34 36.63
C ASN E 111 5.38 -40.23 35.58
N PHE E 112 4.10 -40.55 35.75
CA PHE E 112 3.36 -41.29 34.73
C PHE E 112 2.98 -40.39 33.57
N ASP E 113 3.14 -40.93 32.37
CA ASP E 113 2.70 -40.31 31.12
C ASP E 113 3.28 -38.89 30.93
N LEU E 114 4.61 -38.81 30.95
CA LEU E 114 5.33 -37.56 30.73
C LEU E 114 5.33 -37.23 29.24
N ASP E 115 4.77 -36.09 28.88
CA ASP E 115 4.75 -35.69 27.47
C ASP E 115 6.11 -35.15 27.04
N GLU E 116 6.29 -34.87 25.76
CA GLU E 116 7.60 -34.42 25.27
C GLU E 116 8.05 -33.11 25.90
N ALA E 117 7.12 -32.19 26.13
CA ALA E 117 7.45 -30.90 26.75
C ALA E 117 7.98 -31.08 28.16
N GLU E 118 7.36 -32.02 28.89
CA GLU E 118 7.73 -32.24 30.28
C GLU E 118 9.10 -32.90 30.34
N ARG E 119 9.34 -33.92 29.52
CA ARG E 119 10.65 -34.52 29.49
C ARG E 119 11.72 -33.49 29.13
N PHE E 120 11.42 -32.59 28.18
CA PHE E 120 12.41 -31.59 27.81
C PHE E 120 12.66 -30.64 28.99
N ALA E 121 11.60 -30.20 29.65
CA ALA E 121 11.73 -29.20 30.75
C ALA E 121 12.67 -29.70 31.86
N ARG E 122 12.49 -30.97 32.23
CA ARG E 122 13.31 -31.55 33.30
C ARG E 122 14.75 -31.78 32.84
N THR E 123 14.92 -32.26 31.61
CA THR E 123 16.26 -32.49 31.08
C THR E 123 17.02 -31.15 31.03
N SER E 124 16.36 -30.11 30.50
CA SER E 124 16.93 -28.76 30.42
C SER E 124 17.22 -28.13 31.79
N ALA E 125 16.32 -28.29 32.75
CA ALA E 125 16.41 -27.53 34.02
C ALA E 125 17.36 -28.17 35.03
N LEU E 126 17.41 -29.49 35.06
CA LEU E 126 18.16 -30.19 36.09
C LEU E 126 19.40 -30.92 35.57
N TYR E 127 19.25 -31.71 34.52
CA TYR E 127 20.29 -32.63 34.03
C TYR E 127 21.42 -31.87 33.33
N VAL E 128 21.07 -31.07 32.33
CA VAL E 128 22.10 -30.39 31.55
C VAL E 128 22.91 -29.41 32.38
N PRO E 129 22.24 -28.52 33.15
CA PRO E 129 23.08 -27.58 33.91
C PRO E 129 24.06 -28.24 34.87
N PHE E 130 23.62 -29.30 35.53
CA PHE E 130 24.48 -30.04 36.44
C PHE E 130 25.73 -30.54 35.75
N HIS E 131 25.57 -31.31 34.67
CA HIS E 131 26.71 -31.86 33.99
C HIS E 131 27.52 -30.80 33.22
N ASP E 132 26.84 -29.76 32.71
CA ASP E 132 27.59 -28.64 32.12
C ASP E 132 28.60 -28.02 33.11
N ARG E 133 28.17 -27.85 34.36
CA ARG E 133 29.01 -27.24 35.39
C ARG E 133 30.21 -28.14 35.71
N VAL E 134 29.94 -29.44 35.92
CA VAL E 134 31.01 -30.39 36.18
C VAL E 134 32.00 -30.32 35.01
N SER E 135 31.51 -30.36 33.77
CA SER E 135 32.41 -30.33 32.60
C SER E 135 33.25 -29.07 32.56
N GLU E 136 32.64 -27.94 32.90
CA GLU E 136 33.29 -26.62 32.91
C GLU E 136 34.43 -26.57 33.92
N ILE E 137 34.18 -27.04 35.15
CA ILE E 137 35.20 -27.05 36.20
C ILE E 137 36.37 -27.91 35.73
N ILE E 138 36.06 -29.09 35.20
CA ILE E 138 37.09 -30.01 34.69
C ILE E 138 37.90 -29.37 33.54
N ALA E 139 37.23 -28.70 32.60
CA ALA E 139 37.95 -28.05 31.47
C ALA E 139 38.88 -26.95 31.99
N GLU E 140 38.42 -26.19 32.97
CA GLU E 140 39.20 -25.11 33.56
C GLU E 140 40.47 -25.63 34.24
N ARG E 141 40.32 -26.68 35.02
CA ARG E 141 41.44 -27.28 35.74
C ARG E 141 42.48 -27.78 34.75
N GLN E 142 42.05 -28.53 33.74
CA GLN E 142 42.94 -29.03 32.67
C GLN E 142 43.65 -27.90 31.89
N ALA E 143 42.96 -26.80 31.67
CA ALA E 143 43.61 -25.63 31.07
C ALA E 143 44.79 -25.17 31.92
N ALA E 144 44.63 -25.18 33.24
CA ALA E 144 45.67 -24.76 34.17
C ALA E 144 46.72 -25.85 34.43
N GLY E 145 46.64 -26.97 33.70
CA GLY E 145 47.59 -28.07 33.86
C GLY E 145 47.35 -28.86 35.14
N ARG E 146 46.15 -28.75 35.70
CA ARG E 146 45.90 -29.39 36.99
C ARG E 146 45.33 -30.80 36.86
N LYS E 147 45.67 -31.61 37.85
CA LYS E 147 45.18 -32.96 37.95
C LYS E 147 43.72 -32.91 38.44
N VAL E 148 42.89 -33.75 37.84
CA VAL E 148 41.48 -33.91 38.25
C VAL E 148 41.16 -35.39 38.46
N VAL E 149 40.66 -35.69 39.66
CA VAL E 149 40.19 -37.00 40.05
C VAL E 149 38.69 -36.88 40.35
N VAL E 150 37.87 -37.52 39.53
CA VAL E 150 36.42 -37.39 39.65
C VAL E 150 35.90 -38.42 40.63
N VAL E 151 35.31 -37.96 41.73
CA VAL E 151 34.78 -38.90 42.71
C VAL E 151 33.36 -38.56 43.12
N THR E 152 32.48 -39.53 42.92
CA THR E 152 31.05 -39.32 43.19
C THR E 152 30.70 -39.98 44.52
N ILE E 153 29.78 -39.36 45.25
CA ILE E 153 29.40 -39.85 46.58
C ILE E 153 27.90 -40.19 46.63
N HIS E 154 27.62 -41.44 47.00
CA HIS E 154 26.28 -42.02 47.04
C HIS E 154 26.07 -42.77 48.36
N SER E 155 24.81 -42.94 48.74
CA SER E 155 24.46 -43.88 49.81
C SER E 155 23.38 -44.85 49.31
N PHE E 156 23.30 -46.00 49.97
CA PHE E 156 22.30 -47.00 49.64
C PHE E 156 21.60 -47.51 50.90
N THR E 157 20.37 -47.96 50.71
CA THR E 157 19.54 -48.40 51.82
C THR E 157 20.05 -49.80 52.23
N PRO E 158 20.18 -50.04 53.54
CA PRO E 158 20.73 -51.32 54.02
C PRO E 158 19.84 -52.55 53.74
N VAL E 159 18.52 -52.37 53.83
CA VAL E 159 17.57 -53.46 53.65
C VAL E 159 17.17 -53.50 52.20
N TYR E 160 17.50 -54.61 51.54
CA TYR E 160 17.16 -54.83 50.14
C TYR E 160 16.47 -56.18 49.99
N HIS E 161 15.28 -56.18 49.40
CA HIS E 161 14.50 -57.41 49.20
C HIS E 161 14.46 -58.25 50.49
N GLY E 162 14.20 -57.58 51.61
CA GLY E 162 14.08 -58.25 52.90
C GLY E 162 15.37 -58.62 53.62
N ARG E 163 16.51 -58.59 52.93
CA ARG E 163 17.80 -58.87 53.57
C ARG E 163 18.61 -57.61 53.88
N PHE E 164 19.43 -57.68 54.93
CA PHE E 164 20.24 -56.56 55.42
C PHE E 164 21.63 -56.69 54.82
N ARG E 165 21.93 -55.79 53.86
CA ARG E 165 23.13 -55.86 53.02
C ARG E 165 24.39 -55.88 53.83
N GLU E 166 25.28 -56.79 53.48
CA GLU E 166 26.56 -56.95 54.18
C GLU E 166 27.53 -55.87 53.74
N VAL E 167 27.55 -55.57 52.43
CA VAL E 167 28.44 -54.50 51.93
C VAL E 167 28.15 -53.19 52.68
N GLU E 168 29.22 -52.58 53.15
CA GLU E 168 29.15 -51.31 53.86
C GLU E 168 29.69 -50.17 52.98
N ILE E 169 30.80 -50.41 52.26
CA ILE E 169 31.35 -49.43 51.31
C ILE E 169 31.55 -50.08 49.97
N GLY E 170 30.88 -49.53 48.96
CA GLY E 170 31.08 -50.00 47.60
C GLY E 170 32.02 -49.12 46.83
N ILE E 171 33.01 -49.73 46.18
CA ILE E 171 33.92 -49.03 45.30
C ILE E 171 33.49 -49.37 43.90
N LEU E 172 32.83 -48.42 43.24
CA LEU E 172 32.26 -48.67 41.93
C LEU E 172 33.10 -47.99 40.85
N HIS E 173 33.19 -48.64 39.70
CA HIS E 173 33.96 -48.12 38.60
C HIS E 173 33.50 -48.67 37.27
N ASP E 174 33.91 -47.98 36.22
CA ASP E 174 33.63 -48.43 34.87
C ASP E 174 34.89 -49.12 34.33
N ASN E 175 35.12 -49.02 33.02
CA ASN E 175 36.27 -49.63 32.37
C ASN E 175 37.61 -49.29 33.06
N ASP E 176 37.80 -48.01 33.39
CA ASP E 176 39.01 -47.60 34.11
C ASP E 176 38.91 -48.00 35.59
N SER E 177 39.78 -48.92 36.01
CA SER E 177 39.72 -49.45 37.38
C SER E 177 40.91 -49.00 38.23
N ARG E 178 41.73 -48.10 37.71
CA ARG E 178 43.00 -47.74 38.35
C ARG E 178 42.84 -47.28 39.82
N LEU E 179 41.97 -46.30 40.06
CA LEU E 179 41.77 -45.80 41.43
C LEU E 179 40.99 -46.80 42.29
N ALA E 180 39.97 -47.43 41.69
CA ALA E 180 39.20 -48.46 42.38
C ALA E 180 40.12 -49.59 42.89
N ASP E 181 41.00 -50.10 42.03
CA ASP E 181 41.91 -51.21 42.38
C ASP E 181 42.79 -50.84 43.60
N ALA E 182 43.33 -49.62 43.58
CA ALA E 182 44.19 -49.12 44.64
C ALA E 182 43.45 -48.92 45.95
N MET E 183 42.19 -48.50 45.88
CA MET E 183 41.39 -48.30 47.10
C MET E 183 41.04 -49.66 47.69
N LEU E 184 40.73 -50.60 46.80
CA LEU E 184 40.33 -51.95 47.17
C LEU E 184 41.50 -52.68 47.80
N ALA E 185 42.66 -52.65 47.14
CA ALA E 185 43.90 -53.13 47.74
C ALA E 185 44.17 -52.46 49.10
N GLY E 186 43.91 -51.15 49.19
CA GLY E 186 44.16 -50.41 50.43
C GLY E 186 43.18 -50.64 51.58
N ALA E 187 42.03 -51.26 51.28
CA ALA E 187 40.99 -51.46 52.31
C ALA E 187 41.19 -52.75 53.12
N GLU E 188 42.24 -53.52 52.81
CA GLU E 188 42.55 -54.77 53.52
C GLU E 188 42.52 -54.62 55.03
N GLY E 189 41.75 -55.50 55.68
CA GLY E 189 41.63 -55.52 57.13
C GLY E 189 40.87 -54.34 57.72
N ALA E 190 40.16 -53.58 56.87
CA ALA E 190 39.39 -52.46 57.40
C ALA E 190 38.20 -53.06 58.13
N SER E 191 37.77 -52.39 59.21
CA SER E 191 36.61 -52.84 59.95
C SER E 191 35.36 -52.82 59.05
N LEU E 192 35.25 -51.80 58.22
CA LEU E 192 34.17 -51.72 57.24
C LEU E 192 34.30 -52.77 56.13
N THR E 193 33.17 -53.36 55.73
CA THR E 193 33.14 -54.31 54.60
C THR E 193 33.14 -53.55 53.27
N VAL E 194 34.24 -53.68 52.51
CA VAL E 194 34.47 -52.91 51.29
C VAL E 194 34.47 -53.83 50.09
N ARG E 195 33.59 -53.57 49.12
CA ARG E 195 33.39 -54.47 47.99
C ARG E 195 33.42 -53.73 46.62
N ARG E 196 33.90 -54.42 45.59
CA ARG E 196 33.95 -53.87 44.24
C ARG E 196 32.57 -53.94 43.57
N ASN E 197 32.11 -52.81 43.03
CA ASN E 197 30.89 -52.81 42.23
C ASN E 197 29.77 -53.58 42.91
N ASP E 198 29.55 -53.24 44.16
CA ASP E 198 28.56 -53.85 45.00
C ASP E 198 28.11 -52.72 45.92
N PRO E 199 26.79 -52.47 46.05
CA PRO E 199 25.63 -53.22 45.55
C PRO E 199 25.18 -52.99 44.11
N TYR E 200 25.92 -52.18 43.33
CA TYR E 200 25.60 -51.90 41.93
C TYR E 200 26.88 -51.82 41.13
N GLY E 201 26.75 -51.96 39.81
CA GLY E 201 27.87 -51.79 38.87
C GLY E 201 27.39 -51.18 37.56
N PRO E 202 28.31 -51.00 36.59
CA PRO E 202 27.99 -50.31 35.33
C PRO E 202 26.71 -50.82 34.64
N GLU E 203 26.49 -52.13 34.70
CA GLU E 203 25.35 -52.74 34.03
C GLU E 203 24.03 -52.41 34.72
N ASP E 204 24.10 -51.82 35.91
CA ASP E 204 22.91 -51.25 36.57
C ASP E 204 22.61 -49.80 36.13
N GLY E 205 23.46 -49.24 35.28
CA GLY E 205 23.28 -47.86 34.80
C GLY E 205 23.83 -46.79 35.73
N VAL E 206 24.52 -47.22 36.79
CA VAL E 206 24.96 -46.33 37.85
C VAL E 206 26.30 -45.63 37.62
N THR E 207 26.99 -45.90 36.49
CA THR E 207 28.24 -45.19 36.18
C THR E 207 28.10 -44.09 35.12
N HIS E 208 26.91 -43.54 34.96
CA HIS E 208 26.68 -42.51 33.91
C HIS E 208 27.64 -41.31 34.05
N THR E 209 27.67 -40.74 35.24
CA THR E 209 28.53 -39.58 35.50
C THR E 209 30.01 -39.86 35.23
N LEU E 210 30.50 -41.06 35.58
CA LEU E 210 31.90 -41.40 35.34
C LEU E 210 32.16 -41.52 33.85
N ARG E 211 31.23 -42.15 33.12
CA ARG E 211 31.35 -42.24 31.68
C ARG E 211 31.38 -40.86 31.00
N LEU E 212 30.55 -39.94 31.48
CA LEU E 212 30.48 -38.59 30.91
C LEU E 212 31.72 -37.80 31.19
N HIS E 213 32.23 -37.89 32.41
CA HIS E 213 33.24 -36.93 32.87
C HIS E 213 34.68 -37.45 32.99
N ALA E 214 34.84 -38.75 33.24
CA ALA E 214 36.17 -39.33 33.56
C ALA E 214 36.77 -40.11 32.38
N LEU E 215 35.98 -40.93 31.72
CA LEU E 215 36.53 -41.81 30.68
C LEU E 215 37.09 -41.07 29.46
N PRO E 216 36.45 -39.97 29.01
CA PRO E 216 36.97 -39.39 27.76
C PRO E 216 38.45 -38.95 27.83
N ASP E 217 38.84 -38.27 28.90
CA ASP E 217 40.23 -37.80 29.08
C ASP E 217 41.08 -38.73 29.97
N GLY E 218 40.57 -39.92 30.27
CA GLY E 218 41.31 -40.90 31.06
C GLY E 218 41.63 -40.42 32.47
N LEU E 219 40.68 -39.74 33.08
CA LEU E 219 40.87 -39.21 34.42
C LEU E 219 40.68 -40.30 35.46
N LEU E 220 41.50 -40.30 36.50
CA LEU E 220 41.29 -41.15 37.66
C LEU E 220 39.88 -40.89 38.21
N ASN E 221 39.18 -41.94 38.62
CA ASN E 221 37.79 -41.77 39.00
C ASN E 221 37.25 -42.93 39.82
N VAL E 222 36.23 -42.66 40.62
CA VAL E 222 35.57 -43.71 41.39
C VAL E 222 34.23 -43.21 41.92
N MET E 223 33.26 -44.14 41.98
CA MET E 223 31.96 -43.90 42.57
C MET E 223 31.93 -44.61 43.93
N ILE E 224 31.66 -43.88 44.98
CA ILE E 224 31.62 -44.42 46.34
C ILE E 224 30.20 -44.58 46.81
N GLU E 225 29.86 -45.79 47.26
CA GLU E 225 28.56 -46.10 47.82
C GLU E 225 28.69 -46.41 49.31
N ILE E 226 27.82 -45.82 50.12
CA ILE E 226 27.91 -45.99 51.56
C ILE E 226 26.56 -46.44 52.09
N ARG E 227 26.54 -47.51 52.88
CA ARG E 227 25.28 -48.00 53.42
C ARG E 227 24.80 -46.94 54.41
N ASN E 228 23.56 -46.47 54.26
CA ASN E 228 23.15 -45.18 54.88
C ASN E 228 22.93 -45.17 56.39
N ASP E 229 22.81 -46.36 56.98
CA ASP E 229 22.77 -46.47 58.45
C ASP E 229 24.09 -46.03 59.07
N LEU E 230 25.16 -46.15 58.30
CA LEU E 230 26.51 -45.78 58.75
C LEU E 230 26.82 -44.29 58.76
N ILE E 231 25.88 -43.44 58.34
CA ILE E 231 26.08 -41.98 58.24
C ILE E 231 24.80 -41.25 58.65
N ALA E 232 24.12 -41.86 59.61
CA ALA E 232 22.81 -41.37 60.05
C ALA E 232 22.92 -40.14 60.94
N ASN E 233 24.12 -39.84 61.44
CA ASN E 233 24.33 -38.67 62.30
C ASN E 233 25.73 -38.08 62.08
N GLU E 234 25.96 -36.93 62.69
CA GLU E 234 27.20 -36.18 62.45
C GLU E 234 28.50 -36.93 62.75
N GLY E 235 28.53 -37.68 63.85
CA GLY E 235 29.73 -38.42 64.23
C GLY E 235 30.01 -39.57 63.27
N GLU E 236 28.94 -40.25 62.88
CA GLU E 236 29.01 -41.36 61.93
C GLU E 236 29.50 -40.83 60.59
N GLN E 237 28.97 -39.67 60.19
CA GLN E 237 29.42 -38.99 58.97
C GLN E 237 30.92 -38.66 59.02
N ALA E 238 31.38 -38.15 60.16
CA ALA E 238 32.80 -37.79 60.36
C ALA E 238 33.70 -39.02 60.33
N ALA E 239 33.23 -40.10 60.97
CA ALA E 239 33.93 -41.39 60.97
C ALA E 239 34.13 -41.94 59.58
N ILE E 240 33.05 -42.00 58.81
CA ILE E 240 33.11 -42.55 57.47
C ILE E 240 33.94 -41.63 56.59
N ALA E 241 33.82 -40.32 56.80
CA ALA E 241 34.57 -39.35 56.03
C ALA E 241 36.09 -39.45 56.27
N GLY E 242 36.48 -39.63 57.53
CA GLY E 242 37.89 -39.89 57.87
C GLY E 242 38.40 -41.16 57.22
N PHE E 243 37.59 -42.20 57.29
CA PHE E 243 37.93 -43.47 56.65
C PHE E 243 38.13 -43.35 55.13
N LEU E 244 37.21 -42.68 54.46
CA LEU E 244 37.31 -42.48 53.02
C LEU E 244 38.49 -41.60 52.64
N HIS E 245 38.71 -40.54 53.40
CA HIS E 245 39.82 -39.62 53.16
C HIS E 245 41.18 -40.31 53.23
N GLU E 246 41.34 -41.18 54.21
CA GLU E 246 42.55 -41.97 54.34
C GLU E 246 42.69 -42.97 53.23
N LEU E 247 41.61 -43.70 52.98
CA LEU E 247 41.64 -44.77 52.00
C LEU E 247 41.96 -44.24 50.59
N MET E 248 41.24 -43.20 50.17
CA MET E 248 41.44 -42.65 48.83
C MET E 248 42.75 -41.87 48.77
N GLY E 249 43.04 -41.15 49.84
CA GLY E 249 44.28 -40.41 49.96
C GLY E 249 45.51 -41.29 49.71
N LYS E 250 45.61 -42.37 50.50
CA LYS E 250 46.72 -43.32 50.35
C LYS E 250 46.73 -43.91 48.95
N ALA E 251 45.54 -44.30 48.46
CA ALA E 251 45.41 -44.88 47.13
C ALA E 251 45.98 -43.99 46.04
N LEU E 252 45.70 -42.69 46.11
CA LEU E 252 46.20 -41.74 45.10
C LEU E 252 47.72 -41.57 45.21
N SER E 253 48.23 -41.53 46.44
CA SER E 253 49.68 -41.50 46.65
C SER E 253 50.36 -42.71 45.99
N SER E 254 49.78 -43.89 46.20
CA SER E 254 50.31 -45.13 45.63
C SER E 254 50.25 -45.20 44.12
N ILE E 255 49.30 -44.49 43.53
CA ILE E 255 49.14 -44.45 42.08
C ILE E 255 50.17 -43.53 41.40
N GLU E 256 50.69 -42.56 42.16
CA GLU E 256 51.59 -41.55 41.59
C GLU E 256 53.00 -42.08 41.30
N ARG F 6 12.81 -14.95 -43.96
CA ARG F 6 13.53 -15.79 -42.94
C ARG F 6 12.91 -17.20 -42.72
N PHE F 7 11.58 -17.29 -42.76
CA PHE F 7 10.81 -18.52 -42.40
C PHE F 7 10.45 -19.39 -43.63
N PHE F 8 10.32 -18.71 -44.78
CA PHE F 8 9.83 -19.29 -46.02
C PHE F 8 10.93 -19.28 -47.09
N THR F 9 10.87 -20.21 -48.05
CA THR F 9 11.68 -20.09 -49.25
C THR F 9 10.99 -19.05 -50.14
N GLU F 10 11.74 -18.52 -51.09
CA GLU F 10 11.19 -17.58 -52.06
C GLU F 10 10.01 -18.21 -52.80
N ALA F 11 10.20 -19.46 -53.21
CA ALA F 11 9.20 -20.22 -53.97
C ALA F 11 7.86 -20.30 -53.25
N GLU F 12 7.92 -20.45 -51.92
CA GLU F 12 6.73 -20.68 -51.10
C GLU F 12 5.80 -19.50 -50.98
N GLY F 13 6.29 -18.30 -51.24
CA GLY F 13 5.46 -17.12 -51.22
C GLY F 13 5.16 -16.67 -49.82
N LYS F 14 4.02 -16.02 -49.64
CA LYS F 14 3.67 -15.38 -48.38
C LYS F 14 2.70 -16.22 -47.56
N ALA F 15 2.63 -15.97 -46.26
CA ALA F 15 1.69 -16.67 -45.38
C ALA F 15 0.22 -16.38 -45.73
N VAL F 16 -0.07 -15.12 -46.06
CA VAL F 16 -1.42 -14.66 -46.24
C VAL F 16 -1.71 -14.44 -47.73
N GLY F 17 -2.76 -15.10 -48.21
CA GLY F 17 -3.32 -14.85 -49.53
C GLY F 17 -4.57 -13.99 -49.40
N VAL F 18 -4.71 -13.04 -50.33
CA VAL F 18 -5.93 -12.26 -50.45
C VAL F 18 -6.39 -12.28 -51.90
N GLU F 19 -7.64 -12.67 -52.11
CA GLU F 19 -8.27 -12.55 -53.42
C GLU F 19 -9.37 -11.49 -53.36
N ASN F 20 -9.52 -10.77 -54.46
CA ASN F 20 -10.45 -9.63 -54.55
C ASN F 20 -10.28 -8.63 -53.44
N ALA F 21 -9.04 -8.24 -53.17
CA ALA F 21 -8.77 -7.23 -52.15
C ALA F 21 -9.61 -5.96 -52.31
N ALA F 22 -9.77 -5.48 -53.54
CA ALA F 22 -10.53 -4.24 -53.76
C ALA F 22 -11.97 -4.53 -54.18
N ALA F 23 -12.64 -5.47 -53.49
CA ALA F 23 -14.03 -5.84 -53.82
C ALA F 23 -15.05 -4.90 -53.18
N LYS F 24 -16.19 -4.68 -53.86
CA LYS F 24 -17.26 -3.77 -53.35
C LYS F 24 -18.17 -4.43 -52.32
N GLY F 25 -18.18 -5.77 -52.26
CA GLY F 25 -19.10 -6.49 -51.38
C GLY F 25 -18.91 -6.26 -49.90
N ASP F 26 -20.02 -6.31 -49.15
CA ASP F 26 -20.01 -6.19 -47.71
C ASP F 26 -19.39 -7.40 -46.99
N VAL F 27 -19.52 -8.59 -47.58
CA VAL F 27 -18.99 -9.82 -46.95
C VAL F 27 -17.49 -9.93 -47.08
N LEU F 28 -16.84 -10.28 -45.96
CA LEU F 28 -15.40 -10.54 -45.92
C LEU F 28 -15.22 -12.02 -45.63
N LEU F 29 -14.72 -12.77 -46.60
CA LEU F 29 -14.58 -14.22 -46.44
C LEU F 29 -13.22 -14.51 -45.83
N VAL F 30 -13.19 -15.39 -44.85
CA VAL F 30 -11.95 -15.73 -44.16
C VAL F 30 -11.82 -17.25 -44.16
N CYS F 31 -10.65 -17.77 -44.57
CA CYS F 31 -10.43 -19.23 -44.62
C CYS F 31 -9.10 -19.62 -43.99
N GLU F 32 -9.17 -19.97 -42.71
CA GLU F 32 -7.99 -20.29 -41.90
C GLU F 32 -7.35 -21.61 -42.27
N HIS F 33 -8.15 -22.59 -42.65
CA HIS F 33 -7.63 -23.93 -42.94
C HIS F 33 -7.63 -24.19 -44.45
N ALA F 34 -7.29 -23.15 -45.20
CA ALA F 34 -7.36 -23.18 -46.64
C ALA F 34 -6.37 -24.15 -47.31
N SER F 35 -5.21 -24.34 -46.69
CA SER F 35 -4.09 -24.97 -47.37
C SER F 35 -3.38 -26.02 -46.53
N ALA F 36 -2.93 -27.07 -47.22
CA ALA F 36 -2.24 -28.20 -46.63
C ALA F 36 -0.71 -28.03 -46.69
N THR F 37 -0.22 -26.99 -47.37
CA THR F 37 1.22 -26.80 -47.60
C THR F 37 1.98 -26.71 -46.28
N ILE F 38 3.04 -27.51 -46.16
CA ILE F 38 3.96 -27.42 -45.04
C ILE F 38 5.18 -26.65 -45.53
N PRO F 39 5.55 -25.55 -44.84
CA PRO F 39 6.78 -24.89 -45.28
C PRO F 39 7.97 -25.87 -45.39
N GLN F 40 8.78 -25.70 -46.43
CA GLN F 40 9.91 -26.61 -46.71
C GLN F 40 10.73 -26.81 -45.44
N LYS F 41 10.93 -25.73 -44.69
CA LYS F 41 11.61 -25.79 -43.38
C LYS F 41 11.24 -27.03 -42.55
N TYR F 42 9.99 -27.49 -42.63
CA TYR F 42 9.48 -28.55 -41.73
C TYR F 42 9.39 -29.99 -42.28
N GLY F 43 9.71 -30.18 -43.56
CA GLY F 43 9.44 -31.47 -44.24
C GLY F 43 8.08 -32.05 -43.90
N THR F 44 8.08 -33.23 -43.29
CA THR F 44 6.87 -34.01 -43.12
C THR F 44 6.18 -33.77 -41.80
N LEU F 45 6.77 -32.93 -40.95
CA LEU F 45 6.47 -32.91 -39.52
C LEU F 45 6.50 -34.32 -38.91
N GLY F 46 7.26 -35.23 -39.53
CA GLY F 46 7.32 -36.63 -39.10
C GLY F 46 6.05 -37.42 -39.37
N LEU F 47 5.28 -36.98 -40.37
CA LEU F 47 3.97 -37.54 -40.65
C LEU F 47 4.00 -38.28 -41.99
N SER F 48 3.09 -39.25 -42.11
CA SER F 48 2.94 -40.03 -43.34
C SER F 48 2.28 -39.18 -44.41
N ALA F 49 2.57 -39.50 -45.66
CA ALA F 49 1.84 -38.90 -46.80
C ALA F 49 0.32 -38.93 -46.57
N ASP F 50 -0.18 -40.06 -46.08
CA ASP F 50 -1.62 -40.20 -45.89
C ASP F 50 -2.16 -39.14 -44.93
N VAL F 51 -1.49 -39.00 -43.79
CA VAL F 51 -1.92 -38.02 -42.77
C VAL F 51 -1.80 -36.59 -43.32
N LEU F 52 -0.70 -36.33 -44.04
CA LEU F 52 -0.44 -35.01 -44.63
C LEU F 52 -1.48 -34.60 -45.69
N SER F 53 -2.11 -35.57 -46.35
CA SER F 53 -3.12 -35.28 -47.37
C SER F 53 -4.57 -35.44 -46.86
N SER F 54 -4.70 -35.68 -45.55
CA SER F 54 -6.01 -35.82 -44.90
C SER F 54 -6.50 -34.50 -44.31
N HIS F 55 -7.72 -34.53 -43.76
CA HIS F 55 -8.26 -33.41 -43.00
C HIS F 55 -7.38 -32.92 -41.82
N ALA F 56 -6.38 -33.71 -41.41
CA ALA F 56 -5.42 -33.24 -40.39
C ALA F 56 -4.75 -31.93 -40.83
N ALA F 57 -4.42 -31.83 -42.11
CA ALA F 57 -3.55 -30.77 -42.65
C ALA F 57 -4.28 -29.52 -43.16
N TRP F 58 -5.58 -29.64 -43.39
CA TRP F 58 -6.36 -28.61 -44.03
C TRP F 58 -7.85 -29.00 -43.99
N ASP F 59 -8.71 -28.07 -44.39
CA ASP F 59 -10.12 -28.36 -44.59
C ASP F 59 -10.34 -28.59 -46.08
N PRO F 60 -10.42 -29.87 -46.50
CA PRO F 60 -10.63 -30.14 -47.92
C PRO F 60 -11.84 -29.40 -48.50
N GLY F 61 -11.67 -28.77 -49.66
CA GLY F 61 -12.77 -28.08 -50.36
C GLY F 61 -13.14 -26.67 -49.89
N ALA F 62 -12.67 -26.27 -48.71
CA ALA F 62 -13.05 -24.99 -48.10
C ALA F 62 -12.59 -23.81 -48.92
N LEU F 63 -11.30 -23.80 -49.28
CA LEU F 63 -10.74 -22.73 -50.12
C LEU F 63 -11.42 -22.69 -51.51
N ALA F 64 -11.66 -23.88 -52.08
CA ALA F 64 -12.37 -23.97 -53.37
C ALA F 64 -13.72 -23.28 -53.31
N VAL F 65 -14.49 -23.62 -52.27
CA VAL F 65 -15.80 -23.02 -52.03
C VAL F 65 -15.71 -21.54 -51.69
N ALA F 66 -14.75 -21.17 -50.84
CA ALA F 66 -14.54 -19.74 -50.52
C ALA F 66 -14.23 -18.91 -51.76
N ARG F 67 -13.48 -19.48 -52.68
CA ARG F 67 -13.09 -18.74 -53.88
C ARG F 67 -14.30 -18.51 -54.81
N LEU F 68 -15.19 -19.49 -54.88
CA LEU F 68 -16.42 -19.33 -55.63
C LEU F 68 -17.33 -18.32 -54.95
N LEU F 69 -17.45 -18.40 -53.63
CA LEU F 69 -18.20 -17.38 -52.91
C LEU F 69 -17.58 -15.98 -53.11
N SER F 70 -16.26 -15.92 -53.28
CA SER F 70 -15.60 -14.63 -53.50
C SER F 70 -16.08 -13.98 -54.83
N GLU F 71 -16.19 -14.79 -55.88
CA GLU F 71 -16.73 -14.33 -57.16
C GLU F 71 -18.24 -13.99 -57.05
N LYS F 72 -19.01 -14.86 -56.40
CA LYS F 72 -20.47 -14.70 -56.29
C LYS F 72 -20.94 -13.50 -55.47
N PHE F 73 -20.27 -13.26 -54.36
CA PHE F 73 -20.60 -12.11 -53.51
C PHE F 73 -19.78 -10.87 -53.87
N HIS F 74 -18.89 -10.96 -54.85
CA HIS F 74 -17.95 -9.88 -55.12
C HIS F 74 -17.29 -9.48 -53.81
N ALA F 75 -16.67 -10.47 -53.18
CA ALA F 75 -16.29 -10.41 -51.79
C ALA F 75 -14.82 -10.76 -51.67
N THR F 76 -14.15 -9.96 -50.85
CA THR F 76 -12.76 -10.17 -50.52
C THR F 76 -12.62 -11.47 -49.73
N LEU F 77 -11.59 -12.25 -50.08
CA LEU F 77 -11.20 -13.48 -49.38
C LEU F 77 -9.77 -13.43 -48.84
N VAL F 78 -9.64 -13.55 -47.52
CA VAL F 78 -8.33 -13.67 -46.87
C VAL F 78 -8.18 -15.13 -46.48
N TYR F 79 -7.09 -15.76 -46.91
CA TYR F 79 -6.84 -17.16 -46.57
C TYR F 79 -5.40 -17.37 -46.15
N GLN F 80 -5.22 -18.43 -45.38
CA GLN F 80 -3.93 -18.87 -44.89
C GLN F 80 -3.35 -19.87 -45.88
N ARG F 81 -2.13 -19.62 -46.34
CA ARG F 81 -1.51 -20.41 -47.38
C ARG F 81 -0.71 -21.62 -46.88
N PHE F 82 -0.69 -21.86 -45.55
CA PHE F 82 0.06 -22.98 -44.98
C PHE F 82 -0.76 -23.71 -43.92
N SER F 83 -0.37 -24.96 -43.67
CA SER F 83 -1.18 -25.89 -42.87
C SER F 83 -1.44 -25.50 -41.42
N ARG F 84 -2.67 -25.79 -41.00
CA ARG F 84 -3.09 -25.65 -39.63
C ARG F 84 -2.28 -26.55 -38.69
N LEU F 85 -1.58 -27.54 -39.25
CA LEU F 85 -0.68 -28.37 -38.42
C LEU F 85 0.52 -27.58 -37.86
N VAL F 86 0.96 -26.57 -38.59
CA VAL F 86 2.09 -25.76 -38.20
C VAL F 86 1.60 -24.69 -37.22
N TYR F 87 0.57 -23.96 -37.62
CA TYR F 87 -0.14 -23.07 -36.68
C TYR F 87 -1.61 -23.05 -37.10
N ASP F 88 -2.49 -23.45 -36.20
CA ASP F 88 -3.92 -23.36 -36.47
C ASP F 88 -4.39 -21.93 -36.18
N CYS F 89 -4.57 -21.17 -37.24
CA CYS F 89 -4.85 -19.74 -37.09
C CYS F 89 -6.22 -19.45 -36.47
N ASN F 90 -7.08 -20.45 -36.33
CA ASN F 90 -8.32 -20.30 -35.56
C ASN F 90 -8.15 -20.64 -34.07
N ARG F 91 -6.92 -20.52 -33.57
CA ARG F 91 -6.59 -20.71 -32.16
C ARG F 91 -5.57 -19.65 -31.70
N PRO F 92 -5.70 -19.15 -30.45
CA PRO F 92 -4.67 -18.29 -29.86
C PRO F 92 -3.47 -19.12 -29.36
N PRO F 93 -2.29 -18.48 -29.25
CA PRO F 93 -1.08 -19.26 -28.93
C PRO F 93 -1.11 -20.04 -27.60
N GLU F 94 -1.94 -19.64 -26.65
CA GLU F 94 -2.03 -20.34 -25.37
C GLU F 94 -2.88 -21.60 -25.42
N SER F 95 -3.60 -21.77 -26.52
CA SER F 95 -4.39 -22.98 -26.73
C SER F 95 -3.47 -24.13 -27.11
N PRO F 96 -3.61 -25.29 -26.46
CA PRO F 96 -2.85 -26.46 -26.89
C PRO F 96 -3.06 -26.86 -28.35
N SER F 97 -4.18 -26.42 -28.94
CA SER F 97 -4.50 -26.71 -30.32
C SER F 97 -3.84 -25.78 -31.33
N ALA F 98 -3.18 -24.71 -30.89
CA ALA F 98 -2.59 -23.77 -31.86
C ALA F 98 -1.48 -24.48 -32.64
N MET F 99 -0.70 -25.27 -31.92
CA MET F 99 0.40 -26.02 -32.51
C MET F 99 0.28 -27.44 -31.96
N PRO F 100 -0.65 -28.22 -32.55
CA PRO F 100 -1.12 -29.41 -31.83
C PRO F 100 -0.12 -30.62 -31.82
N VAL F 101 -0.03 -31.27 -30.66
CA VAL F 101 0.86 -32.44 -30.50
C VAL F 101 0.34 -33.66 -31.24
N LYS F 102 -0.99 -33.74 -31.37
CA LYS F 102 -1.62 -34.85 -32.08
C LYS F 102 -2.75 -34.37 -32.97
N SER F 103 -3.01 -35.16 -34.01
CA SER F 103 -4.24 -35.06 -34.78
C SER F 103 -5.00 -36.37 -34.64
N GLU F 104 -6.18 -36.29 -34.03
CA GLU F 104 -6.97 -37.48 -33.69
C GLU F 104 -6.07 -38.53 -33.05
N ILE F 105 -5.83 -39.64 -33.74
CA ILE F 105 -5.00 -40.73 -33.20
C ILE F 105 -3.51 -40.52 -33.51
N TYR F 106 -3.20 -39.56 -34.36
CA TYR F 106 -1.87 -39.42 -34.94
C TYR F 106 -0.96 -38.46 -34.17
N ASP F 107 0.22 -38.96 -33.86
CA ASP F 107 1.27 -38.18 -33.23
C ASP F 107 1.91 -37.29 -34.28
N ILE F 108 2.30 -36.08 -33.90
CA ILE F 108 2.98 -35.14 -34.82
C ILE F 108 4.36 -34.81 -34.25
N PRO F 109 5.40 -35.59 -34.65
CA PRO F 109 6.79 -35.38 -34.16
C PRO F 109 7.37 -33.97 -34.44
N GLY F 110 6.96 -33.37 -35.55
CA GLY F 110 7.32 -32.00 -35.86
C GLY F 110 6.81 -30.96 -34.88
N ASN F 111 5.76 -31.32 -34.12
CA ASN F 111 5.20 -30.46 -33.09
C ASN F 111 5.49 -30.99 -31.69
N PHE F 112 6.47 -31.84 -31.56
CA PHE F 112 6.75 -32.36 -30.25
C PHE F 112 7.33 -31.30 -29.33
N ASP F 113 6.71 -31.09 -28.19
CA ASP F 113 7.22 -30.19 -27.18
C ASP F 113 8.11 -29.10 -27.82
N LEU F 114 7.47 -28.17 -28.50
CA LEU F 114 8.15 -27.13 -29.24
C LEU F 114 8.85 -26.15 -28.31
N ASP F 115 10.05 -25.77 -28.65
CA ASP F 115 10.77 -24.83 -27.81
C ASP F 115 10.28 -23.42 -28.07
N GLU F 116 10.78 -22.47 -27.29
CA GLU F 116 10.26 -21.12 -27.36
C GLU F 116 10.58 -20.40 -28.67
N ALA F 117 11.75 -20.65 -29.24
CA ALA F 117 12.13 -20.01 -30.52
C ALA F 117 11.17 -20.44 -31.63
N GLU F 118 10.79 -21.72 -31.60
CA GLU F 118 9.93 -22.30 -32.63
C GLU F 118 8.49 -21.85 -32.47
N ARG F 119 7.99 -21.82 -31.24
CA ARG F 119 6.66 -21.30 -31.01
C ARG F 119 6.57 -19.84 -31.46
N PHE F 120 7.61 -19.05 -31.18
CA PHE F 120 7.62 -17.64 -31.61
C PHE F 120 7.63 -17.56 -33.14
N ALA F 121 8.50 -18.34 -33.76
CA ALA F 121 8.69 -18.27 -35.21
C ALA F 121 7.36 -18.52 -35.95
N ARG F 122 6.60 -19.50 -35.48
CA ARG F 122 5.30 -19.83 -36.10
C ARG F 122 4.23 -18.78 -35.83
N THR F 123 4.24 -18.22 -34.62
CA THR F 123 3.28 -17.20 -34.24
C THR F 123 3.54 -15.93 -35.02
N SER F 124 4.82 -15.57 -35.19
CA SER F 124 5.21 -14.38 -35.94
C SER F 124 5.01 -14.52 -37.46
N ALA F 125 5.28 -15.70 -38.01
CA ALA F 125 5.21 -15.97 -39.45
C ALA F 125 3.81 -16.20 -39.99
N LEU F 126 3.01 -16.99 -39.28
CA LEU F 126 1.69 -17.42 -39.79
C LEU F 126 0.50 -16.70 -39.13
N TYR F 127 0.48 -16.68 -37.79
CA TYR F 127 -0.69 -16.27 -37.01
C TYR F 127 -0.94 -14.77 -36.99
N VAL F 128 0.08 -14.01 -36.59
CA VAL F 128 -0.07 -12.57 -36.47
C VAL F 128 -0.30 -11.89 -37.81
N PRO F 129 0.50 -12.23 -38.84
CA PRO F 129 0.24 -11.63 -40.16
C PRO F 129 -1.14 -11.90 -40.73
N PHE F 130 -1.70 -13.08 -40.42
CA PHE F 130 -3.01 -13.46 -40.95
C PHE F 130 -4.09 -12.55 -40.37
N HIS F 131 -4.16 -12.50 -39.04
CA HIS F 131 -5.14 -11.70 -38.34
C HIS F 131 -4.89 -10.21 -38.50
N ASP F 132 -3.62 -9.80 -38.56
CA ASP F 132 -3.32 -8.38 -38.85
C ASP F 132 -3.95 -7.98 -40.18
N ARG F 133 -3.89 -8.84 -41.19
CA ARG F 133 -4.43 -8.52 -42.52
C ARG F 133 -5.96 -8.38 -42.48
N VAL F 134 -6.61 -9.34 -41.81
CA VAL F 134 -8.05 -9.30 -41.59
C VAL F 134 -8.44 -8.01 -40.85
N SER F 135 -7.71 -7.66 -39.79
CA SER F 135 -7.99 -6.45 -38.98
C SER F 135 -7.83 -5.16 -39.77
N GLU F 136 -6.81 -5.14 -40.63
CA GLU F 136 -6.50 -4.01 -41.48
C GLU F 136 -7.65 -3.75 -42.48
N ILE F 137 -8.07 -4.81 -43.16
CA ILE F 137 -9.19 -4.74 -44.12
C ILE F 137 -10.45 -4.21 -43.44
N ILE F 138 -10.76 -4.74 -42.27
CA ILE F 138 -11.96 -4.34 -41.54
C ILE F 138 -11.89 -2.86 -41.10
N ALA F 139 -10.74 -2.46 -40.57
CA ALA F 139 -10.57 -1.09 -40.11
C ALA F 139 -10.73 -0.09 -41.25
N GLU F 140 -10.15 -0.41 -42.40
CA GLU F 140 -10.27 0.39 -43.63
C GLU F 140 -11.73 0.52 -44.10
N ARG F 141 -12.40 -0.62 -44.15
CA ARG F 141 -13.80 -0.64 -44.58
C ARG F 141 -14.63 0.22 -43.65
N GLN F 142 -14.43 0.07 -42.35
CA GLN F 142 -15.13 0.87 -41.38
C GLN F 142 -14.83 2.38 -41.54
N ALA F 143 -13.56 2.73 -41.74
CA ALA F 143 -13.15 4.12 -42.00
C ALA F 143 -13.90 4.73 -43.21
N ALA F 144 -14.18 3.90 -44.20
CA ALA F 144 -14.90 4.33 -45.39
C ALA F 144 -16.43 4.21 -45.27
N GLY F 145 -16.93 4.00 -44.05
CA GLY F 145 -18.38 3.82 -43.81
C GLY F 145 -19.03 2.60 -44.43
N ARG F 146 -18.26 1.56 -44.70
CA ARG F 146 -18.76 0.36 -45.33
C ARG F 146 -19.21 -0.70 -44.33
N LYS F 147 -20.23 -1.44 -44.71
CA LYS F 147 -20.70 -2.58 -43.92
C LYS F 147 -19.66 -3.70 -44.03
N VAL F 148 -19.41 -4.41 -42.94
CA VAL F 148 -18.51 -5.56 -42.97
C VAL F 148 -19.23 -6.74 -42.33
N VAL F 149 -19.34 -7.84 -43.08
CA VAL F 149 -19.95 -9.07 -42.61
C VAL F 149 -18.86 -10.15 -42.61
N VAL F 150 -18.47 -10.61 -41.43
CA VAL F 150 -17.32 -11.51 -41.32
C VAL F 150 -17.77 -12.96 -41.45
N VAL F 151 -17.32 -13.64 -42.49
CA VAL F 151 -17.78 -15.00 -42.75
C VAL F 151 -16.61 -15.95 -42.92
N THR F 152 -16.51 -16.93 -42.03
CA THR F 152 -15.45 -17.93 -42.13
C THR F 152 -15.97 -19.21 -42.79
N ILE F 153 -15.12 -19.83 -43.60
CA ILE F 153 -15.47 -21.03 -44.36
C ILE F 153 -14.59 -22.19 -43.90
N HIS F 154 -15.25 -23.22 -43.36
CA HIS F 154 -14.63 -24.46 -42.90
C HIS F 154 -15.25 -25.70 -43.55
N SER F 155 -14.52 -26.81 -43.51
CA SER F 155 -15.07 -28.11 -43.84
C SER F 155 -14.72 -29.07 -42.71
N PHE F 156 -15.58 -30.07 -42.54
CA PHE F 156 -15.38 -31.09 -41.52
C PHE F 156 -15.54 -32.50 -42.06
N THR F 157 -14.97 -33.43 -41.31
CA THR F 157 -14.91 -34.80 -41.75
C THR F 157 -16.26 -35.52 -41.44
N PRO F 158 -16.74 -36.35 -42.37
CA PRO F 158 -18.01 -37.04 -42.12
C PRO F 158 -17.99 -38.06 -40.98
N VAL F 159 -16.83 -38.68 -40.72
CA VAL F 159 -16.68 -39.67 -39.64
C VAL F 159 -15.84 -39.09 -38.51
N TYR F 160 -16.39 -39.19 -37.29
CA TYR F 160 -15.76 -38.59 -36.12
C TYR F 160 -16.01 -39.39 -34.84
N HIS F 161 -14.94 -39.96 -34.29
CA HIS F 161 -15.06 -40.82 -33.12
C HIS F 161 -16.20 -41.81 -33.27
N GLY F 162 -16.26 -42.47 -34.44
CA GLY F 162 -16.97 -43.73 -34.56
C GLY F 162 -18.44 -43.55 -34.86
N ARG F 163 -19.00 -42.45 -34.39
CA ARG F 163 -20.19 -41.86 -35.01
C ARG F 163 -19.94 -41.56 -36.49
N PHE F 164 -21.02 -41.43 -37.24
CA PHE F 164 -21.00 -40.66 -38.48
C PHE F 164 -21.90 -39.45 -38.39
N ARG F 165 -21.51 -38.37 -39.07
CA ARG F 165 -22.16 -37.06 -38.88
C ARG F 165 -23.21 -36.82 -39.93
N GLU F 166 -24.46 -36.76 -39.52
CA GLU F 166 -25.52 -36.51 -40.48
C GLU F 166 -25.71 -35.02 -40.80
N VAL F 167 -25.23 -34.13 -39.91
CA VAL F 167 -25.23 -32.69 -40.21
C VAL F 167 -24.42 -32.46 -41.47
N GLU F 168 -24.97 -31.66 -42.37
CA GLU F 168 -24.32 -31.39 -43.64
C GLU F 168 -23.75 -29.97 -43.68
N ILE F 169 -24.50 -29.00 -43.14
CA ILE F 169 -24.01 -27.64 -43.01
C ILE F 169 -24.21 -27.18 -41.58
N GLY F 170 -23.11 -26.76 -40.95
CA GLY F 170 -23.14 -26.21 -39.61
C GLY F 170 -23.14 -24.69 -39.68
N ILE F 171 -24.02 -24.07 -38.93
CA ILE F 171 -24.12 -22.62 -38.88
C ILE F 171 -23.67 -22.26 -37.47
N LEU F 172 -22.41 -21.79 -37.38
CA LEU F 172 -21.73 -21.61 -36.09
C LEU F 172 -21.60 -20.13 -35.72
N HIS F 173 -21.74 -19.83 -34.45
CA HIS F 173 -21.69 -18.46 -33.99
C HIS F 173 -21.35 -18.37 -32.52
N ASP F 174 -20.95 -17.18 -32.11
CA ASP F 174 -20.64 -16.88 -30.74
C ASP F 174 -21.84 -16.13 -30.15
N ASN F 175 -21.61 -15.26 -29.18
CA ASN F 175 -22.73 -14.59 -28.51
C ASN F 175 -23.67 -13.82 -29.46
N ASP F 176 -23.14 -13.36 -30.60
CA ASP F 176 -23.95 -12.66 -31.61
C ASP F 176 -24.54 -13.65 -32.63
N SER F 177 -25.86 -13.84 -32.58
CA SER F 177 -26.54 -14.87 -33.39
C SER F 177 -27.38 -14.29 -34.52
N ARG F 178 -27.25 -12.99 -34.77
CA ARG F 178 -28.12 -12.35 -35.76
C ARG F 178 -28.06 -13.06 -37.11
N LEU F 179 -26.91 -13.05 -37.79
CA LEU F 179 -26.77 -13.75 -39.08
C LEU F 179 -27.04 -15.26 -38.97
N ALA F 180 -26.59 -15.90 -37.89
CA ALA F 180 -26.82 -17.34 -37.70
C ALA F 180 -28.33 -17.67 -37.69
N ASP F 181 -29.09 -16.86 -36.95
CA ASP F 181 -30.54 -17.00 -36.84
C ASP F 181 -31.22 -16.87 -38.20
N ALA F 182 -30.82 -15.84 -38.94
CA ALA F 182 -31.37 -15.57 -40.26
C ALA F 182 -31.11 -16.72 -41.22
N MET F 183 -29.90 -17.26 -41.19
CA MET F 183 -29.53 -18.37 -42.08
C MET F 183 -30.26 -19.68 -41.72
N LEU F 184 -30.47 -19.92 -40.43
CA LEU F 184 -31.12 -21.15 -39.97
C LEU F 184 -32.61 -21.13 -40.27
N ALA F 185 -33.25 -19.96 -40.08
CA ALA F 185 -34.61 -19.75 -40.53
C ALA F 185 -34.73 -19.97 -42.04
N GLY F 186 -33.83 -19.36 -42.79
CA GLY F 186 -33.86 -19.45 -44.23
C GLY F 186 -33.53 -20.82 -44.79
N ALA F 187 -32.91 -21.68 -43.98
CA ALA F 187 -32.53 -23.04 -44.38
C ALA F 187 -33.67 -24.04 -44.13
N GLU F 188 -34.72 -23.60 -43.47
CA GLU F 188 -35.95 -24.39 -43.35
C GLU F 188 -36.40 -24.86 -44.75
N GLY F 189 -36.65 -26.17 -44.88
CA GLY F 189 -37.10 -26.75 -46.13
C GLY F 189 -36.01 -27.00 -47.16
N ALA F 190 -34.76 -26.65 -46.83
CA ALA F 190 -33.64 -26.93 -47.73
C ALA F 190 -33.37 -28.46 -47.75
N SER F 191 -32.78 -28.92 -48.85
CA SER F 191 -32.47 -30.34 -49.07
C SER F 191 -31.30 -30.84 -48.23
N LEU F 192 -30.54 -29.91 -47.65
CA LEU F 192 -29.38 -30.22 -46.82
C LEU F 192 -29.79 -30.20 -45.35
N THR F 193 -29.13 -31.00 -44.53
CA THR F 193 -29.33 -30.97 -43.09
C THR F 193 -28.46 -29.82 -42.54
N VAL F 194 -29.12 -28.77 -42.05
CA VAL F 194 -28.46 -27.54 -41.62
C VAL F 194 -28.73 -27.36 -40.13
N ARG F 195 -27.68 -27.20 -39.32
CA ARG F 195 -27.80 -27.26 -37.88
C ARG F 195 -26.97 -26.16 -37.20
N ARG F 196 -27.47 -25.68 -36.07
CA ARG F 196 -26.78 -24.67 -35.27
C ARG F 196 -25.63 -25.24 -34.46
N ASN F 197 -24.46 -24.60 -34.57
CA ASN F 197 -23.32 -24.96 -33.76
C ASN F 197 -23.11 -26.47 -33.69
N ASP F 198 -23.03 -27.07 -34.85
CA ASP F 198 -22.94 -28.50 -35.01
C ASP F 198 -22.15 -28.70 -36.29
N PRO F 199 -21.06 -29.48 -36.27
CA PRO F 199 -20.53 -30.36 -35.22
C PRO F 199 -19.76 -29.70 -34.07
N TYR F 200 -19.56 -28.39 -34.10
CA TYR F 200 -18.78 -27.70 -33.06
C TYR F 200 -19.46 -26.41 -32.67
N GLY F 201 -19.08 -25.90 -31.50
CA GLY F 201 -19.54 -24.60 -31.00
C GLY F 201 -18.41 -23.85 -30.31
N PRO F 202 -18.70 -22.66 -29.77
CA PRO F 202 -17.72 -21.81 -29.08
C PRO F 202 -16.94 -22.54 -28.00
N GLU F 203 -17.61 -23.43 -27.29
CA GLU F 203 -17.05 -24.18 -26.19
C GLU F 203 -15.95 -25.14 -26.64
N ASP F 204 -15.91 -25.46 -27.95
CA ASP F 204 -14.84 -26.26 -28.54
C ASP F 204 -13.67 -25.40 -29.00
N GLY F 205 -13.77 -24.09 -28.79
CA GLY F 205 -12.72 -23.16 -29.12
C GLY F 205 -12.65 -22.83 -30.60
N VAL F 206 -13.75 -23.00 -31.32
CA VAL F 206 -13.72 -22.84 -32.77
C VAL F 206 -14.16 -21.46 -33.24
N THR F 207 -14.56 -20.57 -32.33
CA THR F 207 -15.00 -19.25 -32.73
C THR F 207 -13.93 -18.17 -32.46
N HIS F 208 -12.64 -18.55 -32.42
CA HIS F 208 -11.54 -17.59 -32.15
C HIS F 208 -11.54 -16.43 -33.15
N THR F 209 -11.48 -16.75 -34.44
CA THR F 209 -11.51 -15.73 -35.48
C THR F 209 -12.70 -14.73 -35.36
N LEU F 210 -13.90 -15.21 -34.99
CA LEU F 210 -15.08 -14.36 -34.83
C LEU F 210 -14.93 -13.46 -33.60
N ARG F 211 -14.42 -14.02 -32.51
CA ARG F 211 -14.13 -13.28 -31.30
C ARG F 211 -13.10 -12.18 -31.58
N LEU F 212 -12.11 -12.46 -32.41
CA LEU F 212 -11.07 -11.46 -32.72
C LEU F 212 -11.61 -10.30 -33.52
N HIS F 213 -12.39 -10.60 -34.54
CA HIS F 213 -12.71 -9.65 -35.62
C HIS F 213 -14.15 -9.19 -35.69
N ALA F 214 -15.09 -9.94 -35.12
CA ALA F 214 -16.49 -9.62 -35.31
C ALA F 214 -17.15 -9.06 -34.06
N LEU F 215 -16.87 -9.67 -32.91
CA LEU F 215 -17.53 -9.26 -31.69
C LEU F 215 -17.14 -7.83 -31.24
N PRO F 216 -15.86 -7.44 -31.37
CA PRO F 216 -15.53 -6.12 -30.81
C PRO F 216 -16.41 -4.98 -31.31
N ASP F 217 -16.64 -4.91 -32.62
CA ASP F 217 -17.46 -3.84 -33.19
C ASP F 217 -18.87 -4.27 -33.57
N GLY F 218 -19.30 -5.45 -33.09
CA GLY F 218 -20.67 -5.92 -33.30
C GLY F 218 -20.98 -6.10 -34.76
N LEU F 219 -20.02 -6.63 -35.50
CA LEU F 219 -20.24 -6.89 -36.91
C LEU F 219 -21.07 -8.16 -37.06
N LEU F 220 -21.96 -8.17 -38.03
CA LEU F 220 -22.61 -9.40 -38.48
C LEU F 220 -21.54 -10.43 -38.85
N ASN F 221 -21.79 -11.67 -38.45
CA ASN F 221 -20.79 -12.72 -38.60
C ASN F 221 -21.36 -14.12 -38.49
N VAL F 222 -20.68 -15.05 -39.14
CA VAL F 222 -21.05 -16.47 -39.05
C VAL F 222 -19.83 -17.28 -39.45
N MET F 223 -19.76 -18.50 -38.92
CA MET F 223 -18.76 -19.49 -39.31
C MET F 223 -19.56 -20.60 -39.99
N ILE F 224 -19.22 -20.92 -41.23
CA ILE F 224 -19.92 -21.97 -42.00
C ILE F 224 -19.07 -23.25 -42.06
N GLU F 225 -19.63 -24.35 -41.58
CA GLU F 225 -19.04 -25.67 -41.69
C GLU F 225 -19.75 -26.51 -42.74
N ILE F 226 -18.97 -27.16 -43.61
CA ILE F 226 -19.52 -27.93 -44.74
C ILE F 226 -18.93 -29.33 -44.66
N ARG F 227 -19.76 -30.37 -44.62
CA ARG F 227 -19.22 -31.74 -44.55
C ARG F 227 -18.40 -31.99 -45.84
N ASN F 228 -17.16 -32.46 -45.70
CA ASN F 228 -16.20 -32.32 -46.79
C ASN F 228 -16.47 -33.21 -48.02
N ASP F 229 -17.21 -34.29 -47.83
CA ASP F 229 -17.67 -35.08 -48.97
C ASP F 229 -18.60 -34.30 -49.94
N LEU F 230 -19.26 -33.27 -49.43
CA LEU F 230 -20.18 -32.47 -50.26
C LEU F 230 -19.45 -31.50 -51.18
N ILE F 231 -18.13 -31.38 -51.03
CA ILE F 231 -17.33 -30.43 -51.80
C ILE F 231 -16.04 -31.04 -52.31
N ALA F 232 -16.14 -32.31 -52.74
CA ALA F 232 -14.97 -33.10 -53.13
C ALA F 232 -14.49 -32.85 -54.55
N ASN F 233 -15.32 -32.23 -55.38
CA ASN F 233 -14.91 -31.93 -56.76
C ASN F 233 -15.53 -30.62 -57.26
N GLU F 234 -15.10 -30.20 -58.44
CA GLU F 234 -15.40 -28.89 -58.95
C GLU F 234 -16.91 -28.63 -59.03
N GLY F 235 -17.64 -29.60 -59.58
CA GLY F 235 -19.09 -29.51 -59.68
C GLY F 235 -19.79 -29.46 -58.34
N GLU F 236 -19.32 -30.27 -57.40
CA GLU F 236 -19.84 -30.25 -56.03
C GLU F 236 -19.56 -28.90 -55.33
N GLN F 237 -18.34 -28.38 -55.50
CA GLN F 237 -17.99 -27.09 -54.92
C GLN F 237 -18.87 -25.98 -55.47
N ALA F 238 -19.01 -25.96 -56.80
CA ALA F 238 -19.89 -25.00 -57.48
C ALA F 238 -21.33 -25.07 -56.96
N ALA F 239 -21.86 -26.28 -56.84
CA ALA F 239 -23.20 -26.50 -56.29
C ALA F 239 -23.36 -25.90 -54.90
N ILE F 240 -22.47 -26.30 -53.99
CA ILE F 240 -22.57 -25.84 -52.60
C ILE F 240 -22.38 -24.30 -52.50
N ALA F 241 -21.53 -23.75 -53.36
CA ALA F 241 -21.26 -22.31 -53.34
C ALA F 241 -22.52 -21.54 -53.72
N GLY F 242 -23.22 -22.06 -54.72
CA GLY F 242 -24.52 -21.48 -55.13
C GLY F 242 -25.56 -21.54 -54.03
N PHE F 243 -25.70 -22.70 -53.42
CA PHE F 243 -26.62 -22.88 -52.30
C PHE F 243 -26.33 -21.88 -51.19
N LEU F 244 -25.07 -21.80 -50.80
CA LEU F 244 -24.67 -20.88 -49.72
C LEU F 244 -24.89 -19.41 -50.13
N HIS F 245 -24.58 -19.08 -51.39
CA HIS F 245 -24.83 -17.73 -51.91
C HIS F 245 -26.30 -17.35 -51.77
N GLU F 246 -27.17 -18.24 -52.27
CA GLU F 246 -28.61 -18.03 -52.20
C GLU F 246 -29.09 -17.92 -50.76
N LEU F 247 -28.62 -18.81 -49.88
CA LEU F 247 -29.03 -18.80 -48.44
C LEU F 247 -28.53 -17.57 -47.66
N MET F 248 -27.24 -17.25 -47.79
CA MET F 248 -26.72 -16.15 -46.98
C MET F 248 -27.19 -14.81 -47.53
N GLY F 249 -27.29 -14.69 -48.84
CA GLY F 249 -27.81 -13.49 -49.48
C GLY F 249 -29.21 -13.13 -49.02
N LYS F 250 -30.10 -14.12 -49.00
CA LYS F 250 -31.48 -13.92 -48.55
C LYS F 250 -31.55 -13.63 -47.05
N ALA F 251 -30.68 -14.24 -46.25
CA ALA F 251 -30.60 -13.95 -44.82
C ALA F 251 -30.16 -12.51 -44.54
N LEU F 252 -29.22 -12.01 -45.34
CA LEU F 252 -28.69 -10.65 -45.14
C LEU F 252 -29.78 -9.61 -45.43
N SER F 253 -30.49 -9.83 -46.54
CA SER F 253 -31.64 -9.00 -46.92
C SER F 253 -32.71 -9.01 -45.85
N SER F 254 -32.95 -10.17 -45.24
CA SER F 254 -33.91 -10.28 -44.14
C SER F 254 -33.58 -9.45 -42.90
N ILE F 255 -32.29 -9.30 -42.59
CA ILE F 255 -31.83 -8.54 -41.41
C ILE F 255 -31.93 -7.04 -41.63
N GLU F 256 -31.75 -6.60 -42.87
CA GLU F 256 -31.95 -5.19 -43.23
C GLU F 256 -33.39 -4.75 -43.04
N PHE G 7 32.97 -26.54 22.69
CA PHE G 7 32.29 -27.27 21.58
C PHE G 7 32.53 -26.59 20.23
N PHE G 8 32.58 -25.26 20.24
CA PHE G 8 32.66 -24.49 19.00
C PHE G 8 33.95 -23.67 18.93
N THR G 9 34.54 -23.62 17.74
CA THR G 9 35.56 -22.59 17.46
C THR G 9 34.92 -21.23 17.69
N GLU G 10 35.74 -20.22 17.93
CA GLU G 10 35.25 -18.86 18.08
C GLU G 10 34.56 -18.39 16.78
N ALA G 11 35.17 -18.74 15.65
CA ALA G 11 34.67 -18.37 14.33
C ALA G 11 33.36 -19.08 13.98
N GLU G 12 33.12 -20.26 14.56
CA GLU G 12 31.89 -21.01 14.28
C GLU G 12 30.63 -20.29 14.72
N GLY G 13 30.73 -19.52 15.80
CA GLY G 13 29.59 -18.79 16.35
C GLY G 13 28.82 -19.65 17.33
N LYS G 14 27.56 -19.31 17.54
CA LYS G 14 26.71 -19.99 18.51
C LYS G 14 25.80 -21.01 17.82
N ALA G 15 25.22 -21.91 18.61
CA ALA G 15 24.30 -22.92 18.04
C ALA G 15 23.02 -22.30 17.51
N VAL G 16 22.52 -21.28 18.20
CA VAL G 16 21.17 -20.77 17.95
C VAL G 16 21.27 -19.44 17.24
N GLY G 17 20.67 -19.37 16.07
CA GLY G 17 20.47 -18.10 15.38
C GLY G 17 19.09 -17.57 15.66
N VAL G 18 19.00 -16.25 15.84
CA VAL G 18 17.72 -15.58 15.99
C VAL G 18 17.71 -14.33 15.11
N GLU G 19 16.75 -14.24 14.20
CA GLU G 19 16.53 -12.97 13.52
C GLU G 19 15.24 -12.30 13.98
N ASN G 20 15.27 -10.98 14.12
CA ASN G 20 14.11 -10.21 14.59
C ASN G 20 13.59 -10.77 15.91
N ALA G 21 14.50 -10.91 16.88
CA ALA G 21 14.16 -11.38 18.22
C ALA G 21 13.05 -10.52 18.85
N ALA G 22 13.11 -9.22 18.60
CA ALA G 22 12.19 -8.29 19.22
C ALA G 22 11.05 -7.94 18.28
N ALA G 23 10.51 -8.92 17.54
CA ALA G 23 9.50 -8.62 16.53
C ALA G 23 8.10 -8.43 17.11
N LYS G 24 7.30 -7.61 16.45
CA LYS G 24 5.94 -7.32 16.86
C LYS G 24 4.91 -8.38 16.47
N GLY G 25 5.24 -9.26 15.55
CA GLY G 25 4.23 -10.15 14.97
C GLY G 25 3.89 -11.29 15.89
N ASP G 26 2.70 -11.84 15.68
CA ASP G 26 2.19 -12.99 16.43
C ASP G 26 2.87 -14.30 16.05
N VAL G 27 3.35 -14.38 14.81
CA VAL G 27 3.93 -15.61 14.29
C VAL G 27 5.38 -15.75 14.76
N LEU G 28 5.69 -16.90 15.35
CA LEU G 28 7.05 -17.27 15.70
C LEU G 28 7.53 -18.36 14.78
N LEU G 29 8.55 -18.03 13.97
CA LEU G 29 9.06 -18.97 13.00
C LEU G 29 10.22 -19.77 13.59
N VAL G 30 10.26 -21.05 13.27
CA VAL G 30 11.29 -21.92 13.77
C VAL G 30 11.80 -22.76 12.62
N CYS G 31 13.12 -22.83 12.47
CA CYS G 31 13.74 -23.59 11.37
C CYS G 31 14.85 -24.49 11.91
N GLU G 32 14.48 -25.75 12.18
CA GLU G 32 15.41 -26.67 12.85
C GLU G 32 16.51 -27.13 11.91
N HIS G 33 16.18 -27.30 10.63
CA HIS G 33 17.12 -27.84 9.67
C HIS G 33 17.63 -26.72 8.76
N ALA G 34 17.79 -25.54 9.35
CA ALA G 34 18.23 -24.35 8.62
C ALA G 34 19.58 -24.55 7.93
N SER G 35 20.49 -25.22 8.63
CA SER G 35 21.90 -25.17 8.28
C SER G 35 22.55 -26.53 8.09
N ALA G 36 23.47 -26.57 7.13
CA ALA G 36 24.22 -27.78 6.79
C ALA G 36 25.57 -27.82 7.52
N THR G 37 25.92 -26.72 8.18
CA THR G 37 27.24 -26.60 8.80
C THR G 37 27.51 -27.75 9.77
N ILE G 38 28.64 -28.43 9.57
CA ILE G 38 29.17 -29.36 10.55
C ILE G 38 30.20 -28.60 11.37
N PRO G 39 30.11 -28.63 12.70
CA PRO G 39 31.23 -28.06 13.46
C PRO G 39 32.58 -28.72 13.11
N GLN G 40 33.64 -27.92 13.18
CA GLN G 40 35.00 -28.36 12.84
C GLN G 40 35.43 -29.66 13.51
N LYS G 41 35.10 -29.83 14.79
CA LYS G 41 35.49 -31.02 15.55
C LYS G 41 35.00 -32.35 14.95
N TYR G 42 34.04 -32.31 14.03
CA TYR G 42 33.49 -33.53 13.45
C TYR G 42 33.96 -33.77 12.01
N GLY G 43 34.77 -32.87 11.48
CA GLY G 43 35.30 -33.04 10.13
C GLY G 43 34.16 -33.22 9.15
N THR G 44 34.15 -34.34 8.45
CA THR G 44 33.06 -34.63 7.51
C THR G 44 32.05 -35.64 8.07
N LEU G 45 32.10 -35.91 9.38
CA LEU G 45 31.42 -37.08 9.98
C LEU G 45 31.64 -38.32 9.08
N GLY G 46 32.86 -38.41 8.54
CA GLY G 46 33.22 -39.41 7.54
C GLY G 46 32.27 -39.51 6.37
N LEU G 47 31.65 -38.39 5.99
CA LEU G 47 30.72 -38.36 4.85
C LEU G 47 31.36 -37.58 3.71
N SER G 48 30.86 -37.81 2.49
CA SER G 48 31.26 -37.04 1.31
C SER G 48 30.54 -35.67 1.22
N ALA G 49 31.25 -34.69 0.70
CA ALA G 49 30.80 -33.29 0.62
C ALA G 49 29.49 -33.16 -0.16
N ASP G 50 29.19 -34.16 -0.99
CA ASP G 50 27.96 -34.22 -1.76
C ASP G 50 26.75 -34.61 -0.91
N VAL G 51 26.95 -35.62 -0.06
CA VAL G 51 25.94 -36.01 0.92
C VAL G 51 25.78 -34.88 1.94
N LEU G 52 26.92 -34.26 2.28
CA LEU G 52 26.98 -33.13 3.21
C LEU G 52 26.36 -31.84 2.66
N SER G 53 26.04 -31.82 1.36
CA SER G 53 25.31 -30.69 0.77
C SER G 53 23.91 -31.09 0.36
N SER G 54 23.54 -32.36 0.60
CA SER G 54 22.21 -32.85 0.22
C SER G 54 21.18 -32.55 1.30
N HIS G 55 19.93 -32.87 1.01
CA HIS G 55 18.83 -32.75 1.97
C HIS G 55 19.03 -33.55 3.26
N ALA G 56 20.02 -34.45 3.27
CA ALA G 56 20.43 -35.18 4.46
C ALA G 56 21.01 -34.26 5.52
N ALA G 57 21.68 -33.19 5.09
CA ALA G 57 22.38 -32.28 6.00
C ALA G 57 21.58 -31.05 6.41
N TRP G 58 20.57 -30.68 5.61
CA TRP G 58 19.80 -29.46 5.86
C TRP G 58 18.61 -29.41 4.93
N ASP G 59 17.74 -28.44 5.15
CA ASP G 59 16.60 -28.22 4.26
C ASP G 59 16.98 -27.08 3.33
N PRO G 60 17.38 -27.39 2.08
CA PRO G 60 17.81 -26.30 1.20
C PRO G 60 16.67 -25.33 0.97
N GLY G 61 16.98 -24.04 1.02
CA GLY G 61 15.97 -22.99 0.79
C GLY G 61 15.06 -22.66 1.95
N ALA G 62 15.07 -23.51 2.99
CA ALA G 62 14.10 -23.38 4.09
C ALA G 62 14.39 -22.13 4.96
N LEU G 63 15.66 -21.92 5.31
CA LEU G 63 16.05 -20.73 6.05
C LEU G 63 15.76 -19.46 5.24
N ALA G 64 16.01 -19.51 3.94
CA ALA G 64 15.81 -18.32 3.10
C ALA G 64 14.36 -17.92 3.11
N VAL G 65 13.49 -18.89 2.88
CA VAL G 65 12.06 -18.62 2.90
C VAL G 65 11.64 -18.11 4.28
N ALA G 66 12.21 -18.71 5.33
CA ALA G 66 11.89 -18.33 6.70
C ALA G 66 12.27 -16.88 6.99
N ARG G 67 13.41 -16.45 6.47
CA ARG G 67 13.83 -15.05 6.59
C ARG G 67 12.90 -14.07 5.88
N LEU G 68 12.43 -14.45 4.70
CA LEU G 68 11.49 -13.59 3.95
C LEU G 68 10.13 -13.55 4.64
N LEU G 69 9.70 -14.70 5.18
CA LEU G 69 8.49 -14.77 6.01
C LEU G 69 8.64 -13.92 7.26
N SER G 70 9.86 -13.89 7.80
CA SER G 70 10.16 -13.09 9.00
C SER G 70 9.86 -11.65 8.68
N GLU G 71 10.32 -11.19 7.52
CA GLU G 71 10.05 -9.81 7.07
C GLU G 71 8.56 -9.56 6.82
N LYS G 72 7.91 -10.44 6.07
CA LYS G 72 6.50 -10.27 5.72
C LYS G 72 5.56 -10.35 6.91
N PHE G 73 5.83 -11.25 7.85
CA PHE G 73 4.99 -11.36 9.05
C PHE G 73 5.49 -10.53 10.22
N HIS G 74 6.59 -9.78 10.03
CA HIS G 74 7.33 -9.14 11.13
C HIS G 74 7.45 -10.10 12.31
N ALA G 75 8.12 -11.21 12.06
CA ALA G 75 8.04 -12.38 12.96
C ALA G 75 9.44 -12.80 13.36
N THR G 76 9.62 -13.10 14.63
CA THR G 76 10.85 -13.68 15.10
C THR G 76 11.08 -15.04 14.40
N LEU G 77 12.32 -15.29 14.04
CA LEU G 77 12.80 -16.55 13.46
C LEU G 77 13.93 -17.09 14.35
N VAL G 78 13.73 -18.30 14.89
CA VAL G 78 14.76 -18.99 15.62
C VAL G 78 15.22 -20.12 14.75
N TYR G 79 16.52 -20.20 14.51
CA TYR G 79 17.06 -21.27 13.69
C TYR G 79 18.33 -21.90 14.26
N GLN G 80 18.53 -23.15 13.87
CA GLN G 80 19.69 -23.94 14.27
C GLN G 80 20.80 -23.69 13.26
N ARG G 81 22.01 -23.42 13.75
CA ARG G 81 23.14 -23.02 12.90
C ARG G 81 24.01 -24.20 12.45
N PHE G 82 23.67 -25.41 12.89
CA PHE G 82 24.44 -26.62 12.52
C PHE G 82 23.58 -27.78 12.06
N SER G 83 24.22 -28.76 11.42
CA SER G 83 23.50 -29.80 10.72
C SER G 83 22.72 -30.77 11.63
N ARG G 84 21.56 -31.17 11.15
CA ARG G 84 20.76 -32.25 11.73
C ARG G 84 21.54 -33.58 11.79
N LEU G 85 22.66 -33.64 11.06
CA LEU G 85 23.51 -34.83 11.06
C LEU G 85 24.22 -35.05 12.38
N VAL G 86 24.56 -33.98 13.09
CA VAL G 86 25.19 -34.12 14.41
C VAL G 86 24.15 -34.18 15.56
N TYR G 87 23.12 -33.34 15.53
CA TYR G 87 21.90 -33.53 16.34
C TYR G 87 20.71 -32.97 15.57
N ASP G 88 19.68 -33.79 15.34
CA ASP G 88 18.45 -33.37 14.70
C ASP G 88 17.55 -32.75 15.77
N CYS G 89 17.51 -31.43 15.80
CA CYS G 89 16.82 -30.72 16.85
C CYS G 89 15.31 -30.96 16.88
N ASN G 90 14.78 -31.58 15.83
CA ASN G 90 13.37 -31.99 15.77
C ASN G 90 13.16 -33.44 16.25
N ARG G 91 14.08 -33.92 17.09
CA ARG G 91 13.98 -35.25 17.68
C ARG G 91 14.43 -35.18 19.13
N PRO G 92 13.72 -35.89 20.05
CA PRO G 92 14.19 -35.99 21.43
C PRO G 92 15.35 -36.98 21.52
N PRO G 93 16.19 -36.85 22.55
CA PRO G 93 17.36 -37.71 22.67
C PRO G 93 17.11 -39.21 22.66
N GLU G 94 15.96 -39.65 23.16
CA GLU G 94 15.67 -41.10 23.16
C GLU G 94 15.31 -41.61 21.75
N SER G 95 15.11 -40.72 20.78
CA SER G 95 14.86 -41.15 19.41
C SER G 95 16.14 -41.59 18.76
N PRO G 96 16.12 -42.75 18.08
CA PRO G 96 17.26 -43.15 17.26
C PRO G 96 17.63 -42.09 16.20
N SER G 97 16.66 -41.30 15.76
CA SER G 97 16.90 -40.29 14.74
C SER G 97 17.60 -39.03 15.26
N ALA G 98 17.69 -38.87 16.58
CA ALA G 98 18.33 -37.67 17.15
C ALA G 98 19.80 -37.53 16.72
N MET G 99 20.56 -38.61 16.84
CA MET G 99 21.97 -38.65 16.46
C MET G 99 22.14 -39.88 15.58
N PRO G 100 21.69 -39.78 14.32
CA PRO G 100 21.42 -40.95 13.49
C PRO G 100 22.69 -41.65 13.00
N VAL G 101 22.74 -42.96 13.16
CA VAL G 101 23.87 -43.76 12.67
C VAL G 101 23.83 -43.85 11.12
N LYS G 102 22.66 -43.58 10.55
CA LYS G 102 22.47 -43.61 9.11
C LYS G 102 21.52 -42.51 8.61
N SER G 103 21.79 -42.01 7.41
CA SER G 103 20.85 -41.18 6.65
C SER G 103 20.55 -41.83 5.30
N GLU G 104 19.43 -42.57 5.23
CA GLU G 104 18.95 -43.15 3.97
C GLU G 104 19.96 -44.14 3.36
N ILE G 105 20.19 -44.07 2.04
CA ILE G 105 21.17 -44.94 1.37
C ILE G 105 22.58 -44.81 1.97
N TYR G 106 22.79 -43.77 2.79
CA TYR G 106 24.06 -43.50 3.45
C TYR G 106 24.07 -43.98 4.90
N ASP G 107 25.27 -44.29 5.39
CA ASP G 107 25.56 -44.52 6.78
C ASP G 107 26.35 -43.29 7.20
N ILE G 108 26.33 -42.95 8.49
CA ILE G 108 27.06 -41.80 9.00
C ILE G 108 28.17 -42.27 9.95
N PRO G 109 29.37 -42.53 9.40
CA PRO G 109 30.55 -42.96 10.16
C PRO G 109 30.76 -42.28 11.50
N GLY G 110 30.70 -40.95 11.51
CA GLY G 110 30.95 -40.18 12.73
C GLY G 110 29.88 -40.30 13.80
N ASN G 111 28.74 -40.90 13.45
CA ASN G 111 27.64 -41.16 14.39
C ASN G 111 27.58 -42.61 14.86
N PHE G 112 28.55 -43.42 14.45
CA PHE G 112 28.55 -44.84 14.78
C PHE G 112 28.92 -45.04 16.24
N ASP G 113 28.07 -45.76 16.96
CA ASP G 113 28.37 -46.23 18.31
C ASP G 113 28.88 -45.12 19.22
N LEU G 114 28.11 -44.03 19.33
CA LEU G 114 28.55 -42.87 20.13
C LEU G 114 28.52 -43.25 21.61
N ASP G 115 29.55 -42.87 22.35
CA ASP G 115 29.60 -43.11 23.78
C ASP G 115 28.83 -42.02 24.54
N GLU G 116 28.66 -42.21 25.85
CA GLU G 116 27.75 -41.37 26.62
C GLU G 116 28.19 -39.91 26.67
N ALA G 117 29.49 -39.68 26.69
CA ALA G 117 30.04 -38.32 26.75
C ALA G 117 29.76 -37.52 25.46
N GLU G 118 29.81 -38.19 24.32
CA GLU G 118 29.57 -37.52 23.04
C GLU G 118 28.08 -37.20 22.89
N ARG G 119 27.23 -38.13 23.28
CA ARG G 119 25.79 -37.92 23.27
C ARG G 119 25.39 -36.72 24.11
N PHE G 120 25.96 -36.61 25.31
CA PHE G 120 25.65 -35.48 26.17
C PHE G 120 26.10 -34.17 25.54
N ALA G 121 27.31 -34.19 24.98
CA ALA G 121 27.94 -33.00 24.42
C ALA G 121 27.09 -32.41 23.32
N ARG G 122 26.58 -33.27 22.43
CA ARG G 122 25.76 -32.84 21.30
C ARG G 122 24.40 -32.35 21.79
N THR G 123 23.78 -33.04 22.75
CA THR G 123 22.46 -32.58 23.23
C THR G 123 22.57 -31.28 24.07
N SER G 124 23.63 -31.14 24.84
CA SER G 124 23.86 -29.92 25.63
C SER G 124 24.17 -28.68 24.75
N ALA G 125 24.88 -28.90 23.65
CA ALA G 125 25.38 -27.79 22.78
C ALA G 125 24.40 -27.35 21.70
N LEU G 126 23.62 -28.28 21.18
CA LEU G 126 22.76 -27.99 20.04
C LEU G 126 21.30 -28.01 20.49
N TYR G 127 20.89 -29.14 21.03
CA TYR G 127 19.47 -29.41 21.30
C TYR G 127 18.89 -28.51 22.37
N VAL G 128 19.46 -28.54 23.57
CA VAL G 128 18.89 -27.84 24.72
C VAL G 128 18.88 -26.30 24.51
N PRO G 129 20.00 -25.72 24.08
CA PRO G 129 19.95 -24.28 23.81
C PRO G 129 18.95 -23.86 22.74
N PHE G 130 18.84 -24.65 21.68
CA PHE G 130 17.84 -24.38 20.63
C PHE G 130 16.43 -24.27 21.20
N HIS G 131 15.96 -25.31 21.87
CA HIS G 131 14.59 -25.28 22.42
C HIS G 131 14.44 -24.40 23.62
N ASP G 132 15.51 -24.17 24.38
CA ASP G 132 15.44 -23.22 25.52
C ASP G 132 15.13 -21.81 25.01
N ARG G 133 15.71 -21.45 23.88
CA ARG G 133 15.50 -20.14 23.28
C ARG G 133 14.04 -19.97 22.79
N VAL G 134 13.54 -20.98 22.08
CA VAL G 134 12.17 -20.98 21.61
C VAL G 134 11.24 -20.87 22.81
N SER G 135 11.51 -21.68 23.84
CA SER G 135 10.68 -21.66 25.05
C SER G 135 10.68 -20.32 25.76
N GLU G 136 11.84 -19.68 25.79
CA GLU G 136 12.01 -18.41 26.47
C GLU G 136 11.23 -17.31 25.75
N ILE G 137 11.33 -17.28 24.42
CA ILE G 137 10.53 -16.32 23.63
C ILE G 137 9.02 -16.53 23.88
N ILE G 138 8.58 -17.77 23.85
CA ILE G 138 7.16 -18.04 24.06
C ILE G 138 6.66 -17.57 25.43
N ALA G 139 7.41 -17.91 26.48
CA ALA G 139 7.06 -17.52 27.86
C ALA G 139 7.02 -16.00 28.04
N GLU G 140 7.97 -15.30 27.45
CA GLU G 140 7.98 -13.81 27.51
C GLU G 140 6.78 -13.20 26.82
N ARG G 141 6.46 -13.74 25.65
CA ARG G 141 5.31 -13.27 24.89
C ARG G 141 4.03 -13.56 25.67
N GLN G 142 3.93 -14.74 26.25
CA GLN G 142 2.79 -15.08 27.09
C GLN G 142 2.66 -14.13 28.29
N ALA G 143 3.78 -13.80 28.93
CA ALA G 143 3.79 -12.85 30.04
C ALA G 143 3.32 -11.46 29.63
N ALA G 144 3.57 -11.09 28.38
CA ALA G 144 3.16 -9.78 27.84
C ALA G 144 1.69 -9.80 27.38
N GLY G 145 1.03 -10.94 27.48
CA GLY G 145 -0.35 -11.06 27.04
C GLY G 145 -0.48 -11.21 25.54
N ARG G 146 0.62 -11.59 24.89
CA ARG G 146 0.66 -11.67 23.45
C ARG G 146 0.30 -13.02 22.91
N LYS G 147 -0.38 -13.00 21.76
CA LYS G 147 -0.65 -14.19 20.98
C LYS G 147 0.65 -14.74 20.40
N VAL G 148 0.74 -16.05 20.34
CA VAL G 148 1.88 -16.74 19.73
C VAL G 148 1.36 -17.83 18.80
N VAL G 149 1.78 -17.78 17.53
CA VAL G 149 1.45 -18.79 16.54
C VAL G 149 2.78 -19.46 16.17
N VAL G 150 2.93 -20.73 16.52
CA VAL G 150 4.20 -21.45 16.28
C VAL G 150 4.17 -22.06 14.90
N VAL G 151 5.15 -21.67 14.07
CA VAL G 151 5.18 -22.08 12.66
C VAL G 151 6.57 -22.57 12.32
N THR G 152 6.69 -23.83 11.96
CA THR G 152 8.00 -24.36 11.62
C THR G 152 8.11 -24.47 10.11
N ILE G 153 9.30 -24.21 9.59
CA ILE G 153 9.53 -24.14 8.15
C ILE G 153 10.57 -25.19 7.74
N HIS G 154 10.18 -26.05 6.80
CA HIS G 154 11.01 -27.11 6.25
C HIS G 154 10.89 -27.15 4.74
N SER G 155 11.82 -27.83 4.12
CA SER G 155 11.73 -28.21 2.72
C SER G 155 12.00 -29.72 2.56
N PHE G 156 11.47 -30.30 1.49
CA PHE G 156 11.65 -31.74 1.18
C PHE G 156 12.10 -31.95 -0.25
N THR G 157 12.95 -32.95 -0.44
CA THR G 157 13.50 -33.29 -1.75
C THR G 157 12.39 -33.74 -2.73
N PRO G 158 12.50 -33.39 -4.03
CA PRO G 158 11.43 -33.70 -5.01
C PRO G 158 11.25 -35.18 -5.38
N VAL G 159 12.34 -35.94 -5.44
CA VAL G 159 12.26 -37.38 -5.75
C VAL G 159 12.58 -38.19 -4.50
N TYR G 160 11.67 -39.10 -4.14
CA TYR G 160 11.74 -39.90 -2.92
C TYR G 160 11.40 -41.34 -3.22
N HIS G 161 12.30 -42.26 -2.86
CA HIS G 161 12.24 -43.67 -3.29
C HIS G 161 12.02 -43.74 -4.80
N GLY G 162 12.79 -42.92 -5.53
CA GLY G 162 12.81 -42.94 -6.99
C GLY G 162 11.58 -42.38 -7.70
N ARG G 163 10.57 -41.94 -6.94
CA ARG G 163 9.37 -41.37 -7.55
C ARG G 163 9.13 -39.90 -7.15
N PHE G 164 8.61 -39.15 -8.11
CA PHE G 164 8.41 -37.72 -7.98
C PHE G 164 7.24 -37.43 -7.05
N ARG G 165 7.43 -36.47 -6.14
CA ARG G 165 6.37 -36.06 -5.22
C ARG G 165 5.55 -34.93 -5.83
N GLU G 166 4.25 -35.17 -6.04
CA GLU G 166 3.37 -34.16 -6.66
C GLU G 166 2.91 -33.11 -5.64
N VAL G 167 3.06 -33.42 -4.35
CA VAL G 167 2.86 -32.44 -3.28
C VAL G 167 3.93 -31.33 -3.42
N GLU G 168 3.47 -30.08 -3.41
CA GLU G 168 4.36 -28.92 -3.50
C GLU G 168 4.48 -28.21 -2.14
N ILE G 169 3.34 -28.01 -1.47
CA ILE G 169 3.32 -27.49 -0.09
C ILE G 169 2.53 -28.47 0.80
N GLY G 170 3.16 -28.94 1.87
CA GLY G 170 2.52 -29.77 2.89
C GLY G 170 2.14 -28.94 4.10
N ILE G 171 0.92 -29.14 4.59
CA ILE G 171 0.44 -28.47 5.79
C ILE G 171 0.37 -29.54 6.87
N LEU G 172 1.40 -29.56 7.72
CA LEU G 172 1.60 -30.64 8.70
C LEU G 172 1.16 -30.22 10.08
N HIS G 173 0.61 -31.16 10.85
CA HIS G 173 0.12 -30.84 12.18
C HIS G 173 0.02 -32.08 13.04
N ASP G 174 -0.04 -31.84 14.34
CA ASP G 174 -0.32 -32.91 15.29
C ASP G 174 -1.83 -32.85 15.55
N ASN G 175 -2.26 -33.09 16.78
CA ASN G 175 -3.66 -33.32 17.04
C ASN G 175 -4.47 -32.03 16.87
N ASP G 176 -3.80 -30.87 17.05
CA ASP G 176 -4.40 -29.56 16.85
C ASP G 176 -4.31 -29.15 15.37
N SER G 177 -5.43 -29.26 14.67
CA SER G 177 -5.49 -28.99 13.22
C SER G 177 -6.11 -27.63 12.90
N ARG G 178 -6.28 -26.76 13.90
CA ARG G 178 -7.02 -25.53 13.69
C ARG G 178 -6.45 -24.67 12.56
N LEU G 179 -5.16 -24.35 12.67
CA LEU G 179 -4.52 -23.51 11.65
C LEU G 179 -4.34 -24.27 10.34
N ALA G 180 -3.97 -25.55 10.42
CA ALA G 180 -3.83 -26.37 9.22
C ALA G 180 -5.16 -26.48 8.41
N ASP G 181 -6.27 -26.69 9.13
CA ASP G 181 -7.59 -26.77 8.49
C ASP G 181 -7.86 -25.50 7.70
N ALA G 182 -7.65 -24.35 8.34
CA ALA G 182 -7.94 -23.04 7.76
C ALA G 182 -7.08 -22.78 6.50
N MET G 183 -5.82 -23.16 6.58
CA MET G 183 -4.88 -23.02 5.46
C MET G 183 -5.27 -23.94 4.31
N LEU G 184 -5.67 -25.16 4.63
CA LEU G 184 -6.08 -26.14 3.60
C LEU G 184 -7.39 -25.70 2.91
N ALA G 185 -8.35 -25.22 3.69
CA ALA G 185 -9.56 -24.61 3.11
C ALA G 185 -9.19 -23.45 2.17
N GLY G 186 -8.31 -22.56 2.64
CA GLY G 186 -7.85 -21.42 1.86
C GLY G 186 -6.99 -21.75 0.65
N ALA G 187 -6.40 -22.94 0.63
CA ALA G 187 -5.63 -23.42 -0.53
C ALA G 187 -6.50 -24.10 -1.62
N GLU G 188 -7.83 -24.04 -1.46
CA GLU G 188 -8.75 -24.55 -2.47
C GLU G 188 -8.72 -23.62 -3.68
N GLY G 189 -8.42 -24.20 -4.84
CA GLY G 189 -8.27 -23.39 -6.07
C GLY G 189 -6.87 -22.83 -6.21
N ALA G 190 -5.98 -23.18 -5.28
CA ALA G 190 -4.60 -22.71 -5.31
C ALA G 190 -3.91 -23.17 -6.58
N SER G 191 -2.99 -22.35 -7.05
CA SER G 191 -2.07 -22.73 -8.13
C SER G 191 -1.21 -23.92 -7.71
N LEU G 192 -0.77 -23.92 -6.45
CA LEU G 192 0.13 -24.98 -5.95
C LEU G 192 -0.65 -26.18 -5.38
N THR G 193 -0.04 -27.35 -5.50
CA THR G 193 -0.59 -28.58 -4.91
C THR G 193 -0.27 -28.64 -3.40
N VAL G 194 -1.27 -28.22 -2.61
CA VAL G 194 -1.15 -28.12 -1.17
C VAL G 194 -1.88 -29.30 -0.55
N ARG G 195 -1.24 -29.99 0.40
CA ARG G 195 -1.80 -31.21 0.98
C ARG G 195 -1.56 -31.35 2.48
N ARG G 196 -2.48 -32.05 3.15
CA ARG G 196 -2.41 -32.28 4.59
C ARG G 196 -1.49 -33.43 4.91
N ASN G 197 -0.57 -33.21 5.85
CA ASN G 197 0.34 -34.25 6.36
C ASN G 197 0.98 -35.11 5.28
N ASP G 198 1.68 -34.44 4.38
CA ASP G 198 2.25 -35.06 3.19
C ASP G 198 3.35 -34.10 2.74
N PRO G 199 4.59 -34.59 2.58
CA PRO G 199 5.04 -35.98 2.53
C PRO G 199 5.19 -36.69 3.88
N TYR G 200 4.91 -35.99 4.99
CA TYR G 200 5.13 -36.56 6.33
C TYR G 200 4.05 -36.11 7.28
N GLY G 201 3.95 -36.85 8.40
CA GLY G 201 2.95 -36.61 9.43
C GLY G 201 3.51 -36.98 10.79
N PRO G 202 2.71 -36.79 11.87
CA PRO G 202 3.15 -37.06 13.24
C PRO G 202 3.69 -38.46 13.46
N GLU G 203 3.10 -39.45 12.77
CA GLU G 203 3.59 -40.84 12.81
C GLU G 203 5.09 -40.95 12.53
N ASP G 204 5.60 -40.06 11.68
CA ASP G 204 7.02 -40.07 11.28
C ASP G 204 7.94 -39.36 12.29
N GLY G 205 7.39 -38.81 13.36
CA GLY G 205 8.19 -38.14 14.39
C GLY G 205 8.65 -36.76 14.02
N VAL G 206 7.99 -36.12 13.05
CA VAL G 206 8.42 -34.82 12.56
C VAL G 206 7.73 -33.66 13.27
N THR G 207 6.88 -33.92 14.27
CA THR G 207 6.16 -32.84 14.98
C THR G 207 6.68 -32.56 16.41
N HIS G 208 7.89 -33.01 16.72
CA HIS G 208 8.50 -32.83 18.05
C HIS G 208 8.46 -31.39 18.51
N THR G 209 8.90 -30.46 17.66
CA THR G 209 8.93 -29.04 18.02
C THR G 209 7.54 -28.47 18.29
N LEU G 210 6.54 -28.91 17.52
CA LEU G 210 5.15 -28.50 17.77
C LEU G 210 4.66 -29.08 19.11
N ARG G 211 5.03 -30.32 19.37
CA ARG G 211 4.68 -30.97 20.65
C ARG G 211 5.32 -30.28 21.86
N LEU G 212 6.59 -29.91 21.70
CA LEU G 212 7.32 -29.24 22.75
C LEU G 212 6.75 -27.88 23.10
N HIS G 213 6.39 -27.11 22.06
CA HIS G 213 6.20 -25.68 22.20
C HIS G 213 4.78 -25.16 21.99
N ALA G 214 3.98 -25.84 21.16
CA ALA G 214 2.63 -25.37 20.82
C ALA G 214 1.56 -26.02 21.67
N LEU G 215 1.64 -27.33 21.81
CA LEU G 215 0.54 -28.08 22.39
C LEU G 215 0.32 -27.83 23.88
N PRO G 216 1.40 -27.63 24.67
CA PRO G 216 1.18 -27.39 26.11
C PRO G 216 0.28 -26.19 26.41
N ASP G 217 0.47 -25.08 25.67
CA ASP G 217 -0.35 -23.88 25.87
C ASP G 217 -1.49 -23.75 24.85
N GLY G 218 -1.76 -24.82 24.13
CA GLY G 218 -2.76 -24.83 23.07
C GLY G 218 -2.59 -23.71 22.06
N LEU G 219 -1.36 -23.47 21.61
CA LEU G 219 -1.09 -22.40 20.64
C LEU G 219 -1.42 -22.88 19.22
N LEU G 220 -2.02 -21.99 18.42
CA LEU G 220 -2.17 -22.24 16.99
C LEU G 220 -0.80 -22.59 16.44
N ASN G 221 -0.74 -23.61 15.61
CA ASN G 221 0.55 -24.04 15.10
C ASN G 221 0.41 -24.82 13.81
N VAL G 222 1.51 -24.86 13.06
CA VAL G 222 1.56 -25.62 11.84
C VAL G 222 3.02 -25.82 11.47
N MET G 223 3.30 -26.91 10.77
CA MET G 223 4.61 -27.15 10.18
C MET G 223 4.40 -27.10 8.67
N ILE G 224 5.22 -26.27 8.02
CA ILE G 224 5.14 -26.06 6.57
C ILE G 224 6.31 -26.81 5.88
N GLU G 225 5.93 -27.68 4.95
CA GLU G 225 6.86 -28.39 4.08
C GLU G 225 6.79 -27.80 2.67
N ILE G 226 7.95 -27.44 2.11
CA ILE G 226 8.05 -26.91 0.73
C ILE G 226 8.96 -27.78 -0.13
N ARG G 227 8.49 -28.20 -1.31
CA ARG G 227 9.34 -29.03 -2.20
C ARG G 227 10.47 -28.12 -2.65
N ASN G 228 11.72 -28.56 -2.48
CA ASN G 228 12.84 -27.61 -2.47
C ASN G 228 13.27 -27.09 -3.84
N ASP G 229 12.77 -27.73 -4.89
CA ASP G 229 12.93 -27.21 -6.25
C ASP G 229 12.12 -25.94 -6.45
N LEU G 230 11.12 -25.71 -5.62
CA LEU G 230 10.30 -24.50 -5.71
C LEU G 230 10.93 -23.26 -5.05
N ILE G 231 12.10 -23.42 -4.46
CA ILE G 231 12.73 -22.35 -3.66
C ILE G 231 14.23 -22.42 -3.81
N ALA G 232 14.69 -22.48 -5.06
CA ALA G 232 16.11 -22.71 -5.40
C ALA G 232 16.95 -21.42 -5.52
N ASN G 233 16.28 -20.27 -5.56
CA ASN G 233 16.96 -18.97 -5.67
C ASN G 233 16.12 -17.93 -4.95
N GLU G 234 16.61 -16.70 -4.86
CA GLU G 234 15.90 -15.62 -4.14
C GLU G 234 14.50 -15.38 -4.66
N GLY G 235 14.39 -15.23 -5.98
CA GLY G 235 13.13 -14.92 -6.61
C GLY G 235 12.07 -15.96 -6.27
N GLU G 236 12.46 -17.23 -6.34
CA GLU G 236 11.57 -18.35 -6.04
C GLU G 236 11.16 -18.37 -4.55
N GLN G 237 12.16 -18.22 -3.69
CA GLN G 237 11.93 -18.09 -2.25
C GLN G 237 10.99 -16.91 -1.93
N ALA G 238 11.20 -15.77 -2.60
CA ALA G 238 10.28 -14.63 -2.45
C ALA G 238 8.87 -14.96 -2.89
N ALA G 239 8.76 -15.68 -4.02
CA ALA G 239 7.47 -16.05 -4.57
C ALA G 239 6.70 -16.93 -3.59
N ILE G 240 7.37 -17.95 -3.09
CA ILE G 240 6.75 -18.88 -2.15
C ILE G 240 6.42 -18.20 -0.80
N ALA G 241 7.35 -17.38 -0.29
CA ALA G 241 7.09 -16.59 0.91
C ALA G 241 5.81 -15.75 0.76
N GLY G 242 5.67 -15.09 -0.39
CA GLY G 242 4.43 -14.37 -0.68
C GLY G 242 3.22 -15.29 -0.67
N PHE G 243 3.31 -16.41 -1.37
CA PHE G 243 2.22 -17.38 -1.41
C PHE G 243 1.81 -17.80 0.02
N LEU G 244 2.81 -18.17 0.81
CA LEU G 244 2.58 -18.61 2.19
C LEU G 244 2.05 -17.47 3.08
N HIS G 245 2.58 -16.28 2.90
CA HIS G 245 2.11 -15.12 3.64
C HIS G 245 0.62 -14.87 3.40
N GLU G 246 0.20 -14.93 2.14
CA GLU G 246 -1.22 -14.71 1.86
C GLU G 246 -2.07 -15.85 2.39
N LEU G 247 -1.61 -17.08 2.22
CA LEU G 247 -2.36 -18.24 2.67
C LEU G 247 -2.51 -18.28 4.18
N MET G 248 -1.38 -18.14 4.88
CA MET G 248 -1.42 -18.23 6.34
C MET G 248 -2.02 -16.96 6.94
N GLY G 249 -1.75 -15.81 6.34
CA GLY G 249 -2.37 -14.55 6.74
C GLY G 249 -3.90 -14.56 6.73
N LYS G 250 -4.50 -15.04 5.65
CA LYS G 250 -5.97 -15.08 5.54
C LYS G 250 -6.54 -16.17 6.45
N ALA G 251 -5.86 -17.30 6.51
CA ALA G 251 -6.21 -18.38 7.44
C ALA G 251 -6.38 -17.86 8.88
N LEU G 252 -5.39 -17.12 9.37
CA LEU G 252 -5.40 -16.58 10.74
C LEU G 252 -6.51 -15.58 10.93
N SER G 253 -6.71 -14.74 9.92
CA SER G 253 -7.83 -13.79 9.89
C SER G 253 -9.16 -14.53 10.01
N SER G 254 -9.28 -15.63 9.28
CA SER G 254 -10.52 -16.42 9.24
C SER G 254 -10.80 -17.10 10.58
N ILE G 255 -9.74 -17.53 11.26
CA ILE G 255 -9.84 -18.11 12.60
C ILE G 255 -10.08 -17.04 13.64
N GLU G 256 -9.37 -15.92 13.53
CA GLU G 256 -9.36 -14.85 14.54
C GLU G 256 -10.19 -15.13 15.79
N ARG H 6 22.84 47.65 9.68
CA ARG H 6 21.99 48.72 10.29
C ARG H 6 21.60 48.34 11.73
N PHE H 7 22.22 47.26 12.21
CA PHE H 7 22.08 46.82 13.60
C PHE H 7 22.67 47.87 14.53
N PHE H 8 23.85 48.35 14.13
CA PHE H 8 24.65 49.28 14.93
C PHE H 8 24.72 50.64 14.23
N THR H 9 24.79 51.71 15.01
CA THR H 9 25.16 53.03 14.47
C THR H 9 26.66 53.09 14.32
N GLU H 10 27.12 54.00 13.45
CA GLU H 10 28.55 54.30 13.30
C GLU H 10 29.21 54.51 14.66
N ALA H 11 28.59 55.36 15.49
CA ALA H 11 29.16 55.73 16.78
C ALA H 11 29.34 54.53 17.69
N GLU H 12 28.42 53.59 17.62
CA GLU H 12 28.38 52.44 18.53
C GLU H 12 29.53 51.47 18.39
N GLY H 13 30.05 51.35 17.18
CA GLY H 13 31.20 50.52 16.93
C GLY H 13 30.80 49.10 16.59
N LYS H 14 31.63 48.16 17.01
CA LYS H 14 31.47 46.76 16.65
C LYS H 14 31.10 45.95 17.88
N ALA H 15 30.54 44.77 17.61
CA ALA H 15 30.06 43.87 18.64
C ALA H 15 31.20 43.36 19.49
N VAL H 16 32.33 43.07 18.84
CA VAL H 16 33.42 42.37 19.50
C VAL H 16 34.62 43.29 19.77
N GLY H 17 35.05 43.32 21.01
CA GLY H 17 36.27 44.02 21.40
C GLY H 17 37.41 43.01 21.59
N VAL H 18 38.58 43.34 21.06
CA VAL H 18 39.77 42.55 21.28
C VAL H 18 40.87 43.48 21.80
N GLU H 19 41.42 43.15 22.96
CA GLU H 19 42.59 43.84 23.50
C GLU H 19 43.79 42.91 23.55
N ASN H 20 44.94 43.44 23.14
CA ASN H 20 46.19 42.67 23.06
C ASN H 20 46.06 41.48 22.13
N ALA H 21 45.50 41.77 20.95
CA ALA H 21 45.29 40.77 19.91
C ALA H 21 46.52 39.93 19.61
N ALA H 22 47.68 40.56 19.51
CA ALA H 22 48.91 39.88 19.14
C ALA H 22 49.81 39.59 20.36
N ALA H 23 49.19 39.36 21.51
CA ALA H 23 49.92 39.05 22.74
C ALA H 23 50.68 37.72 22.64
N LYS H 24 51.79 37.64 23.38
CA LYS H 24 52.61 36.44 23.45
C LYS H 24 52.05 35.38 24.40
N GLY H 25 51.11 35.76 25.26
CA GLY H 25 50.73 34.86 26.34
C GLY H 25 49.95 33.62 25.91
N ASP H 26 50.14 32.53 26.66
CA ASP H 26 49.41 31.28 26.48
C ASP H 26 47.93 31.43 26.86
N VAL H 27 47.62 32.33 27.79
CA VAL H 27 46.25 32.49 28.23
C VAL H 27 45.44 33.33 27.24
N LEU H 28 44.22 32.87 26.95
CA LEU H 28 43.26 33.61 26.14
C LEU H 28 42.04 33.88 27.03
N LEU H 29 41.84 35.16 27.34
CA LEU H 29 40.77 35.62 28.21
C LEU H 29 39.55 35.95 27.37
N VAL H 30 38.39 35.57 27.88
CA VAL H 30 37.13 35.80 27.24
C VAL H 30 36.12 36.30 28.25
N CYS H 31 35.36 37.34 27.87
CA CYS H 31 34.41 38.00 28.76
C CYS H 31 33.09 38.35 28.03
N GLU H 32 32.18 37.39 28.06
CA GLU H 32 30.87 37.46 27.40
C GLU H 32 29.97 38.59 27.92
N HIS H 33 30.00 38.77 29.24
CA HIS H 33 29.11 39.72 29.89
C HIS H 33 29.84 41.00 30.25
N ALA H 34 30.78 41.39 29.40
CA ALA H 34 31.67 42.52 29.67
C ALA H 34 30.96 43.87 29.76
N SER H 35 29.91 44.04 28.98
CA SER H 35 29.34 45.38 28.73
C SER H 35 27.83 45.43 28.93
N ALA H 36 27.34 46.57 29.44
CA ALA H 36 25.91 46.84 29.66
C ALA H 36 25.24 47.57 28.52
N THR H 37 26.02 48.05 27.55
CA THR H 37 25.50 48.83 26.44
C THR H 37 24.36 48.15 25.69
N ILE H 38 23.26 48.88 25.54
CA ILE H 38 22.13 48.46 24.73
C ILE H 38 22.26 49.20 23.43
N PRO H 39 22.25 48.48 22.30
CA PRO H 39 22.32 49.18 21.04
C PRO H 39 21.15 50.16 20.85
N GLN H 40 21.42 51.30 20.21
CA GLN H 40 20.45 52.40 20.01
C GLN H 40 19.11 51.91 19.48
N LYS H 41 19.14 50.96 18.57
CA LYS H 41 17.91 50.48 17.94
C LYS H 41 16.92 49.88 18.94
N TYR H 42 17.41 49.35 20.07
CA TYR H 42 16.56 48.69 21.05
C TYR H 42 16.14 49.58 22.22
N GLY H 43 16.59 50.83 22.19
CA GLY H 43 16.27 51.82 23.21
C GLY H 43 16.57 51.34 24.62
N THR H 44 15.50 51.10 25.38
CA THR H 44 15.60 50.68 26.78
C THR H 44 15.15 49.23 26.96
N LEU H 45 14.78 48.56 25.86
CA LEU H 45 14.12 47.24 25.90
C LEU H 45 12.90 47.25 26.83
N GLY H 46 12.29 48.42 26.97
CA GLY H 46 11.18 48.63 27.89
C GLY H 46 11.49 48.38 29.35
N LEU H 47 12.76 48.52 29.73
CA LEU H 47 13.20 48.32 31.11
C LEU H 47 13.51 49.68 31.76
N SER H 48 13.69 49.66 33.09
CA SER H 48 14.02 50.88 33.85
C SER H 48 15.52 51.14 33.88
N ALA H 49 15.88 52.39 34.18
CA ALA H 49 17.28 52.79 34.40
C ALA H 49 17.96 51.95 35.47
N ASP H 50 17.19 51.55 36.49
CA ASP H 50 17.71 50.70 37.55
C ASP H 50 18.09 49.29 37.09
N VAL H 51 17.21 48.67 36.29
CA VAL H 51 17.49 47.34 35.74
C VAL H 51 18.64 47.46 34.74
N LEU H 52 18.58 48.47 33.89
CA LEU H 52 19.58 48.67 32.85
C LEU H 52 20.99 48.92 33.39
N SER H 53 21.07 49.44 34.62
CA SER H 53 22.35 49.66 35.28
C SER H 53 22.64 48.59 36.33
N SER H 54 21.85 47.52 36.33
CA SER H 54 22.02 46.42 37.29
C SER H 54 22.88 45.31 36.70
N HIS H 55 23.07 44.26 37.49
CA HIS H 55 23.77 43.06 37.07
C HIS H 55 22.97 42.22 36.10
N ALA H 56 21.75 42.64 35.77
CA ALA H 56 20.96 41.95 34.75
C ALA H 56 21.49 42.25 33.34
N ALA H 57 22.21 43.35 33.20
CA ALA H 57 22.65 43.82 31.89
C ALA H 57 24.12 43.51 31.63
N TRP H 58 24.86 43.11 32.66
CA TRP H 58 26.30 42.87 32.55
C TRP H 58 26.85 42.29 33.85
N ASP H 59 28.15 41.97 33.84
CA ASP H 59 28.87 41.45 35.01
C ASP H 59 29.76 42.58 35.54
N PRO H 60 29.28 43.35 36.52
CA PRO H 60 30.09 44.43 37.08
C PRO H 60 31.45 43.95 37.57
N GLY H 61 32.50 44.62 37.10
CA GLY H 61 33.86 44.34 37.56
C GLY H 61 34.54 43.23 36.76
N ALA H 62 33.78 42.53 35.93
CA ALA H 62 34.32 41.36 35.22
C ALA H 62 35.32 41.80 34.14
N LEU H 63 34.92 42.75 33.30
CA LEU H 63 35.80 43.28 32.27
C LEU H 63 37.02 43.93 32.90
N ALA H 64 36.79 44.72 33.96
CA ALA H 64 37.84 45.40 34.70
C ALA H 64 38.91 44.43 35.13
N VAL H 65 38.47 43.37 35.82
CA VAL H 65 39.38 42.31 36.25
C VAL H 65 40.06 41.64 35.04
N ALA H 66 39.28 41.33 34.00
CA ALA H 66 39.83 40.67 32.80
C ALA H 66 40.95 41.50 32.18
N ARG H 67 40.74 42.82 32.09
CA ARG H 67 41.76 43.74 31.58
C ARG H 67 43.03 43.73 32.42
N LEU H 68 42.88 43.61 33.74
CA LEU H 68 44.06 43.50 34.61
C LEU H 68 44.78 42.16 34.41
N LEU H 69 44.00 41.10 34.23
CA LEU H 69 44.59 39.79 33.95
C LEU H 69 45.31 39.79 32.59
N SER H 70 44.75 40.53 31.64
CA SER H 70 45.30 40.61 30.29
C SER H 70 46.73 41.19 30.33
N GLU H 71 46.93 42.23 31.15
CA GLU H 71 48.26 42.80 31.33
C GLU H 71 49.15 41.90 32.18
N LYS H 72 48.64 41.34 33.27
CA LYS H 72 49.48 40.47 34.11
C LYS H 72 49.94 39.19 33.39
N PHE H 73 49.08 38.63 32.53
CA PHE H 73 49.39 37.41 31.78
C PHE H 73 49.89 37.70 30.39
N HIS H 74 49.89 38.97 29.97
CA HIS H 74 50.26 39.35 28.61
C HIS H 74 49.42 38.54 27.63
N ALA H 75 48.11 38.63 27.85
CA ALA H 75 47.14 37.72 27.24
C ALA H 75 46.11 38.51 26.45
N THR H 76 45.78 38.03 25.27
CA THR H 76 44.65 38.51 24.49
C THR H 76 43.37 38.40 25.31
N LEU H 77 42.54 39.43 25.21
CA LEU H 77 41.21 39.47 25.78
C LEU H 77 40.20 39.74 24.69
N VAL H 78 39.20 38.85 24.57
CA VAL H 78 38.08 39.05 23.64
C VAL H 78 36.87 39.31 24.52
N TYR H 79 36.16 40.40 24.23
CA TYR H 79 34.98 40.73 25.01
C TYR H 79 33.86 41.26 24.14
N GLN H 80 32.65 41.05 24.63
CA GLN H 80 31.44 41.46 23.93
C GLN H 80 31.09 42.88 24.39
N ARG H 81 30.78 43.72 23.42
CA ARG H 81 30.62 45.15 23.65
C ARG H 81 29.17 45.59 23.90
N PHE H 82 28.25 44.63 23.93
CA PHE H 82 26.83 44.91 24.15
C PHE H 82 26.21 43.91 25.12
N SER H 83 25.03 44.27 25.62
CA SER H 83 24.43 43.57 26.75
C SER H 83 23.92 42.17 26.43
N ARG H 84 24.11 41.30 27.40
CA ARG H 84 23.54 39.99 27.38
C ARG H 84 22.00 40.00 27.34
N LEU H 85 21.40 41.16 27.62
CA LEU H 85 19.95 41.34 27.44
C LEU H 85 19.53 41.24 25.98
N VAL H 86 20.35 41.75 25.06
CA VAL H 86 20.01 41.67 23.64
C VAL H 86 20.32 40.25 23.13
N TYR H 87 21.52 39.75 23.42
CA TYR H 87 21.91 38.36 23.18
C TYR H 87 22.93 37.92 24.24
N ASP H 88 22.61 36.90 25.03
CA ASP H 88 23.55 36.32 25.97
C ASP H 88 24.54 35.36 25.24
N CYS H 89 25.75 35.85 24.95
CA CYS H 89 26.70 35.13 24.12
C CYS H 89 27.23 33.87 24.77
N ASN H 90 26.97 33.67 26.06
CA ASN H 90 27.26 32.37 26.70
C ASN H 90 26.08 31.38 26.60
N ARG H 91 25.23 31.57 25.56
CA ARG H 91 24.06 30.70 25.29
C ARG H 91 23.91 30.48 23.80
N PRO H 92 23.60 29.24 23.37
CA PRO H 92 23.29 29.04 21.95
C PRO H 92 21.86 29.52 21.63
N PRO H 93 21.55 29.77 20.35
CA PRO H 93 20.27 30.38 20.00
C PRO H 93 19.01 29.59 20.40
N GLU H 94 19.13 28.28 20.56
CA GLU H 94 17.96 27.48 20.89
C GLU H 94 17.66 27.53 22.39
N SER H 95 18.59 28.05 23.20
CA SER H 95 18.33 28.28 24.61
C SER H 95 17.36 29.45 24.77
N PRO H 96 16.43 29.34 25.73
CA PRO H 96 15.59 30.51 26.08
C PRO H 96 16.34 31.60 26.83
N SER H 97 17.47 31.25 27.45
CA SER H 97 18.35 32.23 28.05
C SER H 97 19.14 33.10 27.04
N ALA H 98 19.08 32.80 25.74
CA ALA H 98 19.88 33.54 24.75
C ALA H 98 19.33 34.94 24.48
N MET H 99 18.02 35.02 24.25
CA MET H 99 17.30 36.28 24.06
C MET H 99 16.14 36.25 25.05
N PRO H 100 16.43 36.51 26.32
CA PRO H 100 15.50 36.13 27.38
C PRO H 100 14.28 37.06 27.49
N VAL H 101 13.10 36.48 27.67
CA VAL H 101 11.87 37.25 27.88
C VAL H 101 11.80 37.86 29.28
N LYS H 102 12.58 37.29 30.21
CA LYS H 102 12.60 37.70 31.60
C LYS H 102 14.02 37.63 32.22
N SER H 103 14.33 38.57 33.12
CA SER H 103 15.55 38.52 33.92
C SER H 103 15.20 38.63 35.40
N GLU H 104 15.36 37.51 36.12
CA GLU H 104 14.93 37.43 37.51
C GLU H 104 13.45 37.81 37.57
N ILE H 105 13.10 38.76 38.46
CA ILE H 105 11.72 39.23 38.61
C ILE H 105 11.30 40.15 37.47
N TYR H 106 12.24 40.56 36.62
CA TYR H 106 11.98 41.62 35.64
C TYR H 106 11.70 41.08 34.25
N ASP H 107 10.50 41.33 33.75
CA ASP H 107 10.18 41.08 32.36
C ASP H 107 10.95 42.03 31.47
N ILE H 108 11.17 41.60 30.23
CA ILE H 108 11.91 42.36 29.25
C ILE H 108 11.01 42.53 28.04
N PRO H 109 10.13 43.56 28.06
CA PRO H 109 9.19 43.86 26.97
C PRO H 109 9.81 43.92 25.58
N GLY H 110 11.07 44.33 25.49
CA GLY H 110 11.77 44.37 24.21
C GLY H 110 12.11 43.00 23.66
N ASN H 111 12.14 42.00 24.54
CA ASN H 111 12.42 40.61 24.16
C ASN H 111 11.13 39.76 24.07
N PHE H 112 9.98 40.42 24.04
CA PHE H 112 8.70 39.71 23.99
C PHE H 112 8.42 39.25 22.59
N ASP H 113 8.09 37.96 22.45
CA ASP H 113 7.55 37.40 21.21
C ASP H 113 8.36 37.83 19.98
N LEU H 114 9.67 37.58 20.04
CA LEU H 114 10.57 37.97 18.96
C LEU H 114 10.26 37.15 17.70
N ASP H 115 10.10 37.81 16.56
CA ASP H 115 9.87 37.09 15.32
C ASP H 115 11.20 36.55 14.74
N GLU H 116 11.09 35.79 13.65
CA GLU H 116 12.24 35.09 13.09
C GLU H 116 13.31 36.05 12.57
N ALA H 117 12.88 37.14 11.92
CA ALA H 117 13.80 38.15 11.41
C ALA H 117 14.67 38.74 12.54
N GLU H 118 14.04 39.04 13.67
CA GLU H 118 14.73 39.67 14.79
C GLU H 118 15.69 38.70 15.47
N ARG H 119 15.26 37.45 15.66
CA ARG H 119 16.11 36.42 16.23
C ARG H 119 17.39 36.24 15.40
N PHE H 120 17.23 36.19 14.08
CA PHE H 120 18.35 36.02 13.18
C PHE H 120 19.28 37.24 13.32
N ALA H 121 18.69 38.44 13.29
CA ALA H 121 19.44 39.70 13.45
C ALA H 121 20.40 39.70 14.63
N ARG H 122 19.90 39.34 15.81
CA ARG H 122 20.71 39.32 17.02
C ARG H 122 21.77 38.20 17.00
N THR H 123 21.37 37.03 16.52
CA THR H 123 22.29 35.91 16.39
C THR H 123 23.43 36.28 15.45
N SER H 124 23.07 36.92 14.33
CA SER H 124 24.02 37.30 13.30
C SER H 124 24.96 38.46 13.74
N ALA H 125 24.40 39.44 14.47
CA ALA H 125 25.13 40.66 14.81
C ALA H 125 26.03 40.51 16.00
N LEU H 126 25.58 39.74 16.98
CA LEU H 126 26.25 39.66 18.26
C LEU H 126 26.92 38.30 18.55
N TYR H 127 26.17 37.22 18.40
CA TYR H 127 26.62 35.90 18.82
C TYR H 127 27.71 35.32 17.90
N VAL H 128 27.40 35.24 16.61
CA VAL H 128 28.30 34.55 15.66
C VAL H 128 29.65 35.30 15.52
N PRO H 129 29.62 36.64 15.36
CA PRO H 129 30.89 37.37 15.32
C PRO H 129 31.80 37.15 16.50
N PHE H 130 31.23 37.18 17.70
CA PHE H 130 31.98 36.96 18.93
C PHE H 130 32.70 35.62 18.94
N HIS H 131 31.95 34.54 18.74
CA HIS H 131 32.56 33.21 18.79
C HIS H 131 33.44 32.96 17.60
N ASP H 132 33.10 33.53 16.46
CA ASP H 132 33.98 33.39 15.30
C ASP H 132 35.34 34.02 15.59
N ARG H 133 35.37 35.14 16.28
CA ARG H 133 36.64 35.79 16.61
C ARG H 133 37.51 34.95 17.56
N VAL H 134 36.89 34.43 18.61
CA VAL H 134 37.57 33.53 19.54
C VAL H 134 38.12 32.35 18.77
N SER H 135 37.28 31.74 17.93
CA SER H 135 37.69 30.59 17.13
C SER H 135 38.87 30.88 16.22
N GLU H 136 38.84 32.03 15.55
CA GLU H 136 39.90 32.45 14.65
C GLU H 136 41.25 32.54 15.38
N ILE H 137 41.24 33.17 16.56
CA ILE H 137 42.46 33.37 17.34
C ILE H 137 43.03 32.05 17.76
N ILE H 138 42.16 31.16 18.25
CA ILE H 138 42.58 29.85 18.69
C ILE H 138 43.25 29.10 17.53
N ALA H 139 42.58 29.12 16.37
CA ALA H 139 43.09 28.47 15.17
C ALA H 139 44.45 29.02 14.72
N GLU H 140 44.59 30.35 14.71
CA GLU H 140 45.90 31.00 14.41
C GLU H 140 46.99 30.47 15.34
N ARG H 141 46.71 30.47 16.63
CA ARG H 141 47.69 30.09 17.64
C ARG H 141 48.11 28.62 17.46
N GLN H 142 47.12 27.77 17.23
CA GLN H 142 47.37 26.35 17.05
C GLN H 142 48.23 26.12 15.81
N ALA H 143 48.01 26.94 14.78
CA ALA H 143 48.80 26.89 13.56
C ALA H 143 50.27 27.29 13.79
N ALA H 144 50.52 28.20 14.74
CA ALA H 144 51.90 28.58 15.13
C ALA H 144 52.53 27.60 16.14
N GLY H 145 51.78 26.60 16.57
CA GLY H 145 52.21 25.62 17.55
C GLY H 145 52.16 26.14 18.98
N ARG H 146 51.34 27.17 19.20
CA ARG H 146 51.32 27.83 20.50
C ARG H 146 50.35 27.13 21.42
N LYS H 147 50.64 27.14 22.73
CA LYS H 147 49.68 26.72 23.75
C LYS H 147 48.55 27.73 23.86
N VAL H 148 47.35 27.24 24.15
CA VAL H 148 46.18 28.09 24.44
C VAL H 148 45.49 27.56 25.68
N VAL H 149 45.24 28.45 26.63
CA VAL H 149 44.53 28.15 27.87
C VAL H 149 43.33 29.10 27.82
N VAL H 150 42.12 28.54 27.68
CA VAL H 150 40.92 29.38 27.51
C VAL H 150 40.42 29.70 28.92
N VAL H 151 40.31 30.99 29.22
CA VAL H 151 39.90 31.44 30.56
C VAL H 151 38.79 32.44 30.41
N THR H 152 37.62 32.13 30.98
CA THR H 152 36.51 33.06 30.92
C THR H 152 36.35 33.75 32.28
N ILE H 153 35.82 34.97 32.26
CA ILE H 153 35.82 35.83 33.46
C ILE H 153 34.41 36.34 33.67
N HIS H 154 33.85 36.01 34.84
CA HIS H 154 32.50 36.34 35.21
C HIS H 154 32.51 36.92 36.63
N SER H 155 31.56 37.81 36.91
CA SER H 155 31.22 38.13 38.30
C SER H 155 29.76 37.79 38.56
N PHE H 156 29.46 37.52 39.84
CA PHE H 156 28.10 37.18 40.26
C PHE H 156 27.66 38.03 41.47
N THR H 157 26.36 37.98 41.73
CA THR H 157 25.76 38.84 42.74
C THR H 157 26.06 38.29 44.16
N PRO H 158 26.32 39.19 45.13
CA PRO H 158 26.70 38.68 46.46
C PRO H 158 25.52 38.10 47.25
N VAL H 159 24.30 38.54 46.93
CA VAL H 159 23.10 38.04 47.60
C VAL H 159 22.13 37.52 46.54
N TYR H 160 21.57 36.34 46.81
CA TYR H 160 20.79 35.62 45.81
C TYR H 160 19.62 34.89 46.44
N HIS H 161 18.42 35.08 45.89
CA HIS H 161 17.21 34.44 46.38
C HIS H 161 17.07 34.62 47.90
N GLY H 162 17.31 35.86 48.34
CA GLY H 162 17.28 36.23 49.75
C GLY H 162 18.63 36.06 50.42
N ARG H 163 19.12 34.83 50.40
CA ARG H 163 20.33 34.45 51.12
C ARG H 163 21.60 35.05 50.50
N PHE H 164 22.58 35.32 51.35
CA PHE H 164 23.88 35.85 50.94
C PHE H 164 24.87 34.69 50.77
N ARG H 165 25.39 34.56 49.55
CA ARG H 165 26.35 33.53 49.25
C ARG H 165 27.74 33.84 49.65
N GLU H 166 28.38 32.79 50.11
CA GLU H 166 29.58 32.91 50.86
C GLU H 166 30.75 32.53 50.03
N VAL H 167 30.51 32.02 48.84
CA VAL H 167 31.60 31.81 47.89
C VAL H 167 32.11 33.15 47.49
N GLU H 168 33.40 33.23 47.35
CA GLU H 168 34.02 34.46 46.99
C GLU H 168 34.48 34.31 45.57
N ILE H 169 35.17 33.23 45.29
CA ILE H 169 35.70 32.93 43.96
C ILE H 169 35.31 31.52 43.57
N GLY H 170 34.56 31.41 42.47
CA GLY H 170 34.18 30.11 41.90
C GLY H 170 35.12 29.64 40.80
N ILE H 171 35.59 28.39 40.92
CA ILE H 171 36.39 27.74 39.87
C ILE H 171 35.47 26.77 39.13
N LEU H 172 35.06 27.16 37.91
CA LEU H 172 34.07 26.43 37.12
C LEU H 172 34.70 25.65 35.96
N HIS H 173 34.07 24.54 35.59
CA HIS H 173 34.61 23.66 34.55
C HIS H 173 33.56 22.69 34.04
N ASP H 174 33.82 22.17 32.84
CA ASP H 174 32.96 21.19 32.20
C ASP H 174 33.66 19.82 32.27
N ASN H 175 33.74 19.04 31.18
CA ASN H 175 34.24 17.67 31.27
C ASN H 175 35.76 17.58 31.44
N ASP H 176 36.45 18.74 31.34
CA ASP H 176 37.89 18.83 31.56
C ASP H 176 38.15 19.62 32.84
N SER H 177 38.63 18.94 33.89
CA SER H 177 38.82 19.55 35.21
C SER H 177 40.27 19.82 35.53
N ARG H 178 41.15 19.58 34.56
CA ARG H 178 42.58 19.59 34.81
C ARG H 178 43.06 20.92 35.45
N LEU H 179 42.74 22.04 34.78
CA LEU H 179 43.17 23.36 35.25
C LEU H 179 42.45 23.72 36.56
N ALA H 180 41.14 23.47 36.58
CA ALA H 180 40.32 23.66 37.77
C ALA H 180 40.87 22.93 38.99
N ASP H 181 41.20 21.65 38.83
CA ASP H 181 41.76 20.80 39.90
C ASP H 181 43.01 21.43 40.49
N ALA H 182 43.91 21.89 39.60
CA ALA H 182 45.18 22.48 39.97
C ALA H 182 44.99 23.79 40.72
N MET H 183 44.03 24.59 40.29
CA MET H 183 43.74 25.88 40.93
C MET H 183 43.09 25.67 42.29
N LEU H 184 42.19 24.70 42.38
CA LEU H 184 41.50 24.39 43.62
C LEU H 184 42.46 23.80 44.67
N ALA H 185 43.22 22.79 44.26
CA ALA H 185 44.28 22.29 45.11
C ALA H 185 45.10 23.47 45.64
N GLY H 186 45.54 24.33 44.74
CA GLY H 186 46.35 25.49 45.09
C GLY H 186 45.64 26.54 45.93
N ALA H 187 44.31 26.56 45.89
CA ALA H 187 43.51 27.50 46.68
C ALA H 187 43.25 27.04 48.13
N GLU H 188 43.75 25.86 48.48
CA GLU H 188 43.61 25.30 49.83
C GLU H 188 44.38 26.13 50.87
N GLY H 189 43.66 26.58 51.91
CA GLY H 189 44.21 27.47 52.93
C GLY H 189 44.48 28.88 52.44
N ALA H 190 43.67 29.36 51.50
CA ALA H 190 43.77 30.72 51.00
C ALA H 190 42.73 31.56 51.71
N SER H 191 43.04 32.83 51.97
CA SER H 191 42.11 33.69 52.70
C SER H 191 40.73 33.72 52.06
N LEU H 192 40.68 33.78 50.73
CA LEU H 192 39.40 33.82 50.00
C LEU H 192 38.72 32.44 49.98
N THR H 193 37.39 32.46 49.87
CA THR H 193 36.58 31.24 49.85
C THR H 193 36.41 30.70 48.42
N VAL H 194 37.34 29.82 48.01
CA VAL H 194 37.38 29.31 46.64
C VAL H 194 36.68 27.95 46.55
N ARG H 195 35.57 27.87 45.81
CA ARG H 195 34.80 26.61 45.69
C ARG H 195 34.59 26.15 44.24
N ARG H 196 34.60 24.82 44.05
CA ARG H 196 34.44 24.22 42.71
C ARG H 196 33.00 24.30 42.26
N ASN H 197 32.80 24.69 41.01
CA ASN H 197 31.46 24.79 40.40
C ASN H 197 30.41 25.42 41.34
N ASP H 198 30.81 26.53 41.93
CA ASP H 198 30.00 27.25 42.91
C ASP H 198 30.30 28.72 42.64
N PRO H 199 29.27 29.56 42.46
CA PRO H 199 27.82 29.39 42.59
C PRO H 199 27.14 28.71 41.42
N TYR H 200 27.85 28.53 40.31
CA TYR H 200 27.30 27.80 39.17
C TYR H 200 28.28 26.74 38.70
N GLY H 201 27.78 25.79 37.90
CA GLY H 201 28.60 24.76 37.30
C GLY H 201 28.07 24.33 35.94
N PRO H 202 28.61 23.23 35.38
CA PRO H 202 28.06 22.68 34.14
C PRO H 202 26.61 22.23 34.35
N GLU H 203 26.30 21.83 35.58
CA GLU H 203 24.93 21.56 36.02
C GLU H 203 24.12 22.85 36.31
N ASP H 204 24.56 24.00 35.76
CA ASP H 204 23.74 25.22 35.72
C ASP H 204 23.63 25.89 34.31
N GLY H 205 24.17 25.24 33.28
CA GLY H 205 24.10 25.77 31.90
C GLY H 205 25.07 26.91 31.52
N VAL H 206 26.10 27.10 32.33
CA VAL H 206 26.97 28.26 32.17
C VAL H 206 28.30 27.98 31.44
N THR H 207 28.50 26.76 30.91
CA THR H 207 29.83 26.42 30.32
C THR H 207 29.86 26.37 28.77
N HIS H 208 28.97 27.10 28.12
CA HIS H 208 28.81 27.07 26.68
C HIS H 208 30.09 27.49 25.97
N THR H 209 30.69 28.60 26.39
CA THR H 209 31.92 29.10 25.75
C THR H 209 33.06 28.07 25.89
N LEU H 210 33.13 27.37 27.02
CA LEU H 210 34.09 26.29 27.18
C LEU H 210 33.84 25.12 26.22
N ARG H 211 32.57 24.75 26.03
CA ARG H 211 32.18 23.68 25.11
C ARG H 211 32.46 24.02 23.65
N LEU H 212 32.25 25.28 23.27
CA LEU H 212 32.58 25.74 21.91
C LEU H 212 34.08 25.75 21.64
N HIS H 213 34.85 26.23 22.60
CA HIS H 213 36.24 26.66 22.29
C HIS H 213 37.37 25.88 22.94
N ALA H 214 37.15 25.33 24.12
CA ALA H 214 38.19 24.63 24.85
C ALA H 214 38.17 23.12 24.64
N LEU H 215 37.02 22.50 24.89
CA LEU H 215 36.91 21.04 24.85
C LEU H 215 37.26 20.41 23.50
N PRO H 216 36.75 20.95 22.39
CA PRO H 216 37.04 20.32 21.08
C PRO H 216 38.53 20.18 20.73
N ASP H 217 39.35 21.05 21.31
CA ASP H 217 40.79 21.07 21.00
C ASP H 217 41.69 20.59 22.13
N GLY H 218 41.08 20.04 23.18
CA GLY H 218 41.79 19.53 24.32
C GLY H 218 42.50 20.57 25.16
N LEU H 219 42.05 21.82 25.06
CA LEU H 219 42.77 22.92 25.68
C LEU H 219 42.49 22.98 27.15
N LEU H 220 43.51 23.29 27.94
CA LEU H 220 43.26 23.64 29.33
C LEU H 220 42.30 24.80 29.37
N ASN H 221 41.44 24.81 30.38
CA ASN H 221 40.39 25.80 30.44
C ASN H 221 39.77 25.88 31.81
N VAL H 222 39.24 27.06 32.11
CA VAL H 222 38.49 27.29 33.34
C VAL H 222 37.66 28.55 33.21
N MET H 223 36.55 28.59 33.94
CA MET H 223 35.66 29.74 33.99
C MET H 223 35.75 30.25 35.42
N ILE H 224 35.98 31.55 35.55
CA ILE H 224 36.19 32.16 36.86
C ILE H 224 34.98 33.01 37.22
N GLU H 225 34.41 32.73 38.39
CA GLU H 225 33.31 33.52 38.95
C GLU H 225 33.83 34.35 40.14
N ILE H 226 33.66 35.67 40.09
CA ILE H 226 34.09 36.57 41.17
C ILE H 226 32.86 37.21 41.81
N ARG H 227 32.72 37.09 43.14
CA ARG H 227 31.63 37.80 43.84
C ARG H 227 31.83 39.31 43.64
N ASN H 228 30.83 40.00 43.11
CA ASN H 228 31.09 41.37 42.57
C ASN H 228 31.44 42.46 43.60
N ASP H 229 31.11 42.23 44.87
CA ASP H 229 31.52 43.16 45.93
C ASP H 229 33.04 43.13 46.14
N LEU H 230 33.65 41.97 45.87
CA LEU H 230 35.10 41.84 46.01
C LEU H 230 35.90 42.59 44.94
N ILE H 231 35.21 43.16 43.96
CA ILE H 231 35.86 43.84 42.84
C ILE H 231 35.09 45.09 42.43
N ALA H 232 34.48 45.75 43.44
CA ALA H 232 33.65 46.93 43.21
C ALA H 232 34.44 48.22 42.93
N ASN H 233 35.73 48.24 43.30
CA ASN H 233 36.61 49.36 42.96
C ASN H 233 37.98 48.89 42.44
N GLU H 234 38.81 49.83 41.99
CA GLU H 234 40.11 49.54 41.36
C GLU H 234 41.11 48.81 42.23
N GLY H 235 41.09 49.12 43.53
CA GLY H 235 42.03 48.49 44.47
C GLY H 235 41.62 47.06 44.72
N GLU H 236 40.32 46.84 44.81
CA GLU H 236 39.75 45.52 44.97
C GLU H 236 39.96 44.67 43.71
N GLN H 237 39.85 45.31 42.55
CA GLN H 237 40.04 44.65 41.27
C GLN H 237 41.48 44.21 41.15
N ALA H 238 42.42 45.12 41.44
CA ALA H 238 43.84 44.79 41.41
C ALA H 238 44.23 43.69 42.40
N ALA H 239 43.55 43.63 43.55
CA ALA H 239 43.84 42.60 44.56
C ALA H 239 43.38 41.22 44.09
N ILE H 240 42.18 41.18 43.51
CA ILE H 240 41.62 39.94 42.98
C ILE H 240 42.39 39.50 41.72
N ALA H 241 42.82 40.46 40.90
CA ALA H 241 43.62 40.17 39.72
C ALA H 241 44.99 39.55 40.08
N GLY H 242 45.60 40.05 41.16
CA GLY H 242 46.84 39.47 41.66
C GLY H 242 46.66 38.09 42.26
N PHE H 243 45.58 37.90 43.01
CA PHE H 243 45.28 36.61 43.60
C PHE H 243 45.10 35.53 42.52
N LEU H 244 44.20 35.80 41.59
CA LEU H 244 43.93 34.91 40.46
C LEU H 244 45.18 34.64 39.62
N HIS H 245 45.97 35.67 39.40
CA HIS H 245 47.20 35.52 38.63
C HIS H 245 48.21 34.58 39.32
N GLU H 246 48.36 34.73 40.63
CA GLU H 246 49.24 33.82 41.36
C GLU H 246 48.64 32.43 41.40
N LEU H 247 47.33 32.34 41.66
CA LEU H 247 46.64 31.05 41.69
C LEU H 247 46.80 30.30 40.36
N MET H 248 46.41 30.96 39.26
CA MET H 248 46.38 30.33 37.94
C MET H 248 47.76 30.08 37.39
N GLY H 249 48.67 31.04 37.62
CA GLY H 249 50.08 30.88 37.28
C GLY H 249 50.75 29.66 37.92
N LYS H 250 50.54 29.45 39.22
CA LYS H 250 51.16 28.31 39.91
C LYS H 250 50.49 27.00 39.47
N ALA H 251 49.17 27.04 39.30
CA ALA H 251 48.43 25.89 38.77
C ALA H 251 48.98 25.45 37.40
N LEU H 252 49.11 26.39 36.46
CA LEU H 252 49.63 26.06 35.12
C LEU H 252 51.03 25.45 35.18
N SER H 253 51.89 26.00 36.05
CA SER H 253 53.22 25.44 36.29
C SER H 253 53.16 24.01 36.85
N SER H 254 52.26 23.75 37.79
CA SER H 254 52.17 22.43 38.41
C SER H 254 51.68 21.36 37.44
N ILE H 255 50.90 21.77 36.45
CA ILE H 255 50.35 20.91 35.40
C ILE H 255 51.35 20.57 34.30
N GLU H 256 52.36 21.40 34.11
CA GLU H 256 53.25 21.32 32.93
C GLU H 256 53.77 19.92 32.65
#